data_1G63
#
_entry.id   1G63
#
_cell.length_a   164.680
_cell.length_b   110.030
_cell.length_c   152.870
_cell.angle_alpha   90.00
_cell.angle_beta   90.35
_cell.angle_gamma   90.00
#
_symmetry.space_group_name_H-M   'C 1 2 1'
#
loop_
_entity.id
_entity.type
_entity.pdbx_description
1 polymer 'EPIDERMIN MODIFYING ENZYME EPID'
2 non-polymer 'FLAVIN MONONUCLEOTIDE'
3 water water
#
_entity_poly.entity_id   1
_entity_poly.type   'polypeptide(L)'
_entity_poly.pdbx_seq_one_letter_code
;MYGKLLICATASINVININHYIVELKQHFDEVNILFSPSSKNFINTDVLKLFCDNLYDEIKDPLLNHINIVENHEYILVL
PASANTINKIANGICDNLLTTVCLTGYQKLFIFPNMNIRMWGNPFLQKNIDLLKNNDVKVYSPDMNKSFEISSGRYKNNI
TMPNIENVLNFVLNNEKRPLD
;
_entity_poly.pdbx_strand_id   A,B,C,D,E,F,G,H,I,J,K,L
#
# COMPACT_ATOMS: atom_id res chain seq x y z
N MET A 1 -45.70 10.08 -15.97
CA MET A 1 -44.78 9.45 -14.99
C MET A 1 -45.11 9.92 -13.56
N TYR A 2 -44.85 9.06 -12.58
CA TYR A 2 -45.21 9.36 -11.20
C TYR A 2 -44.25 10.12 -10.28
N GLY A 3 -43.03 10.38 -10.73
CA GLY A 3 -42.11 11.09 -9.86
C GLY A 3 -40.88 10.27 -9.54
N LYS A 4 -39.90 10.89 -8.92
CA LYS A 4 -38.64 10.24 -8.58
C LYS A 4 -38.75 9.04 -7.63
N LEU A 5 -38.10 7.96 -8.04
CA LEU A 5 -38.09 6.71 -7.28
C LEU A 5 -36.66 6.27 -6.96
N LEU A 6 -36.46 5.87 -5.71
CA LEU A 6 -35.15 5.41 -5.25
C LEU A 6 -35.18 3.92 -4.93
N ILE A 7 -34.20 3.19 -5.46
CA ILE A 7 -34.07 1.77 -5.18
C ILE A 7 -32.95 1.56 -4.19
N CYS A 8 -33.25 0.90 -3.08
CA CYS A 8 -32.25 0.59 -2.08
C CYS A 8 -32.01 -0.90 -2.22
N ALA A 9 -30.89 -1.26 -2.81
CA ALA A 9 -30.53 -2.66 -3.04
C ALA A 9 -29.63 -3.24 -1.95
N THR A 10 -29.96 -4.45 -1.51
CA THR A 10 -29.20 -5.12 -0.47
C THR A 10 -28.55 -6.40 -0.98
N ALA A 11 -27.67 -6.97 -0.15
CA ALA A 11 -26.91 -8.17 -0.48
C ALA A 11 -27.69 -9.48 -0.68
N SER A 12 -28.64 -9.44 -1.60
CA SER A 12 -29.44 -10.60 -1.95
C SER A 12 -28.85 -11.06 -3.27
N ILE A 13 -28.83 -12.37 -3.48
CA ILE A 13 -28.28 -12.92 -4.72
C ILE A 13 -28.91 -12.28 -5.97
N ASN A 14 -30.18 -11.92 -5.86
CA ASN A 14 -30.86 -11.29 -7.00
C ASN A 14 -30.48 -9.85 -7.29
N VAL A 15 -29.59 -9.28 -6.51
CA VAL A 15 -29.17 -7.92 -6.76
C VAL A 15 -28.40 -7.90 -8.10
N ILE A 16 -27.97 -9.08 -8.54
CA ILE A 16 -27.22 -9.16 -9.80
C ILE A 16 -28.12 -8.91 -11.00
N ASN A 17 -29.42 -8.91 -10.77
CA ASN A 17 -30.39 -8.67 -11.84
C ASN A 17 -31.12 -7.36 -11.65
N ILE A 18 -30.63 -6.53 -10.72
CA ILE A 18 -31.28 -5.25 -10.46
C ILE A 18 -31.35 -4.32 -11.67
N ASN A 19 -30.41 -4.46 -12.60
CA ASN A 19 -30.37 -3.61 -13.79
C ASN A 19 -31.65 -3.77 -14.62
N HIS A 20 -32.24 -4.95 -14.60
CA HIS A 20 -33.46 -5.20 -15.36
C HIS A 20 -34.62 -4.36 -14.82
N TYR A 21 -34.72 -4.25 -13.52
CA TYR A 21 -35.78 -3.48 -12.91
C TYR A 21 -35.63 -2.00 -13.25
N ILE A 22 -34.39 -1.51 -13.23
CA ILE A 22 -34.11 -0.11 -13.51
C ILE A 22 -34.65 0.36 -14.86
N VAL A 23 -34.18 -0.27 -15.93
CA VAL A 23 -34.61 0.11 -17.27
C VAL A 23 -36.13 0.04 -17.40
N GLU A 24 -36.73 -0.95 -16.76
CA GLU A 24 -38.16 -1.14 -16.79
C GLU A 24 -38.88 -0.01 -16.07
N LEU A 25 -38.43 0.29 -14.86
CA LEU A 25 -39.02 1.34 -14.04
C LEU A 25 -38.79 2.75 -14.59
N LYS A 26 -37.73 2.91 -15.39
CA LYS A 26 -37.42 4.21 -15.97
C LYS A 26 -38.54 4.71 -16.88
N GLN A 27 -39.44 3.81 -17.24
CA GLN A 27 -40.54 4.16 -18.11
C GLN A 27 -41.78 4.68 -17.38
N HIS A 28 -41.84 4.47 -16.06
CA HIS A 28 -42.99 4.92 -15.29
C HIS A 28 -42.68 6.04 -14.30
N PHE A 29 -41.42 6.21 -13.96
CA PHE A 29 -41.05 7.26 -13.00
C PHE A 29 -40.07 8.26 -13.60
N ASP A 30 -40.30 9.54 -13.29
CA ASP A 30 -39.46 10.64 -13.79
C ASP A 30 -37.98 10.29 -13.71
N GLU A 31 -37.59 9.75 -12.57
CA GLU A 31 -36.22 9.34 -12.32
C GLU A 31 -36.23 8.06 -11.49
N VAL A 32 -35.19 7.26 -11.67
CA VAL A 32 -35.02 6.05 -10.89
C VAL A 32 -33.54 6.02 -10.53
N ASN A 33 -33.28 6.31 -9.26
CA ASN A 33 -31.92 6.34 -8.73
C ASN A 33 -31.68 5.11 -7.86
N ILE A 34 -30.42 4.85 -7.54
CA ILE A 34 -30.11 3.67 -6.74
C ILE A 34 -29.06 3.89 -5.66
N LEU A 35 -29.17 3.12 -4.59
CA LEU A 35 -28.28 3.19 -3.44
C LEU A 35 -28.06 1.74 -2.99
N PHE A 36 -26.81 1.32 -2.81
CA PHE A 36 -26.51 -0.05 -2.40
C PHE A 36 -26.02 -0.20 -0.97
N SER A 37 -26.17 -1.40 -0.42
CA SER A 37 -25.69 -1.67 0.91
C SER A 37 -24.22 -2.07 0.73
N PRO A 38 -23.36 -1.80 1.72
CA PRO A 38 -21.95 -2.16 1.57
C PRO A 38 -21.73 -3.61 1.08
N SER A 39 -22.45 -4.55 1.67
CA SER A 39 -22.30 -5.95 1.31
C SER A 39 -22.71 -6.31 -0.10
N SER A 40 -23.66 -5.58 -0.66
CA SER A 40 -24.11 -5.89 -2.01
C SER A 40 -23.02 -5.64 -3.04
N LYS A 41 -22.00 -4.89 -2.65
CA LYS A 41 -20.89 -4.58 -3.56
C LYS A 41 -20.02 -5.81 -3.80
N ASN A 42 -20.26 -6.89 -3.06
CA ASN A 42 -19.50 -8.12 -3.22
C ASN A 42 -20.16 -8.99 -4.29
N PHE A 43 -21.31 -8.55 -4.78
CA PHE A 43 -22.04 -9.32 -5.78
C PHE A 43 -21.97 -8.69 -7.17
N ILE A 44 -21.85 -7.38 -7.23
CA ILE A 44 -21.79 -6.73 -8.52
C ILE A 44 -20.91 -5.50 -8.50
N ASN A 45 -20.62 -4.99 -9.70
CA ASN A 45 -19.84 -3.78 -9.83
C ASN A 45 -20.92 -2.71 -9.88
N THR A 46 -21.14 -2.01 -8.77
CA THR A 46 -22.17 -0.99 -8.69
C THR A 46 -22.03 0.18 -9.64
N ASP A 47 -20.80 0.49 -10.07
CA ASP A 47 -20.60 1.60 -10.98
C ASP A 47 -21.29 1.42 -12.32
N VAL A 48 -21.51 0.17 -12.70
CA VAL A 48 -22.19 -0.13 -13.96
C VAL A 48 -23.60 0.43 -13.97
N LEU A 49 -24.25 0.43 -12.81
CA LEU A 49 -25.60 0.94 -12.70
C LEU A 49 -25.70 2.42 -13.11
N LYS A 50 -24.57 3.10 -13.16
CA LYS A 50 -24.56 4.50 -13.55
C LYS A 50 -25.02 4.61 -15.00
N LEU A 51 -24.92 3.50 -15.73
CA LEU A 51 -25.31 3.48 -17.12
C LEU A 51 -26.82 3.33 -17.33
N PHE A 52 -27.54 2.94 -16.29
CA PHE A 52 -28.98 2.76 -16.40
C PHE A 52 -29.74 3.72 -15.51
N CYS A 53 -29.17 4.03 -14.35
CA CYS A 53 -29.83 4.92 -13.41
C CYS A 53 -29.52 6.38 -13.66
N ASP A 54 -30.41 7.24 -13.18
CA ASP A 54 -30.22 8.68 -13.32
C ASP A 54 -29.12 9.10 -12.37
N ASN A 55 -29.11 8.54 -11.17
CA ASN A 55 -28.11 8.86 -10.17
C ASN A 55 -27.78 7.67 -9.27
N LEU A 56 -26.51 7.57 -8.92
CA LEU A 56 -26.05 6.51 -8.02
C LEU A 56 -25.50 7.16 -6.76
N TYR A 57 -26.05 6.82 -5.60
CA TYR A 57 -25.57 7.38 -4.36
C TYR A 57 -24.53 6.43 -3.80
N ASP A 58 -23.29 6.88 -3.74
CA ASP A 58 -22.17 6.08 -3.24
C ASP A 58 -21.58 6.71 -1.99
N GLU A 59 -21.79 6.07 -0.84
CA GLU A 59 -21.29 6.58 0.43
C GLU A 59 -19.76 6.46 0.61
N ILE A 60 -19.12 5.66 -0.23
CA ILE A 60 -17.67 5.53 -0.14
C ILE A 60 -17.05 6.69 -0.88
N LYS A 61 -17.59 7.00 -2.05
CA LYS A 61 -17.10 8.11 -2.85
C LYS A 61 -17.37 9.40 -2.12
N ASP A 62 -18.51 9.45 -1.44
CA ASP A 62 -18.88 10.64 -0.67
C ASP A 62 -19.49 10.25 0.68
N PRO A 63 -18.66 10.19 1.73
CA PRO A 63 -19.06 9.84 3.10
C PRO A 63 -20.01 10.80 3.79
N LEU A 64 -20.16 12.00 3.24
CA LEU A 64 -21.03 13.00 3.86
C LEU A 64 -22.30 13.30 3.06
N LEU A 65 -22.83 12.29 2.38
CA LEU A 65 -24.05 12.43 1.59
C LEU A 65 -25.21 12.79 2.51
N ASN A 66 -26.04 13.74 2.09
CA ASN A 66 -27.18 14.17 2.90
C ASN A 66 -28.40 13.26 2.74
N HIS A 67 -28.58 12.34 3.68
CA HIS A 67 -29.70 11.40 3.63
C HIS A 67 -31.08 12.06 3.69
N ILE A 68 -31.17 13.21 4.33
CA ILE A 68 -32.43 13.93 4.43
C ILE A 68 -32.85 14.43 3.05
N ASN A 69 -31.90 14.99 2.31
CA ASN A 69 -32.17 15.49 0.97
C ASN A 69 -32.52 14.33 0.04
N ILE A 70 -31.83 13.21 0.23
CA ILE A 70 -32.08 12.04 -0.59
C ILE A 70 -33.55 11.63 -0.43
N VAL A 71 -34.03 11.62 0.81
CA VAL A 71 -35.40 11.25 1.10
C VAL A 71 -36.42 12.26 0.54
N GLU A 72 -36.13 13.55 0.69
CA GLU A 72 -37.04 14.58 0.20
C GLU A 72 -37.08 14.60 -1.32
N ASN A 73 -36.00 14.15 -1.95
CA ASN A 73 -35.90 14.12 -3.40
C ASN A 73 -36.67 12.98 -4.07
N HIS A 74 -37.25 12.08 -3.26
CA HIS A 74 -38.00 10.97 -3.83
C HIS A 74 -39.41 10.81 -3.28
N GLU A 75 -40.30 10.32 -4.13
CA GLU A 75 -41.69 10.10 -3.73
C GLU A 75 -41.87 8.64 -3.30
N TYR A 76 -41.03 7.77 -3.86
CA TYR A 76 -41.09 6.35 -3.55
C TYR A 76 -39.69 5.81 -3.24
N ILE A 77 -39.60 4.99 -2.22
CA ILE A 77 -38.32 4.38 -1.84
C ILE A 77 -38.56 2.89 -1.71
N LEU A 78 -37.94 2.12 -2.60
CA LEU A 78 -38.08 0.68 -2.59
C LEU A 78 -36.81 0.02 -2.11
N VAL A 79 -36.95 -1.02 -1.28
CA VAL A 79 -35.79 -1.77 -0.86
C VAL A 79 -36.00 -3.04 -1.66
N LEU A 80 -35.26 -3.13 -2.75
CA LEU A 80 -35.36 -4.23 -3.71
C LEU A 80 -34.00 -4.61 -4.29
N PRO A 81 -33.52 -5.84 -4.03
CA PRO A 81 -34.18 -6.87 -3.21
C PRO A 81 -33.94 -6.50 -1.75
N ALA A 82 -34.80 -6.98 -0.87
CA ALA A 82 -34.67 -6.68 0.55
C ALA A 82 -34.23 -7.93 1.32
N SER A 83 -33.05 -7.86 1.93
CA SER A 83 -32.50 -8.98 2.70
C SER A 83 -33.14 -9.08 4.07
N ALA A 84 -33.06 -10.26 4.67
CA ALA A 84 -33.61 -10.47 6.00
C ALA A 84 -32.90 -9.49 6.95
N ASN A 85 -31.60 -9.37 6.78
CA ASN A 85 -30.79 -8.47 7.60
C ASN A 85 -31.26 -7.01 7.61
N THR A 86 -31.46 -6.44 6.42
CA THR A 86 -31.90 -5.05 6.35
C THR A 86 -33.34 -4.87 6.85
N ILE A 87 -34.18 -5.85 6.55
CA ILE A 87 -35.57 -5.79 7.01
C ILE A 87 -35.54 -5.71 8.53
N ASN A 88 -34.79 -6.60 9.17
CA ASN A 88 -34.70 -6.62 10.62
C ASN A 88 -34.06 -5.36 11.22
N LYS A 89 -33.10 -4.77 10.51
CA LYS A 89 -32.47 -3.54 10.98
C LYS A 89 -33.50 -2.39 10.93
N ILE A 90 -34.21 -2.29 9.82
CA ILE A 90 -35.19 -1.23 9.66
C ILE A 90 -36.25 -1.35 10.75
N ALA A 91 -36.72 -2.57 10.97
CA ALA A 91 -37.73 -2.81 11.99
C ALA A 91 -37.27 -2.37 13.38
N ASN A 92 -35.97 -2.47 13.65
CA ASN A 92 -35.45 -2.05 14.95
C ASN A 92 -34.84 -0.64 14.95
N GLY A 93 -34.99 0.08 13.84
CA GLY A 93 -34.45 1.43 13.75
C GLY A 93 -32.94 1.51 13.66
N ILE A 94 -32.30 0.39 13.33
CA ILE A 94 -30.86 0.38 13.21
C ILE A 94 -30.47 0.95 11.86
N CYS A 95 -29.68 2.01 11.88
CA CYS A 95 -29.24 2.67 10.65
C CYS A 95 -27.73 2.90 10.68
N ASP A 96 -26.97 1.83 10.48
CA ASP A 96 -25.51 1.90 10.50
C ASP A 96 -24.80 2.04 9.16
N ASN A 97 -25.56 2.30 8.10
CA ASN A 97 -25.00 2.55 6.79
C ASN A 97 -25.96 3.52 6.10
N LEU A 98 -25.56 4.10 4.97
CA LEU A 98 -26.40 5.07 4.28
C LEU A 98 -27.79 4.56 3.88
N LEU A 99 -27.84 3.39 3.24
CA LEU A 99 -29.11 2.82 2.81
C LEU A 99 -30.08 2.71 3.96
N THR A 100 -29.59 2.10 5.03
CA THR A 100 -30.39 1.86 6.20
C THR A 100 -30.77 3.17 6.92
N THR A 101 -29.93 4.20 6.81
CA THR A 101 -30.22 5.51 7.41
C THR A 101 -31.30 6.20 6.58
N VAL A 102 -31.25 5.99 5.27
CA VAL A 102 -32.24 6.56 4.37
C VAL A 102 -33.61 5.91 4.64
N CYS A 103 -33.61 4.62 4.92
CA CYS A 103 -34.87 3.92 5.20
C CYS A 103 -35.51 4.35 6.53
N LEU A 104 -34.70 4.74 7.50
CA LEU A 104 -35.26 5.18 8.79
C LEU A 104 -35.95 6.52 8.57
N THR A 105 -35.23 7.43 7.92
CA THR A 105 -35.74 8.76 7.64
C THR A 105 -36.99 8.75 6.77
N GLY A 106 -37.02 7.87 5.77
CA GLY A 106 -38.18 7.83 4.87
C GLY A 106 -39.14 6.66 5.05
N TYR A 107 -39.39 6.24 6.30
CA TYR A 107 -40.30 5.13 6.55
C TYR A 107 -41.68 5.32 5.93
N GLN A 108 -42.11 6.57 5.77
CA GLN A 108 -43.43 6.85 5.21
C GLN A 108 -43.54 6.61 3.70
N LYS A 109 -42.42 6.59 3.00
CA LYS A 109 -42.40 6.35 1.54
C LYS A 109 -41.77 5.01 1.21
N LEU A 110 -41.61 4.17 2.22
CA LEU A 110 -40.95 2.90 2.06
C LEU A 110 -41.78 1.70 1.57
N PHE A 111 -41.21 0.96 0.62
CA PHE A 111 -41.83 -0.25 0.08
C PHE A 111 -40.78 -1.36 0.10
N ILE A 112 -41.03 -2.41 0.86
CA ILE A 112 -40.09 -3.52 1.00
C ILE A 112 -40.44 -4.77 0.23
N PHE A 113 -39.50 -5.27 -0.56
CA PHE A 113 -39.69 -6.49 -1.33
C PHE A 113 -38.72 -7.57 -0.87
N PRO A 114 -39.12 -8.36 0.13
CA PRO A 114 -38.28 -9.44 0.67
C PRO A 114 -37.81 -10.47 -0.35
N ASN A 115 -36.57 -10.90 -0.21
CA ASN A 115 -36.00 -11.92 -1.08
C ASN A 115 -34.95 -12.67 -0.28
N MET A 116 -35.16 -13.97 -0.12
CA MET A 116 -34.26 -14.83 0.62
C MET A 116 -34.72 -16.27 0.44
N ASN A 117 -33.89 -17.21 0.89
CA ASN A 117 -34.23 -18.61 0.79
C ASN A 117 -35.42 -18.86 1.70
N ILE A 118 -36.27 -19.80 1.33
CA ILE A 118 -37.46 -20.11 2.10
C ILE A 118 -37.22 -20.40 3.58
N ARG A 119 -36.11 -21.06 3.89
CA ARG A 119 -35.80 -21.36 5.28
C ARG A 119 -35.54 -20.11 6.14
N MET A 120 -34.92 -19.10 5.54
CA MET A 120 -34.65 -17.85 6.27
C MET A 120 -35.97 -17.14 6.51
N TRP A 121 -36.88 -17.26 5.55
CA TRP A 121 -38.20 -16.64 5.62
C TRP A 121 -39.00 -17.11 6.82
N GLY A 122 -38.74 -18.34 7.27
CA GLY A 122 -39.45 -18.91 8.40
C GLY A 122 -38.95 -18.49 9.77
N ASN A 123 -37.89 -17.69 9.81
CA ASN A 123 -37.35 -17.24 11.09
C ASN A 123 -38.38 -16.43 11.89
N PRO A 124 -38.59 -16.81 13.15
CA PRO A 124 -39.54 -16.18 14.08
C PRO A 124 -39.27 -14.69 14.31
N PHE A 125 -38.00 -14.36 14.47
CA PHE A 125 -37.60 -12.99 14.72
C PHE A 125 -37.80 -12.11 13.50
N LEU A 126 -37.57 -12.66 12.31
CA LEU A 126 -37.77 -11.92 11.08
C LEU A 126 -39.26 -11.63 10.96
N GLN A 127 -40.07 -12.68 11.07
CA GLN A 127 -41.52 -12.55 10.96
C GLN A 127 -42.13 -11.58 11.97
N LYS A 128 -41.62 -11.60 13.19
CA LYS A 128 -42.11 -10.71 14.22
C LYS A 128 -41.82 -9.27 13.81
N ASN A 129 -40.67 -9.06 13.17
CA ASN A 129 -40.27 -7.73 12.69
C ASN A 129 -41.11 -7.30 11.48
N ILE A 130 -41.46 -8.25 10.63
CA ILE A 130 -42.28 -7.95 9.47
C ILE A 130 -43.66 -7.48 9.91
N ASP A 131 -44.18 -8.09 10.96
CA ASP A 131 -45.48 -7.70 11.51
C ASP A 131 -45.34 -6.31 12.06
N LEU A 132 -44.27 -6.07 12.79
CA LEU A 132 -44.02 -4.77 13.38
C LEU A 132 -43.99 -3.69 12.31
N LEU A 133 -43.33 -3.98 11.20
CA LEU A 133 -43.24 -3.01 10.10
C LEU A 133 -44.60 -2.69 9.50
N LYS A 134 -45.38 -3.74 9.24
CA LYS A 134 -46.70 -3.58 8.66
C LYS A 134 -47.67 -2.80 9.56
N ASN A 135 -47.64 -3.11 10.85
CA ASN A 135 -48.48 -2.43 11.81
C ASN A 135 -48.02 -0.99 12.06
N ASN A 136 -47.04 -0.53 11.29
CA ASN A 136 -46.53 0.82 11.46
C ASN A 136 -46.43 1.59 10.15
N ASP A 137 -47.29 1.21 9.20
CA ASP A 137 -47.35 1.88 7.90
C ASP A 137 -46.23 1.66 6.91
N VAL A 138 -45.43 0.62 7.12
CA VAL A 138 -44.36 0.35 6.17
C VAL A 138 -44.89 -0.76 5.27
N LYS A 139 -44.96 -0.48 3.98
CA LYS A 139 -45.46 -1.47 3.04
C LYS A 139 -44.48 -2.60 2.79
N VAL A 140 -44.88 -3.80 3.17
CA VAL A 140 -44.05 -4.97 3.00
C VAL A 140 -44.80 -5.92 2.09
N TYR A 141 -44.26 -6.08 0.89
CA TYR A 141 -44.86 -6.95 -0.07
C TYR A 141 -44.80 -8.33 0.56
N SER A 142 -45.82 -9.13 0.29
CA SER A 142 -45.85 -10.48 0.83
C SER A 142 -45.39 -11.36 -0.32
N PRO A 143 -44.17 -11.90 -0.21
CA PRO A 143 -43.56 -12.76 -1.22
C PRO A 143 -44.44 -13.97 -1.56
N ASP A 144 -44.25 -14.49 -2.77
CA ASP A 144 -45.00 -15.67 -3.19
C ASP A 144 -44.16 -16.94 -2.97
N MET A 145 -44.80 -18.01 -2.50
CA MET A 145 -44.12 -19.29 -2.27
C MET A 145 -44.47 -20.30 -3.37
N ASN A 146 -43.47 -20.76 -4.13
CA ASN A 146 -43.73 -21.72 -5.19
C ASN A 146 -42.90 -23.01 -5.17
N LYS A 147 -42.12 -23.26 -6.21
CA LYS A 147 -41.31 -24.48 -6.28
C LYS A 147 -40.43 -24.56 -7.53
N ASN A 158 -40.21 -25.93 -2.82
CA ASN A 158 -41.06 -24.80 -2.31
C ASN A 158 -40.20 -23.70 -1.69
N ASN A 159 -40.33 -22.49 -2.21
CA ASN A 159 -39.54 -21.37 -1.69
C ASN A 159 -39.93 -20.01 -2.25
N ILE A 160 -39.48 -18.95 -1.58
CA ILE A 160 -39.77 -17.56 -1.96
C ILE A 160 -39.24 -17.20 -3.35
N THR A 161 -40.07 -16.49 -4.11
CA THR A 161 -39.66 -16.05 -5.44
C THR A 161 -39.59 -14.53 -5.50
N MET A 162 -38.66 -14.04 -6.29
CA MET A 162 -38.47 -12.60 -6.44
C MET A 162 -39.67 -11.94 -7.11
N PRO A 163 -40.18 -10.85 -6.52
CA PRO A 163 -41.31 -10.12 -7.07
C PRO A 163 -41.10 -9.66 -8.52
N ASN A 164 -42.09 -9.94 -9.35
CA ASN A 164 -42.09 -9.58 -10.77
C ASN A 164 -42.15 -8.06 -10.94
N ILE A 165 -41.70 -7.57 -12.09
CA ILE A 165 -41.75 -6.13 -12.35
C ILE A 165 -43.20 -5.64 -12.28
N GLU A 166 -44.12 -6.47 -12.78
CA GLU A 166 -45.54 -6.12 -12.75
C GLU A 166 -45.97 -6.02 -11.29
N ASN A 167 -45.54 -6.98 -10.48
CA ASN A 167 -45.86 -7.00 -9.06
C ASN A 167 -45.36 -5.72 -8.37
N VAL A 168 -44.10 -5.35 -8.58
CA VAL A 168 -43.59 -4.15 -7.91
C VAL A 168 -44.36 -2.92 -8.37
N LEU A 169 -44.64 -2.82 -9.67
CA LEU A 169 -45.40 -1.68 -10.20
C LEU A 169 -46.77 -1.58 -9.53
N ASN A 170 -47.50 -2.68 -9.54
CA ASN A 170 -48.82 -2.71 -8.92
C ASN A 170 -48.79 -2.34 -7.42
N PHE A 171 -47.81 -2.89 -6.70
CA PHE A 171 -47.68 -2.64 -5.27
C PHE A 171 -47.29 -1.19 -4.98
N VAL A 172 -46.29 -0.69 -5.67
CA VAL A 172 -45.83 0.67 -5.47
C VAL A 172 -46.89 1.70 -5.89
N LEU A 173 -47.55 1.43 -7.02
CA LEU A 173 -48.54 2.36 -7.54
C LEU A 173 -49.98 2.17 -7.04
N ASN A 174 -50.18 1.17 -6.18
CA ASN A 174 -51.51 0.93 -5.63
C ASN A 174 -51.77 2.03 -4.61
N MET B 1 -20.71 -41.58 17.16
CA MET B 1 -20.66 -40.09 17.09
C MET B 1 -22.00 -39.55 16.61
N TYR B 2 -22.36 -38.34 17.03
CA TYR B 2 -23.65 -37.75 16.69
C TYR B 2 -23.85 -36.96 15.41
N GLY B 3 -22.79 -36.70 14.66
CA GLY B 3 -22.97 -35.93 13.44
C GLY B 3 -22.25 -34.61 13.48
N LYS B 4 -22.18 -33.94 12.32
CA LYS B 4 -21.48 -32.67 12.20
C LYS B 4 -21.94 -31.54 13.11
N LEU B 5 -20.98 -30.92 13.78
CA LEU B 5 -21.23 -29.82 14.69
C LEU B 5 -20.44 -28.57 14.30
N LEU B 6 -21.13 -27.42 14.31
CA LEU B 6 -20.50 -26.16 13.95
C LEU B 6 -20.39 -25.24 15.16
N ILE B 7 -19.21 -24.67 15.37
CA ILE B 7 -19.00 -23.75 16.48
C ILE B 7 -18.94 -22.35 15.90
N CYS B 8 -19.78 -21.46 16.42
CA CYS B 8 -19.77 -20.07 15.99
C CYS B 8 -19.17 -19.31 17.17
N ALA B 9 -17.91 -18.91 17.03
CA ALA B 9 -17.19 -18.20 18.07
C ALA B 9 -17.25 -16.67 17.91
N THR B 10 -17.51 -15.99 19.02
CA THR B 10 -17.60 -14.53 19.01
C THR B 10 -16.51 -13.89 19.86
N ALA B 11 -16.41 -12.56 19.76
CA ALA B 11 -15.40 -11.78 20.46
C ALA B 11 -15.48 -11.74 21.97
N SER B 12 -15.43 -12.91 22.58
CA SER B 12 -15.42 -13.03 24.04
C SER B 12 -13.97 -13.35 24.38
N ILE B 13 -13.49 -12.85 25.50
CA ILE B 13 -12.11 -13.10 25.91
C ILE B 13 -11.79 -14.59 25.89
N ASN B 14 -12.76 -15.44 26.21
CA ASN B 14 -12.52 -16.87 26.24
C ASN B 14 -12.40 -17.55 24.89
N VAL B 15 -12.51 -16.79 23.82
CA VAL B 15 -12.38 -17.37 22.49
C VAL B 15 -10.92 -17.84 22.33
N ILE B 16 -10.04 -17.31 23.16
CA ILE B 16 -8.62 -17.69 23.10
C ILE B 16 -8.41 -19.14 23.56
N ASN B 17 -9.42 -19.72 24.18
CA ASN B 17 -9.35 -21.10 24.66
C ASN B 17 -10.26 -22.03 23.87
N ILE B 18 -10.81 -21.55 22.77
CA ILE B 18 -11.72 -22.34 21.95
C ILE B 18 -11.09 -23.64 21.42
N ASN B 19 -9.78 -23.64 21.22
CA ASN B 19 -9.11 -24.82 20.72
C ASN B 19 -9.31 -26.02 21.63
N HIS B 20 -9.42 -25.79 22.93
CA HIS B 20 -9.62 -26.87 23.89
C HIS B 20 -10.94 -27.57 23.67
N TYR B 21 -11.98 -26.81 23.38
CA TYR B 21 -13.30 -27.39 23.16
C TYR B 21 -13.30 -28.23 21.89
N ILE B 22 -12.60 -27.74 20.86
CA ILE B 22 -12.55 -28.44 19.59
C ILE B 22 -12.04 -29.86 19.69
N VAL B 23 -10.82 -30.01 20.18
CA VAL B 23 -10.22 -31.34 20.30
C VAL B 23 -11.09 -32.27 21.16
N GLU B 24 -11.72 -31.70 22.19
CA GLU B 24 -12.59 -32.47 23.07
C GLU B 24 -13.84 -32.93 22.34
N LEU B 25 -14.50 -32.00 21.65
CA LEU B 25 -15.73 -32.31 20.91
C LEU B 25 -15.50 -33.20 19.70
N LYS B 26 -14.27 -33.21 19.18
CA LYS B 26 -13.95 -34.03 18.02
C LYS B 26 -14.15 -35.51 18.31
N GLN B 27 -14.26 -35.84 19.60
CA GLN B 27 -14.44 -37.22 20.01
C GLN B 27 -15.88 -37.67 20.06
N HIS B 28 -16.82 -36.74 20.03
CA HIS B 28 -18.23 -37.10 20.09
C HIS B 28 -19.01 -36.80 18.81
N PHE B 29 -18.46 -35.93 17.96
CA PHE B 29 -19.15 -35.58 16.72
C PHE B 29 -18.32 -35.88 15.48
N ASP B 30 -18.97 -36.44 14.46
CA ASP B 30 -18.32 -36.81 13.20
C ASP B 30 -17.34 -35.75 12.74
N GLU B 31 -17.78 -34.51 12.80
CA GLU B 31 -16.98 -33.36 12.42
C GLU B 31 -17.29 -32.21 13.35
N VAL B 32 -16.31 -31.34 13.55
CA VAL B 32 -16.47 -30.16 14.36
C VAL B 32 -15.77 -29.06 13.58
N ASN B 33 -16.57 -28.20 12.98
CA ASN B 33 -16.07 -27.09 12.16
C ASN B 33 -16.25 -25.79 12.93
N ILE B 34 -15.61 -24.72 12.45
CA ILE B 34 -15.71 -23.46 13.15
C ILE B 34 -15.86 -22.23 12.24
N LEU B 35 -16.54 -21.22 12.77
CA LEU B 35 -16.80 -19.97 12.07
C LEU B 35 -16.66 -18.84 13.10
N PHE B 36 -15.87 -17.81 12.78
CA PHE B 36 -15.65 -16.71 13.73
C PHE B 36 -16.33 -15.39 13.34
N SER B 37 -16.56 -14.55 14.33
CA SER B 37 -17.14 -13.24 14.09
C SER B 37 -15.94 -12.35 13.74
N PRO B 38 -16.14 -11.34 12.90
CA PRO B 38 -15.03 -10.45 12.52
C PRO B 38 -14.21 -9.95 13.71
N SER B 39 -14.89 -9.52 14.77
CA SER B 39 -14.20 -9.01 15.94
C SER B 39 -13.37 -10.02 16.71
N SER B 40 -13.75 -11.29 16.67
CA SER B 40 -13.00 -12.29 17.40
C SER B 40 -11.59 -12.46 16.83
N LYS B 41 -11.38 -11.99 15.61
CA LYS B 41 -10.08 -12.09 14.96
C LYS B 41 -9.04 -11.17 15.58
N ASN B 42 -9.48 -10.32 16.49
CA ASN B 42 -8.57 -9.40 17.19
C ASN B 42 -8.05 -10.08 18.45
N PHE B 43 -8.55 -11.28 18.74
CA PHE B 43 -8.13 -11.99 19.94
C PHE B 43 -7.22 -13.17 19.64
N ILE B 44 -7.39 -13.76 18.47
CA ILE B 44 -6.58 -14.91 18.12
C ILE B 44 -6.31 -14.97 16.63
N ASN B 45 -5.39 -15.85 16.26
CA ASN B 45 -5.06 -16.07 14.86
C ASN B 45 -5.97 -17.25 14.51
N THR B 46 -7.08 -16.96 13.84
CA THR B 46 -8.06 -17.98 13.49
C THR B 46 -7.53 -19.10 12.59
N ASP B 47 -6.50 -18.83 11.79
CA ASP B 47 -5.97 -19.87 10.90
C ASP B 47 -5.43 -21.08 11.67
N VAL B 48 -4.99 -20.85 12.90
CA VAL B 48 -4.46 -21.93 13.74
C VAL B 48 -5.51 -23.00 13.99
N LEU B 49 -6.76 -22.60 14.07
CA LEU B 49 -7.84 -23.55 14.30
C LEU B 49 -7.95 -24.58 13.18
N LYS B 50 -7.35 -24.29 12.03
CA LYS B 50 -7.39 -25.24 10.91
C LYS B 50 -6.67 -26.52 11.32
N LEU B 51 -5.81 -26.41 12.32
CA LEU B 51 -5.04 -27.56 12.79
C LEU B 51 -5.83 -28.48 13.72
N PHE B 52 -6.97 -28.00 14.23
CA PHE B 52 -7.78 -28.82 15.12
C PHE B 52 -9.15 -29.12 14.54
N CYS B 53 -9.70 -28.18 13.77
CA CYS B 53 -11.01 -28.33 13.15
C CYS B 53 -10.96 -29.03 11.80
N ASP B 54 -12.08 -29.64 11.43
CA ASP B 54 -12.19 -30.31 10.15
C ASP B 54 -12.27 -29.24 9.06
N ASN B 55 -13.01 -28.18 9.33
CA ASN B 55 -13.14 -27.08 8.38
C ASN B 55 -13.32 -25.74 9.06
N LEU B 56 -12.71 -24.71 8.46
CA LEU B 56 -12.81 -23.35 8.97
C LEU B 56 -13.50 -22.51 7.91
N TYR B 57 -14.63 -21.90 8.26
CA TYR B 57 -15.34 -21.05 7.31
C TYR B 57 -14.86 -19.62 7.50
N ASP B 58 -14.19 -19.09 6.48
CA ASP B 58 -13.63 -17.74 6.51
C ASP B 58 -14.29 -16.86 5.46
N GLU B 59 -15.11 -15.91 5.91
CA GLU B 59 -15.82 -15.02 4.98
C GLU B 59 -14.92 -13.97 4.30
N ILE B 60 -13.70 -13.78 4.80
CA ILE B 60 -12.79 -12.84 4.17
C ILE B 60 -12.12 -13.53 3.01
N LYS B 61 -11.70 -14.78 3.23
CA LYS B 61 -11.06 -15.56 2.20
C LYS B 61 -12.07 -15.85 1.10
N ASP B 62 -13.32 -16.05 1.50
CA ASP B 62 -14.39 -16.32 0.54
C ASP B 62 -15.67 -15.58 0.95
N PRO B 63 -15.86 -14.37 0.38
CA PRO B 63 -17.02 -13.52 0.65
C PRO B 63 -18.37 -14.05 0.16
N LEU B 64 -18.35 -15.07 -0.68
CA LEU B 64 -19.60 -15.65 -1.21
C LEU B 64 -19.92 -17.05 -0.68
N LEU B 65 -19.55 -17.32 0.56
CA LEU B 65 -19.80 -18.61 1.20
C LEU B 65 -21.32 -18.82 1.31
N ASN B 66 -21.78 -20.03 0.98
CA ASN B 66 -23.21 -20.36 1.04
C ASN B 66 -23.67 -20.73 2.46
N HIS B 67 -24.25 -19.78 3.16
CA HIS B 67 -24.72 -19.99 4.53
C HIS B 67 -25.81 -21.05 4.65
N ILE B 68 -26.62 -21.22 3.61
CA ILE B 68 -27.67 -22.22 3.62
C ILE B 68 -27.06 -23.62 3.66
N ASN B 69 -26.05 -23.84 2.82
CA ASN B 69 -25.36 -25.12 2.78
C ASN B 69 -24.65 -25.38 4.10
N ILE B 70 -24.07 -24.34 4.68
CA ILE B 70 -23.38 -24.48 5.95
C ILE B 70 -24.36 -25.01 7.00
N VAL B 71 -25.56 -24.44 7.02
CA VAL B 71 -26.57 -24.86 7.98
C VAL B 71 -27.07 -26.30 7.73
N GLU B 72 -27.30 -26.64 6.47
CA GLU B 72 -27.77 -27.99 6.14
C GLU B 72 -26.70 -29.03 6.43
N ASN B 73 -25.44 -28.63 6.37
CA ASN B 73 -24.32 -29.52 6.60
C ASN B 73 -24.08 -29.85 8.08
N HIS B 74 -24.83 -29.22 8.98
CA HIS B 74 -24.64 -29.49 10.39
C HIS B 74 -25.92 -29.86 11.13
N GLU B 75 -25.78 -30.69 12.15
CA GLU B 75 -26.91 -31.11 12.96
C GLU B 75 -27.01 -30.23 14.20
N TYR B 76 -25.86 -29.72 14.64
CA TYR B 76 -25.81 -28.85 15.80
C TYR B 76 -24.99 -27.60 15.51
N ILE B 77 -25.48 -26.46 15.97
CA ILE B 77 -24.80 -25.19 15.79
C ILE B 77 -24.69 -24.53 17.16
N LEU B 78 -23.47 -24.39 17.64
CA LEU B 78 -23.22 -23.79 18.94
C LEU B 78 -22.58 -22.42 18.78
N VAL B 79 -23.02 -21.46 19.58
CA VAL B 79 -22.40 -20.16 19.56
C VAL B 79 -21.65 -20.19 20.89
N LEU B 80 -20.35 -20.46 20.79
CA LEU B 80 -19.49 -20.62 21.93
C LEU B 80 -18.09 -20.06 21.68
N PRO B 81 -17.68 -19.02 22.43
CA PRO B 81 -18.45 -18.36 23.49
C PRO B 81 -19.44 -17.44 22.80
N ALA B 82 -20.53 -17.12 23.48
CA ALA B 82 -21.54 -16.22 22.92
C ALA B 82 -21.49 -14.88 23.62
N SER B 83 -21.21 -13.83 22.85
CA SER B 83 -21.13 -12.47 23.39
C SER B 83 -22.53 -11.86 23.53
N ALA B 84 -22.63 -10.85 24.38
CA ALA B 84 -23.90 -10.18 24.59
C ALA B 84 -24.35 -9.62 23.25
N ASN B 85 -23.41 -9.04 22.50
CA ASN B 85 -23.70 -8.45 21.21
C ASN B 85 -24.36 -9.42 20.21
N THR B 86 -23.75 -10.58 20.02
CA THR B 86 -24.29 -11.56 19.09
C THR B 86 -25.62 -12.12 19.58
N ILE B 87 -25.74 -12.34 20.88
CA ILE B 87 -26.98 -12.85 21.44
C ILE B 87 -28.09 -11.86 21.09
N ASN B 88 -27.85 -10.58 21.34
CA ASN B 88 -28.84 -9.55 21.06
C ASN B 88 -29.15 -9.39 19.56
N LYS B 89 -28.14 -9.60 18.72
CA LYS B 89 -28.36 -9.51 17.28
C LYS B 89 -29.25 -10.67 16.83
N ILE B 90 -28.92 -11.88 17.28
CA ILE B 90 -29.70 -13.04 16.90
C ILE B 90 -31.16 -12.88 17.34
N ALA B 91 -31.36 -12.40 18.56
CA ALA B 91 -32.70 -12.19 19.09
C ALA B 91 -33.51 -11.21 18.22
N ASN B 92 -32.83 -10.24 17.61
CA ASN B 92 -33.50 -9.27 16.76
C ASN B 92 -33.42 -9.57 15.27
N GLY B 93 -32.90 -10.75 14.93
CA GLY B 93 -32.81 -11.13 13.52
C GLY B 93 -31.76 -10.38 12.73
N ILE B 94 -30.86 -9.69 13.43
CA ILE B 94 -29.82 -8.96 12.73
C ILE B 94 -28.73 -9.91 12.30
N CYS B 95 -28.48 -9.95 11.00
CA CYS B 95 -27.48 -10.84 10.44
C CYS B 95 -26.56 -10.08 9.48
N ASP B 96 -25.68 -9.25 10.03
CA ASP B 96 -24.77 -8.44 9.24
C ASP B 96 -23.36 -9.01 9.00
N ASN B 97 -23.14 -10.26 9.38
CA ASN B 97 -21.89 -10.95 9.13
C ASN B 97 -22.24 -12.44 8.91
N LEU B 98 -21.29 -13.23 8.41
CA LEU B 98 -21.58 -14.64 8.13
C LEU B 98 -22.08 -15.44 9.34
N LEU B 99 -21.38 -15.33 10.46
CA LEU B 99 -21.75 -16.07 11.67
C LEU B 99 -23.20 -15.80 12.04
N THR B 100 -23.52 -14.54 12.12
CA THR B 100 -24.83 -14.09 12.50
C THR B 100 -25.90 -14.46 11.44
N THR B 101 -25.50 -14.54 10.17
CA THR B 101 -26.42 -14.93 9.10
C THR B 101 -26.69 -16.44 9.21
N VAL B 102 -25.67 -17.19 9.61
CA VAL B 102 -25.80 -18.62 9.79
C VAL B 102 -26.74 -18.91 10.95
N CYS B 103 -26.63 -18.11 12.01
CA CYS B 103 -27.48 -18.28 13.18
C CYS B 103 -28.94 -17.98 12.91
N LEU B 104 -29.22 -17.04 11.99
CA LEU B 104 -30.61 -16.72 11.67
C LEU B 104 -31.21 -17.91 10.92
N THR B 105 -30.49 -18.37 9.91
CA THR B 105 -30.92 -19.48 9.09
C THR B 105 -31.11 -20.77 9.88
N GLY B 106 -30.21 -21.04 10.82
CA GLY B 106 -30.31 -22.27 11.59
C GLY B 106 -30.79 -22.15 13.04
N TYR B 107 -31.77 -21.26 13.28
CA TYR B 107 -32.30 -21.06 14.63
C TYR B 107 -32.82 -22.35 15.28
N GLN B 108 -33.25 -23.30 14.46
CA GLN B 108 -33.76 -24.57 14.97
C GLN B 108 -32.70 -25.53 15.50
N LYS B 109 -31.44 -25.35 15.10
CA LYS B 109 -30.35 -26.21 15.55
C LYS B 109 -29.37 -25.42 16.42
N LEU B 110 -29.82 -24.25 16.88
CA LEU B 110 -28.97 -23.36 17.67
C LEU B 110 -28.88 -23.56 19.18
N PHE B 111 -27.66 -23.55 19.68
CA PHE B 111 -27.38 -23.68 21.12
C PHE B 111 -26.44 -22.54 21.54
N ILE B 112 -26.93 -21.68 22.42
CA ILE B 112 -26.15 -20.53 22.86
C ILE B 112 -25.52 -20.64 24.25
N PHE B 113 -24.20 -20.40 24.33
CA PHE B 113 -23.49 -20.45 25.61
C PHE B 113 -22.95 -19.05 25.95
N PRO B 114 -23.74 -18.25 26.65
CA PRO B 114 -23.34 -16.90 27.03
C PRO B 114 -22.05 -16.82 27.84
N ASN B 115 -21.24 -15.81 27.54
CA ASN B 115 -20.01 -15.56 28.28
C ASN B 115 -19.70 -14.07 28.26
N MET B 116 -19.68 -13.48 29.44
CA MET B 116 -19.42 -12.05 29.58
C MET B 116 -19.27 -11.75 31.05
N ASN B 117 -18.81 -10.54 31.37
CA ASN B 117 -18.66 -10.14 32.74
C ASN B 117 -20.04 -10.09 33.37
N ILE B 118 -20.11 -10.38 34.66
CA ILE B 118 -21.38 -10.39 35.39
C ILE B 118 -22.22 -9.11 35.24
N ARG B 119 -21.58 -7.96 35.18
CA ARG B 119 -22.32 -6.70 35.05
C ARG B 119 -23.05 -6.59 33.71
N MET B 120 -22.44 -7.11 32.64
CA MET B 120 -23.07 -7.07 31.32
C MET B 120 -24.27 -8.00 31.33
N TRP B 121 -24.14 -9.09 32.07
CA TRP B 121 -25.19 -10.10 32.17
C TRP B 121 -26.48 -9.52 32.78
N GLY B 122 -26.34 -8.49 33.61
CA GLY B 122 -27.50 -7.88 34.24
C GLY B 122 -28.25 -6.87 33.39
N ASN B 123 -27.80 -6.64 32.16
CA ASN B 123 -28.46 -5.68 31.27
C ASN B 123 -29.90 -6.10 30.96
N PRO B 124 -30.86 -5.20 31.18
CA PRO B 124 -32.30 -5.41 30.94
C PRO B 124 -32.63 -5.82 29.52
N PHE B 125 -32.00 -5.15 28.56
CA PHE B 125 -32.24 -5.41 27.15
C PHE B 125 -31.69 -6.76 26.74
N LEU B 126 -30.55 -7.15 27.30
CA LEU B 126 -29.97 -8.45 26.99
C LEU B 126 -30.93 -9.52 27.52
N GLN B 127 -31.29 -9.42 28.79
CA GLN B 127 -32.18 -10.38 29.43
C GLN B 127 -33.51 -10.51 28.71
N LYS B 128 -34.06 -9.39 28.27
CA LYS B 128 -35.33 -9.40 27.56
C LYS B 128 -35.18 -10.20 26.27
N ASN B 129 -34.02 -10.08 25.64
CA ASN B 129 -33.73 -10.80 24.41
C ASN B 129 -33.51 -12.29 24.66
N ILE B 130 -32.92 -12.61 25.80
CA ILE B 130 -32.66 -14.00 26.16
C ILE B 130 -34.00 -14.71 26.36
N ASP B 131 -34.95 -14.01 26.96
CA ASP B 131 -36.27 -14.59 27.18
C ASP B 131 -36.90 -14.81 25.81
N LEU B 132 -36.78 -13.81 24.95
CA LEU B 132 -37.34 -13.89 23.62
C LEU B 132 -36.80 -15.12 22.87
N LEU B 133 -35.50 -15.36 22.99
CA LEU B 133 -34.87 -16.49 22.32
C LEU B 133 -35.39 -17.82 22.84
N LYS B 134 -35.48 -17.93 24.16
CA LYS B 134 -35.96 -19.15 24.80
C LYS B 134 -37.42 -19.46 24.44
N ASN B 135 -38.27 -18.42 24.45
CA ASN B 135 -39.68 -18.60 24.13
C ASN B 135 -39.88 -18.83 22.64
N ASN B 136 -38.79 -19.02 21.91
CA ASN B 136 -38.87 -19.26 20.49
C ASN B 136 -38.03 -20.44 20.01
N ASP B 137 -37.83 -21.39 20.92
CA ASP B 137 -37.09 -22.62 20.63
C ASP B 137 -35.59 -22.54 20.41
N VAL B 138 -34.97 -21.46 20.88
CA VAL B 138 -33.54 -21.34 20.76
C VAL B 138 -33.00 -21.72 22.13
N LYS B 139 -32.17 -22.76 22.17
CA LYS B 139 -31.60 -23.20 23.44
C LYS B 139 -30.52 -22.25 23.95
N VAL B 140 -30.77 -21.66 25.11
CA VAL B 140 -29.83 -20.75 25.73
C VAL B 140 -29.44 -21.31 27.09
N TYR B 141 -28.19 -21.71 27.22
CA TYR B 141 -27.68 -22.29 28.46
C TYR B 141 -27.53 -21.25 29.60
N SER B 142 -27.80 -21.67 30.83
CA SER B 142 -27.64 -20.75 31.96
C SER B 142 -26.17 -20.74 32.33
N PRO B 143 -25.50 -19.59 32.14
CA PRO B 143 -24.07 -19.39 32.44
C PRO B 143 -23.65 -19.92 33.81
N ASP B 144 -22.49 -20.58 33.85
CA ASP B 144 -21.98 -21.10 35.10
C ASP B 144 -21.42 -19.92 35.89
N MET B 145 -21.35 -20.06 37.21
CA MET B 145 -20.86 -18.99 38.07
C MET B 145 -20.21 -19.50 39.36
N ASN B 146 -19.00 -19.04 39.64
CA ASN B 146 -18.32 -19.44 40.87
C ASN B 146 -17.83 -18.18 41.58
N LYS B 147 -17.40 -18.34 42.83
CA LYS B 147 -16.89 -17.21 43.60
C LYS B 147 -15.38 -17.13 43.46
N SER B 148 -14.92 -16.21 42.63
CA SER B 148 -13.51 -16.04 42.38
C SER B 148 -12.95 -14.79 43.01
N PHE B 149 -11.69 -14.88 43.45
CA PHE B 149 -11.03 -13.74 44.04
C PHE B 149 -10.55 -12.87 42.90
N GLU B 150 -10.42 -11.58 43.16
CA GLU B 150 -9.95 -10.66 42.15
C GLU B 150 -8.80 -9.85 42.69
N ILE B 151 -8.11 -9.17 41.79
CA ILE B 151 -6.99 -8.33 42.17
C ILE B 151 -7.43 -6.89 41.89
N SER B 152 -8.50 -6.76 41.11
CA SER B 152 -9.06 -5.46 40.76
C SER B 152 -9.47 -4.82 42.08
N SER B 153 -9.43 -5.64 43.13
CA SER B 153 -9.78 -5.23 44.49
C SER B 153 -9.34 -6.37 45.39
N GLY B 154 -9.71 -6.29 46.67
CA GLY B 154 -9.35 -7.35 47.60
C GLY B 154 -10.57 -8.19 47.92
N ARG B 155 -11.68 -7.89 47.26
CA ARG B 155 -12.94 -8.60 47.47
C ARG B 155 -13.14 -9.82 46.58
N TYR B 156 -14.06 -10.68 47.00
CA TYR B 156 -14.43 -11.88 46.25
C TYR B 156 -15.73 -11.49 45.56
N LYS B 157 -15.91 -11.91 44.32
CA LYS B 157 -17.12 -11.57 43.60
C LYS B 157 -17.69 -12.74 42.81
N ASN B 158 -18.99 -12.69 42.56
CA ASN B 158 -19.66 -13.72 41.79
C ASN B 158 -19.22 -13.43 40.34
N ASN B 159 -18.89 -14.47 39.59
CA ASN B 159 -18.43 -14.32 38.22
C ASN B 159 -18.93 -15.47 37.35
N ILE B 160 -19.31 -15.17 36.10
CA ILE B 160 -19.76 -16.24 35.21
C ILE B 160 -18.50 -16.93 34.68
N THR B 161 -18.59 -18.23 34.42
CA THR B 161 -17.44 -18.97 33.93
C THR B 161 -17.77 -19.76 32.68
N MET B 162 -16.73 -20.29 32.04
CA MET B 162 -16.92 -21.09 30.84
C MET B 162 -17.49 -22.47 31.18
N PRO B 163 -18.34 -23.01 30.30
CA PRO B 163 -18.96 -24.32 30.50
C PRO B 163 -17.96 -25.47 30.38
N ASN B 164 -18.08 -26.45 31.28
CA ASN B 164 -17.23 -27.64 31.25
C ASN B 164 -17.68 -28.39 29.99
N ILE B 165 -16.80 -29.18 29.38
CA ILE B 165 -17.17 -29.91 28.16
C ILE B 165 -18.32 -30.89 28.39
N GLU B 166 -18.46 -31.34 29.63
CA GLU B 166 -19.53 -32.27 30.00
C GLU B 166 -20.83 -31.45 29.99
N ASN B 167 -20.72 -30.18 30.37
CA ASN B 167 -21.87 -29.27 30.40
C ASN B 167 -22.45 -29.02 29.00
N VAL B 168 -21.59 -28.72 28.02
CA VAL B 168 -22.12 -28.45 26.68
C VAL B 168 -22.60 -29.74 26.02
N LEU B 169 -22.03 -30.88 26.40
CA LEU B 169 -22.44 -32.15 25.84
C LEU B 169 -23.86 -32.47 26.30
N ASN B 170 -24.13 -32.24 27.59
CA ASN B 170 -25.44 -32.51 28.16
C ASN B 170 -26.51 -31.53 27.68
N PHE B 171 -26.13 -30.26 27.52
CA PHE B 171 -27.07 -29.23 27.08
C PHE B 171 -27.42 -29.42 25.62
N VAL B 172 -26.47 -29.93 24.85
CA VAL B 172 -26.67 -30.14 23.42
C VAL B 172 -27.29 -31.48 23.03
N LEU B 173 -27.02 -32.53 23.80
CA LEU B 173 -27.57 -33.84 23.47
C LEU B 173 -28.85 -34.30 24.21
N ASN B 174 -29.59 -33.34 24.79
CA ASN B 174 -30.86 -33.64 25.50
C ASN B 174 -32.02 -32.81 24.93
N MET C 1 -27.09 41.87 0.20
CA MET C 1 -25.81 41.16 0.44
C MET C 1 -24.68 41.86 -0.33
N TYR C 2 -23.46 41.78 0.20
CA TYR C 2 -22.32 42.47 -0.40
C TYR C 2 -21.48 41.81 -1.48
N GLY C 3 -21.74 40.54 -1.80
CA GLY C 3 -20.93 39.90 -2.82
C GLY C 3 -20.12 38.74 -2.30
N LYS C 4 -19.53 37.98 -3.20
CA LYS C 4 -18.76 36.79 -2.83
C LYS C 4 -17.56 37.03 -1.91
N LEU C 5 -17.51 36.23 -0.85
CA LEU C 5 -16.44 36.30 0.13
C LEU C 5 -15.71 34.96 0.27
N LEU C 6 -14.39 35.02 0.30
CA LEU C 6 -13.57 33.82 0.43
C LEU C 6 -12.85 33.80 1.78
N ILE C 7 -12.92 32.67 2.48
CA ILE C 7 -12.25 32.52 3.75
C ILE C 7 -11.03 31.64 3.52
N CYS C 8 -9.86 32.14 3.93
CA CYS C 8 -8.63 31.39 3.82
C CYS C 8 -8.28 30.99 5.25
N ALA C 9 -8.51 29.73 5.58
CA ALA C 9 -8.27 29.23 6.93
C ALA C 9 -6.90 28.56 7.08
N THR C 10 -6.23 28.90 8.17
CA THR C 10 -4.90 28.34 8.43
C THR C 10 -4.87 27.49 9.69
N ALA C 11 -3.76 26.78 9.89
CA ALA C 11 -3.57 25.88 11.01
C ALA C 11 -3.53 26.50 12.41
N SER C 12 -4.61 27.19 12.76
CA SER C 12 -4.76 27.78 14.09
C SER C 12 -5.75 26.86 14.79
N ILE C 13 -5.58 26.69 16.09
CA ILE C 13 -6.47 25.83 16.86
C ILE C 13 -7.94 26.18 16.64
N ASN C 14 -8.23 27.47 16.44
CA ASN C 14 -9.61 27.90 16.24
C ASN C 14 -10.21 27.59 14.88
N VAL C 15 -9.45 26.95 14.02
CA VAL C 15 -9.98 26.60 12.71
C VAL C 15 -11.07 25.54 12.92
N ILE C 16 -11.09 24.92 14.10
CA ILE C 16 -12.08 23.89 14.41
C ILE C 16 -13.47 24.51 14.60
N ASN C 17 -13.52 25.83 14.72
CA ASN C 17 -14.78 26.52 14.92
C ASN C 17 -15.13 27.38 13.70
N ILE C 18 -14.40 27.20 12.62
CA ILE C 18 -14.63 27.99 11.41
C ILE C 18 -16.04 27.83 10.83
N ASN C 19 -16.68 26.70 11.09
CA ASN C 19 -18.02 26.46 10.58
C ASN C 19 -19.02 27.50 11.11
N HIS C 20 -18.81 27.95 12.33
CA HIS C 20 -19.69 28.96 12.93
C HIS C 20 -19.67 30.26 12.16
N TYR C 21 -18.48 30.68 11.72
CA TYR C 21 -18.36 31.92 10.96
C TYR C 21 -19.06 31.81 9.62
N ILE C 22 -18.93 30.65 8.99
CA ILE C 22 -19.52 30.42 7.69
C ILE C 22 -21.02 30.66 7.66
N VAL C 23 -21.76 29.90 8.47
CA VAL C 23 -23.21 30.05 8.50
C VAL C 23 -23.62 31.48 8.83
N GLU C 24 -22.86 32.13 9.70
CA GLU C 24 -23.15 33.50 10.10
C GLU C 24 -22.94 34.46 8.93
N LEU C 25 -21.79 34.35 8.28
CA LEU C 25 -21.44 35.19 7.14
C LEU C 25 -22.31 34.94 5.90
N LYS C 26 -22.89 33.75 5.80
CA LYS C 26 -23.73 33.39 4.65
C LYS C 26 -24.94 34.31 4.56
N GLN C 27 -25.22 35.02 5.63
CA GLN C 27 -26.36 35.92 5.68
C GLN C 27 -26.07 37.33 5.18
N HIS C 28 -24.79 37.68 5.05
CA HIS C 28 -24.43 39.01 4.59
C HIS C 28 -23.75 39.05 3.23
N PHE C 29 -23.23 37.91 2.79
CA PHE C 29 -22.56 37.86 1.49
C PHE C 29 -23.19 36.83 0.54
N ASP C 30 -23.32 37.23 -0.72
CA ASP C 30 -23.93 36.38 -1.75
C ASP C 30 -23.44 34.94 -1.65
N GLU C 31 -22.14 34.80 -1.49
CA GLU C 31 -21.51 33.50 -1.35
C GLU C 31 -20.38 33.60 -0.34
N VAL C 32 -20.10 32.48 0.31
CA VAL C 32 -19.00 32.41 1.27
C VAL C 32 -18.34 31.07 0.99
N ASN C 33 -17.19 31.13 0.34
CA ASN C 33 -16.43 29.95 -0.02
C ASN C 33 -15.21 29.82 0.90
N ILE C 34 -14.56 28.66 0.86
CA ILE C 34 -13.44 28.46 1.74
C ILE C 34 -12.27 27.71 1.12
N LEU C 35 -11.06 28.01 1.61
CA LEU C 35 -9.83 27.42 1.13
C LEU C 35 -8.95 27.21 2.36
N PHE C 36 -8.40 26.02 2.53
CA PHE C 36 -7.56 25.72 3.69
C PHE C 36 -6.08 25.56 3.39
N SER C 37 -5.26 25.74 4.42
CA SER C 37 -3.83 25.55 4.28
C SER C 37 -3.61 24.05 4.51
N PRO C 38 -2.60 23.46 3.87
CA PRO C 38 -2.34 22.02 4.04
C PRO C 38 -2.32 21.58 5.52
N SER C 39 -1.67 22.36 6.38
CA SER C 39 -1.58 22.02 7.78
C SER C 39 -2.87 22.06 8.57
N SER C 40 -3.82 22.89 8.13
CA SER C 40 -5.07 22.99 8.86
C SER C 40 -5.89 21.70 8.74
N LYS C 41 -5.53 20.87 7.76
CA LYS C 41 -6.23 19.61 7.54
C LYS C 41 -5.92 18.60 8.65
N ASN C 42 -4.99 18.93 9.52
CA ASN C 42 -4.64 18.06 10.64
C ASN C 42 -5.52 18.39 11.83
N PHE C 43 -6.35 19.41 11.70
CA PHE C 43 -7.22 19.82 12.80
C PHE C 43 -8.67 19.46 12.57
N ILE C 44 -9.07 19.44 11.31
CA ILE C 44 -10.45 19.13 11.01
C ILE C 44 -10.60 18.37 9.69
N ASN C 45 -11.81 17.85 9.47
CA ASN C 45 -12.12 17.18 8.23
C ASN C 45 -12.69 18.29 7.37
N THR C 46 -11.88 18.81 6.45
CA THR C 46 -12.30 19.91 5.61
C THR C 46 -13.50 19.65 4.71
N ASP C 47 -13.74 18.38 4.35
CA ASP C 47 -14.87 18.07 3.49
C ASP C 47 -16.20 18.44 4.12
N VAL C 48 -16.25 18.44 5.45
CA VAL C 48 -17.47 18.78 6.17
C VAL C 48 -17.93 20.19 5.84
N LEU C 49 -16.98 21.08 5.61
CA LEU C 49 -17.31 22.46 5.28
C LEU C 49 -18.12 22.58 4.00
N LYS C 50 -18.14 21.53 3.19
CA LYS C 50 -18.91 21.54 1.95
C LYS C 50 -20.39 21.65 2.29
N LEU C 51 -20.74 21.28 3.52
CA LEU C 51 -22.12 21.33 3.97
C LEU C 51 -22.58 22.73 4.38
N PHE C 52 -21.64 23.64 4.57
CA PHE C 52 -21.99 25.00 4.98
C PHE C 52 -21.58 26.03 3.94
N CYS C 53 -20.47 25.78 3.26
CA CYS C 53 -19.97 26.69 2.25
C CYS C 53 -20.57 26.45 0.87
N ASP C 54 -20.54 27.50 0.05
CA ASP C 54 -21.05 27.38 -1.30
C ASP C 54 -20.04 26.58 -2.12
N ASN C 55 -18.75 26.83 -1.88
CA ASN C 55 -17.69 26.12 -2.59
C ASN C 55 -16.44 25.93 -1.73
N LEU C 56 -15.82 24.78 -1.88
CA LEU C 56 -14.59 24.45 -1.17
C LEU C 56 -13.48 24.25 -2.20
N TYR C 57 -12.42 25.03 -2.10
CA TYR C 57 -11.31 24.90 -3.03
C TYR C 57 -10.30 23.96 -2.41
N ASP C 58 -10.12 22.79 -3.04
CA ASP C 58 -9.20 21.77 -2.55
C ASP C 58 -8.07 21.52 -3.55
N GLU C 59 -6.87 21.96 -3.22
CA GLU C 59 -5.72 21.81 -4.10
C GLU C 59 -5.21 20.38 -4.23
N ILE C 60 -5.64 19.49 -3.34
CA ILE C 60 -5.22 18.11 -3.44
C ILE C 60 -6.11 17.41 -4.45
N LYS C 61 -7.41 17.69 -4.36
CA LYS C 61 -8.38 17.11 -5.28
C LYS C 61 -8.11 17.65 -6.68
N ASP C 62 -7.73 18.91 -6.75
CA ASP C 62 -7.43 19.55 -8.02
C ASP C 62 -6.17 20.42 -7.91
N PRO C 63 -4.99 19.86 -8.24
CA PRO C 63 -3.68 20.54 -8.19
C PRO C 63 -3.50 21.70 -9.17
N LEU C 64 -4.39 21.80 -10.17
CA LEU C 64 -4.27 22.87 -11.15
C LEU C 64 -5.36 23.94 -11.06
N LEU C 65 -5.81 24.21 -9.84
CA LEU C 65 -6.85 25.22 -9.61
C LEU C 65 -6.32 26.60 -10.02
N ASN C 66 -7.16 27.38 -10.70
CA ASN C 66 -6.75 28.71 -11.17
C ASN C 66 -6.90 29.79 -10.09
N HIS C 67 -5.80 30.11 -9.43
CA HIS C 67 -5.82 31.11 -8.35
C HIS C 67 -6.24 32.51 -8.80
N ILE C 68 -5.96 32.84 -10.06
CA ILE C 68 -6.34 34.14 -10.59
C ILE C 68 -7.86 34.26 -10.64
N ASN C 69 -8.51 33.22 -11.15
CA ASN C 69 -9.97 33.19 -11.23
C ASN C 69 -10.56 33.23 -9.83
N ILE C 70 -9.95 32.51 -8.91
CA ILE C 70 -10.44 32.46 -7.54
C ILE C 70 -10.47 33.88 -6.98
N VAL C 71 -9.41 34.64 -7.24
CA VAL C 71 -9.32 36.02 -6.75
C VAL C 71 -10.33 36.95 -7.43
N GLU C 72 -10.48 36.81 -8.75
CA GLU C 72 -11.43 37.66 -9.47
C GLU C 72 -12.87 37.34 -9.09
N ASN C 73 -13.11 36.12 -8.66
CA ASN C 73 -14.45 35.67 -8.27
C ASN C 73 -14.90 36.17 -6.89
N HIS C 74 -14.01 36.85 -6.17
CA HIS C 74 -14.39 37.34 -4.85
C HIS C 74 -14.12 38.82 -4.64
N GLU C 75 -14.95 39.46 -3.83
CA GLU C 75 -14.80 40.87 -3.54
C GLU C 75 -14.03 41.02 -2.23
N TYR C 76 -14.14 40.02 -1.36
CA TYR C 76 -13.44 40.04 -0.09
C TYR C 76 -12.73 38.71 0.16
N ILE C 77 -11.50 38.81 0.66
CA ILE C 77 -10.70 37.63 0.97
C ILE C 77 -10.23 37.78 2.41
N LEU C 78 -10.71 36.90 3.27
CA LEU C 78 -10.33 36.92 4.68
C LEU C 78 -9.42 35.76 5.02
N VAL C 79 -8.40 36.00 5.82
CA VAL C 79 -7.56 34.91 6.25
C VAL C 79 -7.99 34.81 7.71
N LEU C 80 -8.85 33.84 7.97
CA LEU C 80 -9.44 33.63 9.29
C LEU C 80 -9.61 32.14 9.61
N PRO C 81 -8.92 31.64 10.64
CA PRO C 81 -8.00 32.39 11.52
C PRO C 81 -6.69 32.53 10.75
N ALA C 82 -5.89 33.53 11.11
CA ALA C 82 -4.61 33.75 10.46
C ALA C 82 -3.47 33.39 11.40
N SER C 83 -2.67 32.43 10.98
CA SER C 83 -1.52 31.99 11.78
C SER C 83 -0.33 32.92 11.61
N ALA C 84 0.57 32.89 12.57
CA ALA C 84 1.77 33.72 12.50
C ALA C 84 2.50 33.34 11.22
N ASN C 85 2.61 32.03 10.97
CA ASN C 85 3.30 31.52 9.78
C ASN C 85 2.79 32.09 8.46
N THR C 86 1.48 32.04 8.24
CA THR C 86 0.92 32.57 7.01
C THR C 86 1.05 34.08 6.91
N ILE C 87 0.86 34.76 8.03
CA ILE C 87 0.99 36.22 8.06
C ILE C 87 2.41 36.57 7.58
N ASN C 88 3.41 35.92 8.16
CA ASN C 88 4.80 36.17 7.79
C ASN C 88 5.13 35.78 6.34
N LYS C 89 4.48 34.75 5.82
CA LYS C 89 4.71 34.34 4.45
C LYS C 89 4.15 35.40 3.51
N ILE C 90 2.92 35.84 3.78
CA ILE C 90 2.27 36.84 2.95
C ILE C 90 3.10 38.12 2.93
N ALA C 91 3.56 38.55 4.11
CA ALA C 91 4.39 39.74 4.23
C ALA C 91 5.66 39.65 3.39
N ASN C 92 6.20 38.44 3.20
CA ASN C 92 7.40 38.27 2.40
C ASN C 92 7.14 37.78 0.98
N GLY C 93 5.88 37.74 0.59
CA GLY C 93 5.52 37.29 -0.75
C GLY C 93 5.70 35.82 -1.01
N ILE C 94 5.87 35.03 0.04
CA ILE C 94 6.04 33.60 -0.12
C ILE C 94 4.69 32.96 -0.37
N CYS C 95 4.59 32.26 -1.50
CA CYS C 95 3.34 31.62 -1.87
C CYS C 95 3.58 30.18 -2.32
N ASP C 96 3.89 29.30 -1.35
CA ASP C 96 4.18 27.91 -1.63
C ASP C 96 3.01 26.91 -1.53
N ASN C 97 1.80 27.43 -1.38
CA ASN C 97 0.60 26.59 -1.35
C ASN C 97 -0.51 27.44 -1.96
N LEU C 98 -1.64 26.84 -2.30
CA LEU C 98 -2.74 27.57 -2.93
C LEU C 98 -3.24 28.77 -2.15
N LEU C 99 -3.53 28.58 -0.86
CA LEU C 99 -4.03 29.65 -0.02
C LEU C 99 -3.12 30.87 -0.06
N THR C 100 -1.85 30.60 0.17
CA THR C 100 -0.85 31.64 0.21
C THR C 100 -0.63 32.27 -1.19
N THR C 101 -0.84 31.50 -2.25
CA THR C 101 -0.70 32.02 -3.61
C THR C 101 -1.91 32.93 -3.92
N VAL C 102 -3.07 32.57 -3.37
CA VAL C 102 -4.27 33.36 -3.55
C VAL C 102 -4.11 34.69 -2.81
N CYS C 103 -3.49 34.66 -1.65
CA CYS C 103 -3.28 35.88 -0.87
C CYS C 103 -2.30 36.85 -1.53
N LEU C 104 -1.32 36.33 -2.27
CA LEU C 104 -0.36 37.21 -2.94
C LEU C 104 -1.10 37.92 -4.07
N THR C 105 -1.82 37.14 -4.86
CA THR C 105 -2.55 37.68 -6.00
C THR C 105 -3.61 38.68 -5.59
N GLY C 106 -4.31 38.42 -4.49
CA GLY C 106 -5.36 39.34 -4.06
C GLY C 106 -5.07 40.21 -2.86
N TYR C 107 -3.85 40.72 -2.76
CA TYR C 107 -3.47 41.56 -1.62
C TYR C 107 -4.38 42.79 -1.45
N GLN C 108 -4.98 43.24 -2.54
CA GLN C 108 -5.85 44.41 -2.49
C GLN C 108 -7.22 44.16 -1.85
N LYS C 109 -7.65 42.90 -1.80
CA LYS C 109 -8.95 42.54 -1.21
C LYS C 109 -8.74 41.73 0.08
N LEU C 110 -7.52 41.77 0.61
CA LEU C 110 -7.16 40.98 1.77
C LEU C 110 -7.43 41.56 3.15
N PHE C 111 -8.02 40.73 4.02
CA PHE C 111 -8.31 41.10 5.40
C PHE C 111 -7.77 40.00 6.31
N ILE C 112 -6.81 40.35 7.16
CA ILE C 112 -6.20 39.37 8.05
C ILE C 112 -6.65 39.44 9.52
N PHE C 113 -7.05 38.29 10.07
CA PHE C 113 -7.48 38.20 11.47
C PHE C 113 -6.54 37.28 12.23
N PRO C 114 -5.46 37.86 12.80
CA PRO C 114 -4.48 37.08 13.57
C PRO C 114 -5.05 36.29 14.73
N ASN C 115 -4.54 35.08 14.92
CA ASN C 115 -4.94 34.24 16.03
C ASN C 115 -3.77 33.34 16.41
N MET C 116 -3.31 33.48 17.64
CA MET C 116 -2.17 32.73 18.15
C MET C 116 -2.04 33.00 19.63
N ASN C 117 -1.19 32.24 20.30
CA ASN C 117 -0.96 32.45 21.72
C ASN C 117 -0.27 33.81 21.87
N ILE C 118 -0.54 34.48 22.98
CA ILE C 118 0.04 35.79 23.25
C ILE C 118 1.56 35.88 23.10
N ARG C 119 2.28 34.82 23.50
CA ARG C 119 3.73 34.83 23.40
C ARG C 119 4.23 34.87 21.95
N MET C 120 3.51 34.22 21.05
CA MET C 120 3.88 34.22 19.64
C MET C 120 3.64 35.61 19.07
N TRP C 121 2.60 36.26 19.56
CA TRP C 121 2.22 37.59 19.12
C TRP C 121 3.32 38.61 19.41
N GLY C 122 4.13 38.36 20.44
CA GLY C 122 5.19 39.27 20.78
C GLY C 122 6.47 39.14 19.95
N ASN C 123 6.50 38.21 19.01
CA ASN C 123 7.69 38.02 18.18
C ASN C 123 8.00 39.26 17.35
N PRO C 124 9.25 39.75 17.42
CA PRO C 124 9.75 40.93 16.70
C PRO C 124 9.60 40.83 15.19
N PHE C 125 9.92 39.66 14.66
CA PHE C 125 9.85 39.44 13.22
C PHE C 125 8.41 39.42 12.73
N LEU C 126 7.50 38.87 13.53
CA LEU C 126 6.09 38.85 13.16
C LEU C 126 5.59 40.29 13.12
N GLN C 127 5.82 41.02 14.22
CA GLN C 127 5.38 42.40 14.33
C GLN C 127 5.93 43.30 13.21
N LYS C 128 7.19 43.10 12.86
CA LYS C 128 7.80 43.88 11.81
C LYS C 128 7.06 43.62 10.49
N ASN C 129 6.66 42.37 10.29
CA ASN C 129 5.93 41.97 9.09
C ASN C 129 4.50 42.52 9.10
N ILE C 130 3.89 42.59 10.28
CA ILE C 130 2.54 43.13 10.38
C ILE C 130 2.54 44.61 10.00
N ASP C 131 3.59 45.32 10.40
CA ASP C 131 3.72 46.74 10.09
C ASP C 131 3.87 46.85 8.59
N LEU C 132 4.71 45.98 8.02
CA LEU C 132 4.96 45.98 6.60
C LEU C 132 3.66 45.78 5.83
N LEU C 133 2.82 44.85 6.29
CA LEU C 133 1.56 44.58 5.63
C LEU C 133 0.61 45.79 5.68
N LYS C 134 0.51 46.40 6.86
CA LYS C 134 -0.35 47.57 7.04
C LYS C 134 0.08 48.75 6.19
N ASN C 135 1.39 49.00 6.15
CA ASN C 135 1.94 50.11 5.36
C ASN C 135 1.87 49.82 3.87
N ASN C 136 1.21 48.73 3.51
CA ASN C 136 1.08 48.36 2.10
C ASN C 136 -0.34 48.01 1.68
N ASP C 137 -1.31 48.60 2.38
CA ASP C 137 -2.73 48.42 2.09
C ASP C 137 -3.36 47.07 2.39
N VAL C 138 -2.73 46.29 3.25
CA VAL C 138 -3.31 45.01 3.62
C VAL C 138 -3.95 45.24 4.98
N LYS C 139 -5.25 45.01 5.06
CA LYS C 139 -5.95 45.21 6.32
C LYS C 139 -5.66 44.10 7.34
N VAL C 140 -5.05 44.51 8.45
CA VAL C 140 -4.72 43.58 9.50
C VAL C 140 -5.48 44.01 10.75
N TYR C 141 -6.48 43.22 11.08
CA TYR C 141 -7.31 43.47 12.24
C TYR C 141 -6.46 43.25 13.50
N SER C 142 -6.70 44.06 14.51
CA SER C 142 -5.96 43.95 15.75
C SER C 142 -6.63 42.94 16.65
N PRO C 143 -5.94 41.82 16.93
CA PRO C 143 -6.47 40.76 17.78
C PRO C 143 -7.15 41.28 19.05
N ASP C 144 -8.27 40.66 19.43
CA ASP C 144 -9.00 41.02 20.64
C ASP C 144 -8.28 40.34 21.80
N MET C 145 -8.23 41.00 22.95
CA MET C 145 -7.55 40.44 24.11
C MET C 145 -8.33 40.61 25.42
N ASN C 146 -7.74 40.11 26.49
CA ASN C 146 -8.33 40.20 27.82
C ASN C 146 -7.41 39.57 28.85
N ASN C 158 -3.46 37.79 30.46
CA ASN C 158 -3.73 38.42 29.13
C ASN C 158 -3.59 37.39 27.99
N ASN C 159 -4.62 37.30 27.15
CA ASN C 159 -4.61 36.35 26.03
C ASN C 159 -5.49 36.79 24.86
N ILE C 160 -5.08 36.46 23.64
CA ILE C 160 -5.86 36.85 22.48
C ILE C 160 -6.99 35.86 22.20
N THR C 161 -8.13 36.40 21.78
CA THR C 161 -9.31 35.61 21.46
C THR C 161 -9.69 35.82 20.00
N MET C 162 -10.68 35.07 19.53
CA MET C 162 -11.12 35.16 18.15
C MET C 162 -12.02 36.35 17.86
N PRO C 163 -12.18 36.71 16.56
CA PRO C 163 -13.02 37.83 16.12
C PRO C 163 -14.52 37.66 16.35
N ASN C 164 -15.11 38.69 16.95
CA ASN C 164 -16.55 38.72 17.21
C ASN C 164 -17.19 38.75 15.81
N ILE C 165 -18.38 38.19 15.66
CA ILE C 165 -18.99 38.19 14.34
C ILE C 165 -19.41 39.62 13.94
N GLU C 166 -19.72 40.44 14.94
CA GLU C 166 -20.10 41.81 14.72
C GLU C 166 -18.86 42.55 14.22
N ASN C 167 -17.78 42.42 15.00
CA ASN C 167 -16.48 43.06 14.71
C ASN C 167 -15.84 42.65 13.37
N VAL C 168 -16.03 41.39 12.98
CA VAL C 168 -15.47 40.93 11.73
C VAL C 168 -16.13 41.69 10.59
N LEU C 169 -17.43 41.91 10.71
CA LEU C 169 -18.18 42.63 9.69
C LEU C 169 -17.76 44.10 9.55
N ASN C 170 -17.55 44.79 10.67
CA ASN C 170 -17.13 46.19 10.61
C ASN C 170 -15.84 46.33 9.82
N PHE C 171 -14.83 45.56 10.21
CA PHE C 171 -13.52 45.59 9.58
C PHE C 171 -13.53 45.43 8.07
N VAL C 172 -14.35 44.52 7.58
CA VAL C 172 -14.43 44.28 6.16
C VAL C 172 -15.33 45.27 5.42
N LEU C 173 -16.54 45.48 5.94
CA LEU C 173 -17.50 46.37 5.30
C LEU C 173 -17.27 47.86 5.39
N ASN C 174 -16.32 48.30 6.22
CA ASN C 174 -16.03 49.73 6.34
C ASN C 174 -14.67 50.07 6.96
N MET D 1 -16.02 29.13 -37.78
CA MET D 1 -15.35 27.89 -37.28
C MET D 1 -16.03 26.65 -37.88
N TYR D 2 -15.27 25.58 -38.05
CA TYR D 2 -15.79 24.37 -38.69
C TYR D 2 -16.49 23.29 -37.87
N GLY D 3 -16.50 23.40 -36.56
CA GLY D 3 -17.16 22.37 -35.77
C GLY D 3 -16.20 21.64 -34.85
N LYS D 4 -16.74 20.83 -33.95
CA LYS D 4 -15.94 20.10 -32.98
C LYS D 4 -14.90 19.14 -33.55
N LEU D 5 -13.67 19.27 -33.03
CA LEU D 5 -12.54 18.46 -33.46
C LEU D 5 -11.92 17.72 -32.26
N LEU D 6 -11.66 16.43 -32.46
CA LEU D 6 -11.05 15.60 -31.43
C LEU D 6 -9.63 15.21 -31.81
N ILE D 7 -8.71 15.36 -30.87
CA ILE D 7 -7.32 14.96 -31.09
C ILE D 7 -7.07 13.69 -30.31
N CYS D 8 -6.59 12.66 -31.00
CA CYS D 8 -6.26 11.39 -30.38
C CYS D 8 -4.74 11.36 -30.37
N ALA D 9 -4.15 11.60 -29.21
CA ALA D 9 -2.69 11.63 -29.08
C ALA D 9 -2.10 10.30 -28.62
N THR D 10 -1.02 9.87 -29.28
CA THR D 10 -0.37 8.62 -28.94
C THR D 10 1.05 8.82 -28.40
N ALA D 11 1.63 7.73 -27.91
CA ALA D 11 2.97 7.77 -27.31
C ALA D 11 4.13 8.07 -28.24
N SER D 12 4.06 9.23 -28.88
CA SER D 12 5.13 9.70 -29.76
C SER D 12 5.84 10.76 -28.95
N ILE D 13 7.16 10.87 -29.10
CA ILE D 13 7.92 11.85 -28.35
C ILE D 13 7.33 13.26 -28.49
N ASN D 14 6.77 13.56 -29.66
CA ASN D 14 6.20 14.88 -29.90
C ASN D 14 4.87 15.17 -29.22
N VAL D 15 4.36 14.21 -28.46
CA VAL D 15 3.11 14.43 -27.77
C VAL D 15 3.38 15.50 -26.69
N ILE D 16 4.64 15.72 -26.36
CA ILE D 16 4.99 16.71 -25.34
C ILE D 16 4.75 18.13 -25.83
N ASN D 17 4.52 18.27 -27.13
CA ASN D 17 4.27 19.59 -27.72
C ASN D 17 2.82 19.71 -28.22
N ILE D 18 1.98 18.74 -27.87
CA ILE D 18 0.59 18.74 -28.31
C ILE D 18 -0.20 19.99 -27.88
N ASN D 19 0.21 20.61 -26.78
CA ASN D 19 -0.48 21.80 -26.29
C ASN D 19 -0.43 22.94 -27.33
N HIS D 20 0.65 23.03 -28.09
CA HIS D 20 0.80 24.06 -29.11
C HIS D 20 -0.27 23.92 -30.18
N TYR D 21 -0.54 22.69 -30.60
CA TYR D 21 -1.55 22.45 -31.62
C TYR D 21 -2.94 22.84 -31.12
N ILE D 22 -3.22 22.51 -29.87
CA ILE D 22 -4.51 22.81 -29.28
C ILE D 22 -4.89 24.28 -29.34
N VAL D 23 -4.07 25.14 -28.74
CA VAL D 23 -4.35 26.58 -28.73
C VAL D 23 -4.49 27.13 -30.15
N GLU D 24 -3.70 26.59 -31.06
CA GLU D 24 -3.73 27.02 -32.45
C GLU D 24 -5.04 26.61 -33.12
N LEU D 25 -5.41 25.34 -32.97
CA LEU D 25 -6.63 24.80 -33.55
C LEU D 25 -7.91 25.35 -32.92
N LYS D 26 -7.81 25.85 -31.68
CA LYS D 26 -8.96 26.41 -30.99
C LYS D 26 -9.52 27.61 -31.71
N GLN D 27 -8.75 28.14 -32.66
CA GLN D 27 -9.16 29.31 -33.42
C GLN D 27 -9.93 28.99 -34.70
N HIS D 28 -9.90 27.73 -35.12
CA HIS D 28 -10.60 27.35 -36.33
C HIS D 28 -11.77 26.39 -36.10
N PHE D 29 -11.80 25.74 -34.94
CA PHE D 29 -12.88 24.79 -34.66
C PHE D 29 -13.64 25.16 -33.38
N ASP D 30 -14.97 25.03 -33.45
CA ASP D 30 -15.84 25.35 -32.31
C ASP D 30 -15.27 24.84 -31.00
N GLU D 31 -14.82 23.60 -31.03
CA GLU D 31 -14.24 22.95 -29.87
C GLU D 31 -13.09 22.07 -30.32
N VAL D 32 -12.12 21.90 -29.45
CA VAL D 32 -10.99 21.02 -29.72
C VAL D 32 -10.79 20.25 -28.42
N ASN D 33 -11.19 18.98 -28.44
CA ASN D 33 -11.06 18.11 -27.28
C ASN D 33 -9.93 17.12 -27.49
N ILE D 34 -9.54 16.42 -26.44
CA ILE D 34 -8.42 15.50 -26.59
C ILE D 34 -8.61 14.18 -25.83
N LEU D 35 -7.97 13.14 -26.36
CA LEU D 35 -8.03 11.81 -25.79
C LEU D 35 -6.64 11.20 -25.98
N PHE D 36 -6.06 10.66 -24.91
CA PHE D 36 -4.71 10.08 -24.98
C PHE D 36 -4.66 8.55 -24.91
N SER D 37 -3.57 7.98 -25.41
CA SER D 37 -3.37 6.54 -25.35
C SER D 37 -2.72 6.30 -23.98
N PRO D 38 -2.97 5.14 -23.37
CA PRO D 38 -2.39 4.86 -22.05
C PRO D 38 -0.90 5.14 -21.97
N SER D 39 -0.14 4.71 -22.99
CA SER D 39 1.30 4.92 -23.00
C SER D 39 1.76 6.37 -23.10
N SER D 40 0.97 7.23 -23.72
CA SER D 40 1.36 8.62 -23.85
C SER D 40 1.41 9.31 -22.50
N LYS D 41 0.77 8.72 -21.51
CA LYS D 41 0.76 9.30 -20.16
C LYS D 41 2.12 9.21 -19.48
N ASN D 42 3.05 8.49 -20.09
CA ASN D 42 4.40 8.35 -19.55
C ASN D 42 5.27 9.49 -20.07
N PHE D 43 4.71 10.31 -20.96
CA PHE D 43 5.47 11.42 -21.53
C PHE D 43 5.06 12.76 -20.99
N ILE D 44 3.80 12.88 -20.60
CA ILE D 44 3.31 14.15 -20.09
C ILE D 44 2.24 13.97 -19.05
N ASN D 45 1.92 15.07 -18.37
CA ASN D 45 0.87 15.07 -17.37
C ASN D 45 -0.34 15.51 -18.19
N THR D 46 -1.19 14.54 -18.54
CA THR D 46 -2.36 14.84 -19.37
C THR D 46 -3.37 15.80 -18.77
N ASP D 47 -3.44 15.87 -17.45
CA ASP D 47 -4.39 16.78 -16.81
C ASP D 47 -4.16 18.24 -17.16
N VAL D 48 -2.91 18.58 -17.49
CA VAL D 48 -2.58 19.94 -17.85
C VAL D 48 -3.35 20.37 -19.10
N LEU D 49 -3.59 19.44 -20.01
CA LEU D 49 -4.31 19.76 -21.24
C LEU D 49 -5.73 20.28 -20.97
N LYS D 50 -6.22 20.06 -19.75
CA LYS D 50 -7.55 20.55 -19.39
C LYS D 50 -7.54 22.07 -19.43
N LEU D 51 -6.36 22.66 -19.34
CA LEU D 51 -6.23 24.11 -19.34
C LEU D 51 -6.29 24.71 -20.74
N PHE D 52 -6.15 23.88 -21.77
CA PHE D 52 -6.17 24.37 -23.14
C PHE D 52 -7.34 23.80 -23.93
N CYS D 53 -7.69 22.56 -23.63
CA CYS D 53 -8.79 21.89 -24.32
C CYS D 53 -10.15 22.15 -23.71
N ASP D 54 -11.19 22.00 -24.52
CA ASP D 54 -12.56 22.20 -24.05
C ASP D 54 -12.92 21.01 -23.18
N ASN D 55 -12.50 19.82 -23.61
CA ASN D 55 -12.77 18.60 -22.86
C ASN D 55 -11.66 17.55 -23.00
N LEU D 56 -11.40 16.86 -21.91
CA LEU D 56 -10.39 15.80 -21.88
C LEU D 56 -11.09 14.49 -21.56
N TYR D 57 -10.98 13.51 -22.45
CA TYR D 57 -11.60 12.22 -22.22
C TYR D 57 -10.58 11.32 -21.55
N ASP D 58 -10.84 10.97 -20.29
CA ASP D 58 -9.93 10.13 -19.51
C ASP D 58 -10.60 8.79 -19.15
N GLU D 59 -10.15 7.71 -19.78
CA GLU D 59 -10.72 6.39 -19.53
C GLU D 59 -10.38 5.80 -18.17
N ILE D 60 -9.40 6.37 -17.48
CA ILE D 60 -9.04 5.86 -16.14
C ILE D 60 -10.00 6.49 -15.14
N LYS D 61 -10.25 7.79 -15.30
CA LYS D 61 -11.15 8.49 -14.42
C LYS D 61 -12.57 7.95 -14.64
N ASP D 62 -12.88 7.62 -15.89
CA ASP D 62 -14.19 7.08 -16.23
C ASP D 62 -14.05 5.92 -17.22
N PRO D 63 -14.00 4.69 -16.71
CA PRO D 63 -13.87 3.45 -17.51
C PRO D 63 -15.06 3.12 -18.41
N LEU D 64 -16.19 3.78 -18.20
CA LEU D 64 -17.38 3.51 -18.99
C LEU D 64 -17.78 4.64 -19.94
N LEU D 65 -16.79 5.36 -20.46
CA LEU D 65 -17.02 6.46 -21.39
C LEU D 65 -17.67 5.92 -22.68
N ASN D 66 -18.68 6.62 -23.18
CA ASN D 66 -19.38 6.20 -24.40
C ASN D 66 -18.66 6.63 -25.67
N HIS D 67 -17.90 5.71 -26.25
CA HIS D 67 -17.14 6.01 -27.46
C HIS D 67 -18.01 6.39 -28.66
N ILE D 68 -19.23 5.89 -28.70
CA ILE D 68 -20.13 6.19 -29.80
C ILE D 68 -20.51 7.66 -29.76
N ASN D 69 -20.86 8.14 -28.56
CA ASN D 69 -21.22 9.54 -28.37
C ASN D 69 -20.03 10.44 -28.68
N ILE D 70 -18.85 9.99 -28.26
CA ILE D 70 -17.64 10.76 -28.51
C ILE D 70 -17.48 10.98 -30.02
N VAL D 71 -17.70 9.91 -30.79
CA VAL D 71 -17.58 10.00 -32.24
C VAL D 71 -18.66 10.89 -32.88
N GLU D 72 -19.90 10.75 -32.41
CA GLU D 72 -20.99 11.55 -32.95
C GLU D 72 -20.84 13.03 -32.60
N ASN D 73 -20.16 13.30 -31.49
CA ASN D 73 -19.94 14.67 -31.03
C ASN D 73 -18.86 15.42 -31.79
N HIS D 74 -18.17 14.75 -32.71
CA HIS D 74 -17.12 15.41 -33.47
C HIS D 74 -17.25 15.27 -34.99
N GLU D 75 -16.81 16.30 -35.71
CA GLU D 75 -16.87 16.28 -37.16
C GLU D 75 -15.51 15.83 -37.70
N TYR D 76 -14.46 16.08 -36.93
CA TYR D 76 -13.12 15.66 -37.33
C TYR D 76 -12.41 14.96 -36.18
N ILE D 77 -11.70 13.88 -36.51
CA ILE D 77 -10.96 13.12 -35.53
C ILE D 77 -9.54 12.95 -36.06
N LEU D 78 -8.59 13.59 -35.37
CA LEU D 78 -7.19 13.52 -35.77
C LEU D 78 -6.39 12.66 -34.80
N VAL D 79 -5.49 11.85 -35.33
CA VAL D 79 -4.64 11.06 -34.47
C VAL D 79 -3.32 11.79 -34.69
N LEU D 80 -3.01 12.65 -33.74
CA LEU D 80 -1.82 13.48 -33.78
C LEU D 80 -1.19 13.63 -32.40
N PRO D 81 0.07 13.15 -32.23
CA PRO D 81 0.89 12.48 -33.25
C PRO D 81 0.38 11.06 -33.36
N ALA D 82 0.63 10.41 -34.48
CA ALA D 82 0.19 9.03 -34.66
C ALA D 82 1.39 8.10 -34.66
N SER D 83 1.41 7.18 -33.71
CA SER D 83 2.51 6.22 -33.59
C SER D 83 2.35 5.07 -34.56
N ALA D 84 3.46 4.41 -34.89
CA ALA D 84 3.41 3.27 -35.78
C ALA D 84 2.45 2.26 -35.19
N ASN D 85 2.56 2.04 -33.88
CA ASN D 85 1.72 1.08 -33.16
C ASN D 85 0.21 1.31 -33.35
N THR D 86 -0.25 2.53 -33.10
CA THR D 86 -1.67 2.83 -33.24
C THR D 86 -2.12 2.74 -34.72
N ILE D 87 -1.27 3.21 -35.62
CA ILE D 87 -1.58 3.17 -37.04
C ILE D 87 -1.85 1.71 -37.42
N ASN D 88 -0.94 0.83 -37.02
CA ASN D 88 -1.08 -0.59 -37.33
C ASN D 88 -2.28 -1.24 -36.63
N LYS D 89 -2.63 -0.79 -35.44
CA LYS D 89 -3.77 -1.34 -34.73
C LYS D 89 -5.06 -0.94 -35.46
N ILE D 90 -5.15 0.34 -35.81
CA ILE D 90 -6.33 0.83 -36.52
C ILE D 90 -6.50 0.07 -37.84
N ALA D 91 -5.40 -0.10 -38.57
CA ALA D 91 -5.43 -0.80 -39.84
C ALA D 91 -5.98 -2.22 -39.70
N ASN D 92 -5.71 -2.84 -38.55
CA ASN D 92 -6.19 -4.21 -38.32
C ASN D 92 -7.47 -4.28 -37.48
N GLY D 93 -8.08 -3.13 -37.21
CA GLY D 93 -9.31 -3.11 -36.42
C GLY D 93 -9.13 -3.41 -34.95
N ILE D 94 -7.90 -3.37 -34.47
CA ILE D 94 -7.64 -3.64 -33.05
C ILE D 94 -7.98 -2.40 -32.23
N CYS D 95 -8.91 -2.57 -31.31
CA CYS D 95 -9.33 -1.47 -30.46
C CYS D 95 -9.34 -1.89 -28.98
N ASP D 96 -8.13 -2.01 -28.41
CA ASP D 96 -7.99 -2.43 -27.02
C ASP D 96 -7.86 -1.32 -25.97
N ASN D 97 -8.11 -0.08 -26.36
CA ASN D 97 -8.10 1.04 -25.44
C ASN D 97 -9.12 2.04 -26.02
N LEU D 98 -9.52 3.04 -25.23
CA LEU D 98 -10.52 4.01 -25.68
C LEU D 98 -10.18 4.73 -26.98
N LEU D 99 -8.97 5.29 -27.06
CA LEU D 99 -8.54 6.02 -28.25
C LEU D 99 -8.72 5.16 -29.50
N THR D 100 -8.18 3.97 -29.42
CA THR D 100 -8.20 3.04 -30.53
C THR D 100 -9.64 2.55 -30.83
N THR D 101 -10.49 2.50 -29.82
CA THR D 101 -11.88 2.09 -30.02
C THR D 101 -12.64 3.24 -30.71
N VAL D 102 -12.27 4.47 -30.37
CA VAL D 102 -12.89 5.64 -30.97
C VAL D 102 -12.50 5.70 -32.45
N CYS D 103 -11.25 5.37 -32.75
CA CYS D 103 -10.79 5.40 -34.14
C CYS D 103 -11.46 4.35 -35.03
N LEU D 104 -11.84 3.19 -34.45
CA LEU D 104 -12.51 2.17 -35.23
C LEU D 104 -13.91 2.66 -35.57
N THR D 105 -14.61 3.15 -34.55
CA THR D 105 -15.96 3.65 -34.71
C THR D 105 -16.05 4.83 -35.68
N GLY D 106 -15.08 5.73 -35.63
CA GLY D 106 -15.12 6.89 -36.50
C GLY D 106 -14.15 6.91 -37.67
N TYR D 107 -13.93 5.77 -38.30
CA TYR D 107 -13.00 5.68 -39.42
C TYR D 107 -13.32 6.66 -40.55
N GLN D 108 -14.59 7.04 -40.67
CA GLN D 108 -15.01 7.95 -41.73
C GLN D 108 -14.61 9.41 -41.49
N LYS D 109 -14.33 9.78 -40.25
CA LYS D 109 -13.93 11.16 -39.91
C LYS D 109 -12.47 11.21 -39.47
N LEU D 110 -11.74 10.12 -39.72
CA LEU D 110 -10.35 10.00 -39.28
C LEU D 110 -9.25 10.59 -40.16
N PHE D 111 -8.33 11.30 -39.52
CA PHE D 111 -7.18 11.91 -40.19
C PHE D 111 -5.94 11.52 -39.39
N ILE D 112 -5.02 10.81 -40.03
CA ILE D 112 -3.81 10.35 -39.35
C ILE D 112 -2.54 11.10 -39.71
N PHE D 113 -1.80 11.55 -38.69
CA PHE D 113 -0.54 12.26 -38.91
C PHE D 113 0.62 11.47 -38.30
N PRO D 114 1.21 10.57 -39.11
CA PRO D 114 2.32 9.73 -38.64
C PRO D 114 3.51 10.52 -38.10
N ASN D 115 4.12 10.00 -37.03
CA ASN D 115 5.30 10.59 -36.44
C ASN D 115 6.12 9.49 -35.79
N MET D 116 7.34 9.31 -36.29
CA MET D 116 8.23 8.28 -35.78
C MET D 116 9.59 8.47 -36.43
N ASN D 117 10.59 7.76 -35.93
CA ASN D 117 11.93 7.85 -36.50
C ASN D 117 11.86 7.28 -37.90
N ILE D 118 12.70 7.81 -38.79
CA ILE D 118 12.72 7.38 -40.18
C ILE D 118 12.86 5.87 -40.39
N ARG D 119 13.65 5.21 -39.54
CA ARG D 119 13.84 3.78 -39.67
C ARG D 119 12.55 2.99 -39.42
N MET D 120 11.73 3.45 -38.49
CA MET D 120 10.47 2.77 -38.18
C MET D 120 9.53 2.93 -39.37
N TRP D 121 9.61 4.10 -40.00
CA TRP D 121 8.78 4.44 -41.16
C TRP D 121 9.01 3.48 -42.33
N GLY D 122 10.21 2.91 -42.40
CA GLY D 122 10.50 1.98 -43.49
C GLY D 122 9.99 0.56 -43.30
N ASN D 123 9.35 0.28 -42.17
CA ASN D 123 8.85 -1.06 -41.90
C ASN D 123 7.80 -1.49 -42.93
N PRO D 124 8.01 -2.67 -43.54
CA PRO D 124 7.13 -3.25 -44.57
C PRO D 124 5.70 -3.43 -44.09
N PHE D 125 5.55 -3.92 -42.88
CA PHE D 125 4.23 -4.18 -42.31
C PHE D 125 3.48 -2.88 -42.02
N LEU D 126 4.21 -1.85 -41.58
CA LEU D 126 3.59 -0.57 -41.32
C LEU D 126 3.07 -0.01 -42.64
N GLN D 127 3.96 0.05 -43.64
CA GLN D 127 3.62 0.57 -44.97
C GLN D 127 2.45 -0.17 -45.61
N LYS D 128 2.43 -1.48 -45.47
CA LYS D 128 1.35 -2.28 -46.03
C LYS D 128 0.03 -1.86 -45.37
N ASN D 129 0.08 -1.55 -44.09
CA ASN D 129 -1.12 -1.13 -43.35
C ASN D 129 -1.53 0.28 -43.74
N ILE D 130 -0.55 1.13 -44.04
CA ILE D 130 -0.84 2.50 -44.44
C ILE D 130 -1.58 2.49 -45.78
N ASP D 131 -1.17 1.60 -46.68
CA ASP D 131 -1.82 1.47 -47.98
C ASP D 131 -3.25 1.00 -47.71
N LEU D 132 -3.38 0.01 -46.83
CA LEU D 132 -4.69 -0.53 -46.51
C LEU D 132 -5.63 0.56 -46.00
N LEU D 133 -5.11 1.43 -45.15
CA LEU D 133 -5.91 2.52 -44.59
C LEU D 133 -6.36 3.48 -45.67
N LYS D 134 -5.42 3.88 -46.53
CA LYS D 134 -5.73 4.82 -47.61
C LYS D 134 -6.75 4.26 -48.59
N ASN D 135 -6.58 2.99 -48.97
CA ASN D 135 -7.51 2.35 -49.91
C ASN D 135 -8.85 2.07 -49.26
N ASN D 136 -9.06 2.59 -48.05
CA ASN D 136 -10.31 2.39 -47.35
C ASN D 136 -10.91 3.67 -46.76
N ASP D 137 -10.58 4.80 -47.39
CA ASP D 137 -11.10 6.11 -47.00
C ASP D 137 -10.59 6.72 -45.70
N VAL D 138 -9.45 6.26 -45.22
CA VAL D 138 -8.89 6.83 -44.01
C VAL D 138 -7.77 7.76 -44.49
N LYS D 139 -7.89 9.04 -44.18
CA LYS D 139 -6.90 10.01 -44.61
C LYS D 139 -5.60 9.88 -43.82
N VAL D 140 -4.52 9.56 -44.53
CA VAL D 140 -3.21 9.42 -43.91
C VAL D 140 -2.23 10.41 -44.53
N TYR D 141 -1.68 11.28 -43.68
CA TYR D 141 -0.74 12.33 -44.09
C TYR D 141 0.70 11.82 -44.30
N SER D 142 1.37 12.35 -45.30
CA SER D 142 2.76 11.96 -45.60
C SER D 142 3.76 12.75 -44.76
N PRO D 143 4.50 12.04 -43.87
CA PRO D 143 5.51 12.57 -42.95
C PRO D 143 6.49 13.56 -43.57
N ASP D 144 6.73 14.65 -42.86
CA ASP D 144 7.68 15.67 -43.31
C ASP D 144 9.10 15.25 -42.97
N MET D 145 10.06 15.92 -43.57
CA MET D 145 11.48 15.65 -43.34
C MET D 145 12.29 16.94 -43.60
N ASN D 158 18.75 14.28 -40.58
CA ASN D 158 17.47 14.01 -41.30
C ASN D 158 16.58 13.05 -40.51
N ASN D 159 15.31 13.42 -40.33
CA ASN D 159 14.35 12.60 -39.59
C ASN D 159 12.94 13.15 -39.83
N ILE D 160 11.92 12.38 -39.44
CA ILE D 160 10.55 12.85 -39.60
C ILE D 160 10.28 13.90 -38.53
N THR D 161 9.60 14.98 -38.94
CA THR D 161 9.27 16.06 -38.02
C THR D 161 7.76 16.25 -38.00
N MET D 162 7.26 16.88 -36.95
CA MET D 162 5.83 17.13 -36.79
C MET D 162 5.26 18.01 -37.90
N PRO D 163 3.96 17.84 -38.20
CA PRO D 163 3.29 18.62 -39.24
C PRO D 163 3.12 20.09 -38.87
N ASN D 164 3.24 20.94 -39.87
CA ASN D 164 3.09 22.38 -39.70
C ASN D 164 1.60 22.69 -39.54
N ILE D 165 1.26 23.67 -38.71
CA ILE D 165 -0.14 24.03 -38.51
C ILE D 165 -0.80 24.30 -39.87
N GLU D 166 -0.05 24.99 -40.73
CA GLU D 166 -0.51 25.33 -42.07
C GLU D 166 -0.96 24.07 -42.80
N ASN D 167 -0.13 23.03 -42.72
CA ASN D 167 -0.42 21.76 -43.38
C ASN D 167 -1.58 20.98 -42.77
N VAL D 168 -1.59 20.83 -41.44
CA VAL D 168 -2.66 20.09 -40.80
C VAL D 168 -3.99 20.75 -41.16
N LEU D 169 -3.96 22.08 -41.22
CA LEU D 169 -5.15 22.86 -41.54
C LEU D 169 -5.65 22.52 -42.94
N ASN D 170 -4.74 22.48 -43.92
CA ASN D 170 -5.10 22.14 -45.29
C ASN D 170 -5.59 20.70 -45.39
N PHE D 171 -4.73 19.77 -44.99
CA PHE D 171 -5.02 18.34 -45.01
C PHE D 171 -6.37 17.96 -44.39
N VAL D 172 -6.63 18.48 -43.19
CA VAL D 172 -7.88 18.19 -42.48
C VAL D 172 -9.11 18.78 -43.12
N LEU D 173 -8.92 19.80 -43.96
CA LEU D 173 -10.06 20.43 -44.62
C LEU D 173 -10.19 20.04 -46.10
N ASN D 174 -9.07 19.95 -46.81
CA ASN D 174 -9.08 19.56 -48.22
C ASN D 174 -9.39 18.06 -48.36
N MET E 1 31.26 27.71 -27.83
CA MET E 1 30.23 27.59 -26.76
C MET E 1 30.75 28.21 -25.45
N TYR E 2 29.85 28.73 -24.63
CA TYR E 2 30.23 29.41 -23.40
C TYR E 2 30.42 28.64 -22.10
N GLY E 3 30.10 27.36 -22.09
CA GLY E 3 30.25 26.61 -20.85
C GLY E 3 28.94 26.10 -20.30
N LYS E 4 29.02 25.24 -19.30
CA LYS E 4 27.84 24.62 -18.70
C LYS E 4 26.80 25.58 -18.11
N LEU E 5 25.56 25.37 -18.50
CA LEU E 5 24.43 26.17 -18.04
C LEU E 5 23.36 25.31 -17.38
N LEU E 6 22.86 25.78 -16.24
CA LEU E 6 21.83 25.07 -15.50
C LEU E 6 20.53 25.85 -15.51
N ILE E 7 19.43 25.15 -15.80
CA ILE E 7 18.11 25.78 -15.80
C ILE E 7 17.37 25.30 -14.57
N CYS E 8 16.89 26.25 -13.78
CA CYS E 8 16.12 25.94 -12.59
C CYS E 8 14.69 26.33 -12.95
N ALA E 9 13.86 25.32 -13.23
CA ALA E 9 12.47 25.55 -13.62
C ALA E 9 11.50 25.46 -12.45
N THR E 10 10.59 26.42 -12.37
CA THR E 10 9.61 26.46 -11.31
C THR E 10 8.17 26.28 -11.82
N ALA E 11 7.25 26.11 -10.88
CA ALA E 11 5.84 25.86 -11.20
C ALA E 11 5.07 26.99 -11.87
N SER E 12 5.57 27.41 -13.02
CA SER E 12 4.92 28.43 -13.84
C SER E 12 4.28 27.65 -14.96
N ILE E 13 3.12 28.10 -15.44
CA ILE E 13 2.42 27.42 -16.51
C ILE E 13 3.33 27.19 -17.73
N ASN E 14 4.24 28.11 -17.98
CA ASN E 14 5.13 27.97 -19.12
C ASN E 14 6.24 26.94 -18.99
N VAL E 15 6.29 26.26 -17.85
CA VAL E 15 7.31 25.25 -17.67
C VAL E 15 7.01 24.10 -18.66
N ILE E 16 5.78 24.06 -19.17
CA ILE E 16 5.40 23.02 -20.12
C ILE E 16 6.09 23.19 -21.47
N ASN E 17 6.69 24.36 -21.68
CA ASN E 17 7.38 24.65 -22.93
C ASN E 17 8.89 24.76 -22.73
N ILE E 18 9.37 24.37 -21.55
CA ILE E 18 10.79 24.45 -21.23
C ILE E 18 11.68 23.65 -22.18
N ASN E 19 11.13 22.59 -22.77
CA ASN E 19 11.91 21.77 -23.69
C ASN E 19 12.40 22.56 -24.89
N HIS E 20 11.62 23.55 -25.33
CA HIS E 20 12.01 24.39 -26.46
C HIS E 20 13.28 25.18 -26.16
N TYR E 21 13.37 25.72 -24.96
CA TYR E 21 14.55 26.49 -24.57
C TYR E 21 15.79 25.60 -24.52
N ILE E 22 15.63 24.38 -24.03
CA ILE E 22 16.73 23.45 -23.91
C ILE E 22 17.44 23.19 -25.24
N VAL E 23 16.70 22.66 -26.21
CA VAL E 23 17.28 22.35 -27.50
C VAL E 23 17.94 23.59 -28.13
N GLU E 24 17.32 24.74 -27.93
CA GLU E 24 17.83 25.99 -28.47
C GLU E 24 19.15 26.39 -27.79
N LEU E 25 19.16 26.34 -26.47
CA LEU E 25 20.34 26.69 -25.69
C LEU E 25 21.48 25.68 -25.83
N LYS E 26 21.15 24.44 -26.21
CA LYS E 26 22.17 23.41 -26.37
C LYS E 26 23.16 23.78 -27.47
N GLN E 27 22.81 24.78 -28.26
CA GLN E 27 23.67 25.21 -29.35
C GLN E 27 24.68 26.28 -28.97
N HIS E 28 24.49 26.91 -27.82
CA HIS E 28 25.41 27.96 -27.38
C HIS E 28 26.22 27.60 -26.13
N PHE E 29 25.78 26.60 -25.38
CA PHE E 29 26.49 26.20 -24.16
C PHE E 29 26.92 24.75 -24.19
N ASP E 30 28.15 24.50 -23.74
CA ASP E 30 28.72 23.16 -23.72
C ASP E 30 27.71 22.13 -23.26
N GLU E 31 27.01 22.47 -22.17
CA GLU E 31 26.00 21.61 -21.59
C GLU E 31 24.87 22.47 -21.09
N VAL E 32 23.68 21.90 -21.07
CA VAL E 32 22.51 22.57 -20.55
C VAL E 32 21.78 21.52 -19.73
N ASN E 33 21.87 21.65 -18.41
CA ASN E 33 21.25 20.72 -17.49
C ASN E 33 20.02 21.35 -16.85
N ILE E 34 19.21 20.56 -16.20
CA ILE E 34 18.00 21.11 -15.61
C ILE E 34 17.66 20.56 -14.23
N LEU E 35 16.98 21.39 -13.43
CA LEU E 35 16.58 21.06 -12.08
C LEU E 35 15.18 21.67 -11.89
N PHE E 36 14.23 20.90 -11.39
CA PHE E 36 12.87 21.40 -11.20
C PHE E 36 12.47 21.58 -9.74
N SER E 37 11.46 22.42 -9.52
CA SER E 37 10.93 22.64 -8.18
C SER E 37 9.91 21.53 -7.99
N PRO E 38 9.69 21.08 -6.75
CA PRO E 38 8.71 20.00 -6.49
C PRO E 38 7.35 20.25 -7.15
N SER E 39 6.86 21.47 -7.05
CA SER E 39 5.56 21.80 -7.61
C SER E 39 5.48 21.77 -9.13
N SER E 40 6.59 22.03 -9.80
CA SER E 40 6.57 22.03 -11.26
C SER E 40 6.31 20.64 -11.82
N LYS E 41 6.48 19.62 -10.98
CA LYS E 41 6.26 18.24 -11.40
C LYS E 41 4.77 17.93 -11.58
N ASN E 42 3.91 18.88 -11.20
CA ASN E 42 2.46 18.72 -11.37
C ASN E 42 2.04 19.24 -12.73
N PHE E 43 2.99 19.80 -13.48
CA PHE E 43 2.68 20.35 -14.79
C PHE E 43 3.21 19.49 -15.91
N ILE E 44 4.32 18.82 -15.66
CA ILE E 44 4.92 18.00 -16.70
C ILE E 44 5.61 16.76 -16.16
N ASN E 45 5.96 15.87 -17.06
CA ASN E 45 6.66 14.66 -16.69
C ASN E 45 8.12 15.08 -16.87
N THR E 46 8.79 15.37 -15.77
CA THR E 46 10.18 15.82 -15.82
C THR E 46 11.18 14.84 -16.41
N ASP E 47 10.88 13.54 -16.36
CA ASP E 47 11.81 12.56 -16.91
C ASP E 47 12.02 12.73 -18.40
N VAL E 48 11.02 13.26 -19.08
CA VAL E 48 11.11 13.48 -20.52
C VAL E 48 12.26 14.40 -20.88
N LEU E 49 12.54 15.37 -20.00
CA LEU E 49 13.63 16.30 -20.25
C LEU E 49 14.98 15.62 -20.36
N LYS E 50 15.06 14.37 -19.88
CA LYS E 50 16.32 13.64 -19.97
C LYS E 50 16.67 13.43 -21.44
N LEU E 51 15.66 13.51 -22.30
CA LEU E 51 15.86 13.32 -23.73
C LEU E 51 16.44 14.54 -24.43
N PHE E 52 16.40 15.69 -23.77
CA PHE E 52 16.92 16.92 -24.36
C PHE E 52 18.10 17.48 -23.60
N CYS E 53 18.08 17.33 -22.28
CA CYS E 53 19.15 17.82 -21.43
C CYS E 53 20.31 16.86 -21.27
N ASP E 54 21.47 17.41 -20.93
CA ASP E 54 22.65 16.59 -20.72
C ASP E 54 22.48 15.86 -19.40
N ASN E 55 21.94 16.55 -18.41
CA ASN E 55 21.71 15.97 -17.09
C ASN E 55 20.49 16.56 -16.41
N LEU E 56 19.78 15.71 -15.68
CA LEU E 56 18.60 16.11 -14.93
C LEU E 56 18.88 15.82 -13.45
N TYR E 57 18.80 16.85 -12.62
CA TYR E 57 19.03 16.68 -11.19
C TYR E 57 17.69 16.46 -10.53
N ASP E 58 17.48 15.25 -10.00
CA ASP E 58 16.23 14.86 -9.35
C ASP E 58 16.47 14.57 -7.87
N GLU E 59 15.96 15.45 -7.00
CA GLU E 59 16.14 15.29 -5.56
C GLU E 59 15.31 14.17 -4.95
N ILE E 60 14.34 13.67 -5.69
CA ILE E 60 13.53 12.57 -5.17
C ILE E 60 14.28 11.27 -5.41
N LYS E 61 14.84 11.14 -6.61
CA LYS E 61 15.61 9.97 -6.97
C LYS E 61 16.86 9.91 -6.12
N ASP E 62 17.43 11.09 -5.84
CA ASP E 62 18.63 11.19 -5.01
C ASP E 62 18.51 12.36 -4.02
N PRO E 63 18.04 12.09 -2.80
CA PRO E 63 17.86 13.09 -1.73
C PRO E 63 19.15 13.72 -1.20
N LEU E 64 20.30 13.11 -1.50
CA LEU E 64 21.57 13.63 -1.01
C LEU E 64 22.47 14.24 -2.09
N LEU E 65 21.84 14.87 -3.09
CA LEU E 65 22.57 15.52 -4.17
C LEU E 65 23.41 16.67 -3.62
N ASN E 66 24.65 16.79 -4.08
CA ASN E 66 25.56 17.84 -3.61
C ASN E 66 25.33 19.17 -4.34
N HIS E 67 24.59 20.08 -3.71
CA HIS E 67 24.27 21.38 -4.32
C HIS E 67 25.50 22.24 -4.57
N ILE E 68 26.54 22.06 -3.76
CA ILE E 68 27.76 22.84 -3.93
C ILE E 68 28.43 22.46 -5.24
N ASN E 69 28.52 21.16 -5.49
CA ASN E 69 29.11 20.66 -6.73
C ASN E 69 28.28 21.09 -7.92
N ILE E 70 26.97 21.06 -7.76
CA ILE E 70 26.09 21.47 -8.85
C ILE E 70 26.41 22.91 -9.25
N VAL E 71 26.59 23.77 -8.25
CA VAL E 71 26.91 25.17 -8.51
C VAL E 71 28.29 25.37 -9.14
N GLU E 72 29.28 24.65 -8.64
CA GLU E 72 30.64 24.78 -9.18
C GLU E 72 30.71 24.22 -10.60
N ASN E 73 29.84 23.29 -10.92
CA ASN E 73 29.81 22.66 -12.24
C ASN E 73 29.19 23.54 -13.33
N HIS E 74 28.66 24.70 -12.96
CA HIS E 74 28.04 25.57 -13.95
C HIS E 74 28.55 27.00 -13.92
N GLU E 75 28.57 27.62 -15.10
CA GLU E 75 29.01 29.01 -15.22
C GLU E 75 27.80 29.93 -15.17
N TYR E 76 26.65 29.42 -15.60
CA TYR E 76 25.42 30.19 -15.60
C TYR E 76 24.28 29.39 -14.99
N ILE E 77 23.47 30.05 -14.18
CA ILE E 77 22.32 29.42 -13.54
C ILE E 77 21.12 30.31 -13.81
N LEU E 78 20.17 29.79 -14.58
CA LEU E 78 18.96 30.51 -14.92
C LEU E 78 17.77 29.94 -14.21
N VAL E 79 16.89 30.79 -13.71
CA VAL E 79 15.67 30.30 -13.09
C VAL E 79 14.66 30.71 -14.16
N LEU E 80 14.27 29.74 -14.96
CA LEU E 80 13.38 29.94 -16.08
C LEU E 80 12.44 28.75 -16.28
N PRO E 81 11.12 28.97 -16.13
CA PRO E 81 10.49 30.26 -15.78
C PRO E 81 10.66 30.46 -14.29
N ALA E 82 10.62 31.72 -13.86
CA ALA E 82 10.77 32.02 -12.44
C ALA E 82 9.42 32.47 -11.85
N SER E 83 8.92 31.71 -10.89
CA SER E 83 7.65 32.01 -10.23
C SER E 83 7.83 33.11 -9.17
N ALA E 84 6.73 33.78 -8.84
CA ALA E 84 6.77 34.80 -7.82
C ALA E 84 7.28 34.17 -6.53
N ASN E 85 6.77 32.98 -6.23
CA ASN E 85 7.14 32.25 -5.03
C ASN E 85 8.64 32.01 -4.88
N THR E 86 9.28 31.47 -5.91
CA THR E 86 10.71 31.20 -5.85
C THR E 86 11.52 32.50 -5.80
N ILE E 87 11.08 33.51 -6.54
CA ILE E 87 11.76 34.79 -6.55
C ILE E 87 11.80 35.31 -5.11
N ASN E 88 10.64 35.32 -4.46
CA ASN E 88 10.53 35.81 -3.09
C ASN E 88 11.31 34.97 -2.09
N LYS E 89 11.40 33.66 -2.32
CA LYS E 89 12.16 32.80 -1.43
C LYS E 89 13.65 33.11 -1.55
N ILE E 90 14.13 33.23 -2.79
CA ILE E 90 15.54 33.53 -3.04
C ILE E 90 15.90 34.85 -2.39
N ALA E 91 15.05 35.86 -2.58
CA ALA E 91 15.27 37.18 -2.01
C ALA E 91 15.39 37.14 -0.48
N ASN E 92 14.70 36.19 0.15
CA ASN E 92 14.77 36.08 1.61
C ASN E 92 15.71 34.98 2.09
N GLY E 93 16.47 34.39 1.16
CA GLY E 93 17.40 33.34 1.53
C GLY E 93 16.76 32.01 1.91
N ILE E 94 15.47 31.87 1.61
CA ILE E 94 14.80 30.62 1.95
C ILE E 94 15.15 29.53 0.94
N CYS E 95 15.75 28.45 1.43
CA CYS E 95 16.15 27.35 0.58
C CYS E 95 15.63 26.01 1.12
N ASP E 96 14.32 25.78 0.98
CA ASP E 96 13.70 24.56 1.47
C ASP E 96 13.53 23.42 0.47
N ASN E 97 14.17 23.54 -0.69
CA ASN E 97 14.15 22.47 -1.70
C ASN E 97 15.48 22.59 -2.45
N LEU E 98 15.84 21.59 -3.23
CA LEU E 98 17.12 21.62 -3.94
C LEU E 98 17.32 22.83 -4.85
N LEU E 99 16.33 23.12 -5.68
CA LEU E 99 16.43 24.23 -6.61
C LEU E 99 16.76 25.52 -5.88
N THR E 100 15.98 25.79 -4.86
CA THR E 100 16.12 26.98 -4.08
C THR E 100 17.43 27.00 -3.26
N THR E 101 17.94 25.82 -2.91
CA THR E 101 19.20 25.73 -2.18
C THR E 101 20.36 26.00 -3.15
N VAL E 102 20.19 25.57 -4.39
CA VAL E 102 21.20 25.80 -5.41
C VAL E 102 21.26 27.30 -5.73
N CYS E 103 20.10 27.97 -5.74
CA CYS E 103 20.06 29.40 -6.02
C CYS E 103 20.69 30.24 -4.91
N LEU E 104 20.63 29.77 -3.67
CA LEU E 104 21.24 30.52 -2.58
C LEU E 104 22.75 30.45 -2.72
N THR E 105 23.24 29.23 -2.91
CA THR E 105 24.67 28.97 -3.05
C THR E 105 25.27 29.68 -4.26
N GLY E 106 24.54 29.71 -5.37
CA GLY E 106 25.07 30.34 -6.57
C GLY E 106 24.49 31.69 -6.96
N TYR E 107 24.24 32.55 -5.97
CA TYR E 107 23.67 33.87 -6.25
C TYR E 107 24.50 34.71 -7.21
N GLN E 108 25.80 34.45 -7.25
CA GLN E 108 26.69 35.20 -8.13
C GLN E 108 26.58 34.83 -9.61
N LYS E 109 26.04 33.65 -9.93
CA LYS E 109 25.89 33.20 -11.31
C LYS E 109 24.41 33.13 -11.68
N LEU E 110 23.57 33.75 -10.86
CA LEU E 110 22.13 33.69 -11.05
C LEU E 110 21.46 34.68 -11.99
N PHE E 111 20.59 34.17 -12.86
CA PHE E 111 19.83 34.99 -13.81
C PHE E 111 18.35 34.60 -13.69
N ILE E 112 17.51 35.55 -13.29
CA ILE E 112 16.10 35.29 -13.09
C ILE E 112 15.17 35.83 -14.18
N PHE E 113 14.32 34.96 -14.71
CA PHE E 113 13.35 35.35 -15.74
C PHE E 113 11.93 35.19 -15.23
N PRO E 114 11.39 36.23 -14.58
CA PRO E 114 10.03 36.21 -14.03
C PRO E 114 8.94 35.86 -15.03
N ASN E 115 7.97 35.07 -14.59
CA ASN E 115 6.82 34.69 -15.41
C ASN E 115 5.63 34.45 -14.50
N MET E 116 4.60 35.26 -14.68
CA MET E 116 3.39 35.17 -13.88
C MET E 116 2.35 36.09 -14.49
N ASN E 117 1.12 35.98 -14.02
CA ASN E 117 0.05 36.83 -14.51
C ASN E 117 0.38 38.26 -14.08
N ILE E 118 -0.05 39.23 -14.89
CA ILE E 118 0.23 40.63 -14.62
C ILE E 118 -0.19 41.10 -13.22
N ARG E 119 -1.31 40.60 -12.71
CA ARG E 119 -1.76 41.01 -11.38
C ARG E 119 -0.81 40.57 -10.26
N MET E 120 -0.19 39.40 -10.40
CA MET E 120 0.75 38.92 -9.39
C MET E 120 2.00 39.80 -9.44
N TRP E 121 2.36 40.22 -10.64
CA TRP E 121 3.52 41.07 -10.86
C TRP E 121 3.43 42.40 -10.11
N GLY E 122 2.21 42.87 -9.86
CA GLY E 122 2.04 44.12 -9.16
C GLY E 122 2.12 44.04 -7.66
N ASN E 123 2.33 42.85 -7.11
CA ASN E 123 2.42 42.68 -5.67
C ASN E 123 3.59 43.48 -5.09
N PRO E 124 3.31 44.31 -4.06
CA PRO E 124 4.30 45.16 -3.38
C PRO E 124 5.46 44.38 -2.79
N PHE E 125 5.16 43.27 -2.16
CA PHE E 125 6.17 42.45 -1.51
C PHE E 125 7.07 41.78 -2.54
N LEU E 126 6.50 41.38 -3.67
CA LEU E 126 7.29 40.78 -4.73
C LEU E 126 8.27 41.83 -5.25
N GLN E 127 7.72 42.98 -5.63
CA GLN E 127 8.52 44.08 -6.17
C GLN E 127 9.63 44.52 -5.23
N LYS E 128 9.32 44.60 -3.94
CA LYS E 128 10.31 45.00 -2.96
C LYS E 128 11.46 43.98 -2.96
N ASN E 129 11.12 42.70 -3.13
CA ASN E 129 12.13 41.63 -3.16
C ASN E 129 12.94 41.67 -4.44
N ILE E 130 12.30 42.06 -5.55
CA ILE E 130 12.99 42.16 -6.82
C ILE E 130 14.05 43.25 -6.75
N ASP E 131 13.71 44.35 -6.08
CA ASP E 131 14.65 45.45 -5.92
C ASP E 131 15.81 44.94 -5.07
N LEU E 132 15.47 44.23 -4.01
CA LEU E 132 16.48 43.68 -3.11
C LEU E 132 17.46 42.78 -3.86
N LEU E 133 16.93 41.97 -4.76
CA LEU E 133 17.77 41.05 -5.55
C LEU E 133 18.71 41.81 -6.46
N LYS E 134 18.17 42.81 -7.17
CA LYS E 134 18.95 43.61 -8.10
C LYS E 134 20.06 44.39 -7.40
N ASN E 135 19.73 44.99 -6.25
CA ASN E 135 20.70 45.76 -5.49
C ASN E 135 21.73 44.86 -4.81
N ASN E 136 21.70 43.57 -5.13
CA ASN E 136 22.64 42.62 -4.54
C ASN E 136 23.30 41.72 -5.56
N ASP E 137 23.42 42.21 -6.79
CA ASP E 137 24.09 41.50 -7.89
C ASP E 137 23.39 40.29 -8.48
N VAL E 138 22.09 40.17 -8.27
CA VAL E 138 21.35 39.07 -8.85
C VAL E 138 20.66 39.65 -10.08
N LYS E 139 20.96 39.11 -11.25
CA LYS E 139 20.37 39.60 -12.48
C LYS E 139 18.90 39.18 -12.62
N VAL E 140 18.03 40.18 -12.66
CA VAL E 140 16.61 39.94 -12.81
C VAL E 140 16.12 40.62 -14.08
N TYR E 141 15.73 39.81 -15.05
CA TYR E 141 15.24 40.28 -16.34
C TYR E 141 13.88 40.98 -16.20
N SER E 142 13.61 41.97 -17.04
CA SER E 142 12.33 42.68 -16.99
C SER E 142 11.35 41.93 -17.88
N PRO E 143 10.31 41.34 -17.29
CA PRO E 143 9.27 40.58 -17.98
C PRO E 143 8.79 41.24 -19.27
N ASP E 144 8.98 40.57 -20.39
CA ASP E 144 8.52 41.10 -21.67
C ASP E 144 7.01 41.20 -21.60
N MET E 145 6.46 42.35 -21.98
CA MET E 145 5.01 42.57 -21.95
C MET E 145 4.44 42.99 -23.30
N ASN E 146 3.10 43.00 -23.38
CA ASN E 146 2.38 43.40 -24.59
C ASN E 146 0.88 43.23 -24.37
N ASN E 158 -2.92 44.33 -21.10
CA ASN E 158 -1.48 44.17 -20.76
C ASN E 158 -1.20 42.81 -20.11
N ASN E 159 -0.13 42.15 -20.54
CA ASN E 159 0.24 40.83 -20.02
C ASN E 159 1.69 40.47 -20.32
N ILE E 160 2.37 39.88 -19.32
CA ILE E 160 3.77 39.50 -19.52
C ILE E 160 3.86 38.19 -20.29
N THR E 161 4.93 38.03 -21.06
CA THR E 161 5.11 36.80 -21.84
C THR E 161 6.50 36.22 -21.64
N MET E 162 6.69 34.98 -22.10
CA MET E 162 7.97 34.29 -21.97
C MET E 162 9.14 34.94 -22.70
N PRO E 163 10.36 34.75 -22.20
CA PRO E 163 11.61 35.29 -22.75
C PRO E 163 11.95 34.78 -24.14
N ASN E 164 12.01 35.71 -25.07
CA ASN E 164 12.38 35.41 -26.44
C ASN E 164 13.78 34.77 -26.28
N ILE E 165 14.07 33.71 -27.02
CA ILE E 165 15.36 33.04 -26.86
C ILE E 165 16.59 33.91 -27.18
N GLU E 166 16.47 34.86 -28.11
CA GLU E 166 17.61 35.72 -28.43
C GLU E 166 17.76 36.74 -27.30
N ASN E 167 16.67 37.01 -26.59
CA ASN E 167 16.71 37.96 -25.48
C ASN E 167 17.37 37.36 -24.23
N VAL E 168 17.01 36.13 -23.88
CA VAL E 168 17.64 35.52 -22.72
C VAL E 168 19.13 35.40 -22.99
N LEU E 169 19.46 34.95 -24.20
CA LEU E 169 20.85 34.80 -24.61
C LEU E 169 21.60 36.12 -24.41
N ASN E 170 21.00 37.21 -24.86
CA ASN E 170 21.60 38.53 -24.73
C ASN E 170 21.76 38.96 -23.27
N PHE E 171 20.72 38.73 -22.46
CA PHE E 171 20.74 39.10 -21.05
C PHE E 171 21.81 38.35 -20.25
N VAL E 172 22.01 37.08 -20.61
CA VAL E 172 22.98 36.21 -19.94
C VAL E 172 24.43 36.43 -20.34
N LEU E 173 24.70 36.43 -21.65
CA LEU E 173 26.06 36.64 -22.15
C LEU E 173 26.48 38.10 -22.01
N ASN E 174 25.79 38.98 -22.72
CA ASN E 174 26.09 40.40 -22.66
C ASN E 174 25.79 40.91 -21.24
N MET F 1 34.78 -13.07 -32.81
CA MET F 1 33.34 -12.89 -32.43
C MET F 1 32.65 -12.01 -33.47
N TYR F 2 31.34 -12.24 -33.67
CA TYR F 2 30.59 -11.53 -34.69
C TYR F 2 29.92 -10.19 -34.39
N GLY F 3 29.94 -9.75 -33.14
CA GLY F 3 29.31 -8.47 -32.86
C GLY F 3 28.15 -8.61 -31.91
N LYS F 4 27.65 -7.48 -31.42
CA LYS F 4 26.56 -7.45 -30.45
C LYS F 4 25.25 -8.11 -30.90
N LEU F 5 24.74 -8.99 -30.03
CA LEU F 5 23.51 -9.72 -30.28
C LEU F 5 22.47 -9.47 -29.18
N LEU F 6 21.24 -9.20 -29.58
CA LEU F 6 20.16 -8.96 -28.65
C LEU F 6 19.15 -10.09 -28.67
N ILE F 7 18.76 -10.57 -27.49
CA ILE F 7 17.76 -11.62 -27.38
C ILE F 7 16.47 -10.99 -26.89
N CYS F 8 15.40 -11.19 -27.63
CA CYS F 8 14.09 -10.69 -27.24
C CYS F 8 13.32 -11.93 -26.82
N ALA F 9 13.15 -12.11 -25.51
CA ALA F 9 12.46 -13.28 -24.96
C ALA F 9 10.99 -13.00 -24.66
N THR F 10 10.13 -13.95 -25.06
CA THR F 10 8.71 -13.81 -24.85
C THR F 10 8.16 -14.86 -23.88
N ALA F 11 6.89 -14.69 -23.50
CA ALA F 11 6.22 -15.58 -22.55
C ALA F 11 5.98 -17.02 -22.99
N SER F 12 7.06 -17.71 -23.34
CA SER F 12 6.99 -19.11 -23.73
C SER F 12 7.52 -19.83 -22.51
N ILE F 13 7.00 -21.03 -22.25
CA ILE F 13 7.45 -21.81 -21.10
C ILE F 13 8.97 -21.98 -21.09
N ASN F 14 9.58 -22.08 -22.26
CA ASN F 14 11.02 -22.27 -22.33
C ASN F 14 11.87 -21.05 -22.00
N VAL F 15 11.23 -19.94 -21.69
CA VAL F 15 11.98 -18.74 -21.35
C VAL F 15 12.70 -19.00 -20.02
N ILE F 16 12.27 -20.04 -19.30
CA ILE F 16 12.88 -20.38 -18.02
C ILE F 16 14.27 -20.98 -18.23
N ASN F 17 14.59 -21.32 -19.47
CA ASN F 17 15.89 -21.91 -19.78
C ASN F 17 16.73 -20.97 -20.64
N ILE F 18 16.28 -19.73 -20.78
CA ILE F 18 17.00 -18.75 -21.60
C ILE F 18 18.44 -18.49 -21.14
N ASN F 19 18.71 -18.68 -19.85
CA ASN F 19 20.05 -18.46 -19.33
C ASN F 19 21.08 -19.36 -20.00
N HIS F 20 20.66 -20.57 -20.38
CA HIS F 20 21.58 -21.51 -21.03
C HIS F 20 22.05 -20.98 -22.37
N TYR F 21 21.15 -20.37 -23.13
CA TYR F 21 21.52 -19.83 -24.43
C TYR F 21 22.50 -18.67 -24.27
N ILE F 22 22.26 -17.83 -23.27
CA ILE F 22 23.11 -16.67 -23.03
C ILE F 22 24.59 -17.02 -22.86
N VAL F 23 24.89 -17.83 -21.85
CA VAL F 23 26.27 -18.21 -21.59
C VAL F 23 26.92 -18.85 -22.83
N GLU F 24 26.13 -19.62 -23.56
CA GLU F 24 26.61 -20.29 -24.76
C GLU F 24 26.94 -19.29 -25.86
N LEU F 25 25.99 -18.39 -26.12
CA LEU F 25 26.15 -17.36 -27.15
C LEU F 25 27.22 -16.33 -26.81
N LYS F 26 27.51 -16.16 -25.52
CA LYS F 26 28.52 -15.20 -25.08
C LYS F 26 29.89 -15.52 -25.64
N GLN F 27 30.04 -16.74 -26.15
CA GLN F 27 31.31 -17.18 -26.70
C GLN F 27 31.49 -16.88 -28.19
N HIS F 28 30.41 -16.52 -28.87
CA HIS F 28 30.50 -16.21 -30.30
C HIS F 28 30.21 -14.76 -30.64
N PHE F 29 29.57 -14.02 -29.73
CA PHE F 29 29.25 -12.62 -30.01
C PHE F 29 29.85 -11.69 -28.97
N ASP F 30 30.40 -10.56 -29.44
CA ASP F 30 31.03 -9.57 -28.58
C ASP F 30 30.23 -9.33 -27.32
N GLU F 31 28.92 -9.16 -27.50
CA GLU F 31 28.00 -8.93 -26.41
C GLU F 31 26.70 -9.67 -26.71
N VAL F 32 26.01 -10.06 -25.64
CA VAL F 32 24.71 -10.71 -25.77
C VAL F 32 23.87 -10.08 -24.68
N ASN F 33 22.96 -9.22 -25.10
CA ASN F 33 22.07 -8.51 -24.20
C ASN F 33 20.67 -9.10 -24.30
N ILE F 34 19.79 -8.74 -23.37
CA ILE F 34 18.46 -9.30 -23.38
C ILE F 34 17.34 -8.30 -23.04
N LEU F 35 16.16 -8.57 -23.61
CA LEU F 35 14.98 -7.72 -23.41
C LEU F 35 13.79 -8.68 -23.31
N PHE F 36 12.97 -8.52 -22.28
CA PHE F 36 11.81 -9.40 -22.09
C PHE F 36 10.45 -8.76 -22.36
N SER F 37 9.47 -9.59 -22.65
CA SER F 37 8.11 -9.11 -22.88
C SER F 37 7.49 -9.04 -21.48
N PRO F 38 6.57 -8.10 -21.25
CA PRO F 38 5.95 -7.98 -19.92
C PRO F 38 5.46 -9.31 -19.35
N SER F 39 4.79 -10.10 -20.17
CA SER F 39 4.26 -11.39 -19.72
C SER F 39 5.31 -12.42 -19.34
N SER F 40 6.49 -12.36 -19.93
CA SER F 40 7.51 -13.35 -19.62
C SER F 40 8.01 -13.19 -18.18
N LYS F 41 7.73 -12.04 -17.58
CA LYS F 41 8.16 -11.78 -16.21
C LYS F 41 7.36 -12.60 -15.20
N ASN F 42 6.34 -13.30 -15.67
CA ASN F 42 5.51 -14.14 -14.81
C ASN F 42 6.11 -15.54 -14.75
N PHE F 43 7.15 -15.78 -15.53
CA PHE F 43 7.78 -17.10 -15.57
C PHE F 43 9.12 -17.12 -14.86
N ILE F 44 9.82 -16.00 -14.87
CA ILE F 44 11.12 -15.96 -14.24
C ILE F 44 11.42 -14.60 -13.64
N ASN F 45 12.49 -14.57 -12.84
CA ASN F 45 12.93 -13.33 -12.24
C ASN F 45 13.95 -12.84 -13.25
N THR F 46 13.56 -11.87 -14.07
CA THR F 46 14.43 -11.34 -15.10
C THR F 46 15.73 -10.70 -14.61
N ASP F 47 15.75 -10.17 -13.39
CA ASP F 47 16.96 -9.54 -12.88
C ASP F 47 18.13 -10.50 -12.80
N VAL F 48 17.83 -11.79 -12.66
CA VAL F 48 18.88 -12.81 -12.58
C VAL F 48 19.72 -12.83 -13.86
N LEU F 49 19.09 -12.55 -14.99
CA LEU F 49 19.81 -12.54 -16.25
C LEU F 49 20.92 -11.50 -16.29
N LYS F 50 20.90 -10.55 -15.36
CA LYS F 50 21.94 -9.54 -15.30
C LYS F 50 23.27 -10.20 -14.97
N LEU F 51 23.20 -11.40 -14.41
CA LEU F 51 24.39 -12.15 -14.03
C LEU F 51 25.04 -12.88 -15.20
N PHE F 52 24.32 -13.01 -16.30
CA PHE F 52 24.85 -13.70 -17.46
C PHE F 52 24.97 -12.79 -18.67
N CYS F 53 24.05 -11.86 -18.81
CA CYS F 53 24.06 -10.93 -19.93
C CYS F 53 24.91 -9.68 -19.68
N ASP F 54 25.35 -9.07 -20.77
CA ASP F 54 26.14 -7.86 -20.70
C ASP F 54 25.22 -6.71 -20.27
N ASN F 55 24.01 -6.70 -20.83
CA ASN F 55 23.03 -5.67 -20.49
C ASN F 55 21.59 -6.19 -20.53
N LEU F 56 20.78 -5.70 -19.60
CA LEU F 56 19.38 -6.07 -19.54
C LEU F 56 18.55 -4.81 -19.75
N TYR F 57 17.73 -4.79 -20.79
CA TYR F 57 16.88 -3.63 -21.05
C TYR F 57 15.55 -3.84 -20.35
N ASP F 58 15.27 -3.01 -19.35
CA ASP F 58 14.04 -3.09 -18.56
C ASP F 58 13.19 -1.84 -18.73
N GLU F 59 12.07 -1.98 -19.43
CA GLU F 59 11.19 -0.85 -19.68
C GLU F 59 10.41 -0.36 -18.46
N ILE F 60 10.38 -1.16 -17.39
CA ILE F 60 9.68 -0.74 -16.18
C ILE F 60 10.63 0.14 -15.38
N LYS F 61 11.89 -0.27 -15.31
CA LYS F 61 12.89 0.49 -14.59
C LYS F 61 13.13 1.80 -15.32
N ASP F 62 13.06 1.74 -16.65
CA ASP F 62 13.26 2.93 -17.48
C ASP F 62 12.25 2.96 -18.63
N PRO F 63 11.11 3.62 -18.43
CA PRO F 63 10.03 3.74 -19.43
C PRO F 63 10.38 4.54 -20.69
N LEU F 64 11.49 5.26 -20.66
CA LEU F 64 11.89 6.07 -21.82
C LEU F 64 13.12 5.56 -22.54
N LEU F 65 13.30 4.25 -22.56
CA LEU F 65 14.44 3.62 -23.23
C LEU F 65 14.37 3.90 -24.73
N ASN F 66 15.51 4.25 -25.33
CA ASN F 66 15.56 4.56 -26.77
C ASN F 66 15.66 3.30 -27.63
N HIS F 67 14.52 2.86 -28.17
CA HIS F 67 14.51 1.66 -29.01
C HIS F 67 15.35 1.76 -30.27
N ILE F 68 15.49 2.97 -30.81
CA ILE F 68 16.28 3.17 -32.01
C ILE F 68 17.74 2.87 -31.72
N ASN F 69 18.24 3.39 -30.60
CA ASN F 69 19.62 3.16 -30.22
C ASN F 69 19.84 1.68 -29.94
N ILE F 70 18.85 1.04 -29.31
CA ILE F 70 18.95 -0.38 -29.00
C ILE F 70 19.16 -1.15 -30.30
N VAL F 71 18.40 -0.81 -31.32
CA VAL F 71 18.52 -1.47 -32.62
C VAL F 71 19.86 -1.20 -33.32
N GLU F 72 20.31 0.04 -33.28
CA GLU F 72 21.57 0.40 -33.91
C GLU F 72 22.76 -0.23 -33.19
N ASN F 73 22.58 -0.50 -31.91
CA ASN F 73 23.64 -1.10 -31.08
C ASN F 73 23.83 -2.60 -31.31
N HIS F 74 22.97 -3.21 -32.13
CA HIS F 74 23.09 -4.64 -32.36
C HIS F 74 23.12 -5.03 -33.82
N GLU F 75 23.87 -6.09 -34.12
CA GLU F 75 23.97 -6.59 -35.48
C GLU F 75 22.94 -7.70 -35.68
N TYR F 76 22.61 -8.38 -34.61
CA TYR F 76 21.62 -9.47 -34.68
C TYR F 76 20.58 -9.31 -33.58
N ILE F 77 19.32 -9.55 -33.94
CA ILE F 77 18.21 -9.48 -33.00
C ILE F 77 17.42 -10.78 -33.11
N LEU F 78 17.46 -11.57 -32.05
CA LEU F 78 16.75 -12.84 -32.01
C LEU F 78 15.55 -12.76 -31.09
N VAL F 79 14.44 -13.34 -31.49
CA VAL F 79 13.28 -13.40 -30.64
C VAL F 79 13.29 -14.88 -30.28
N LEU F 80 13.80 -15.16 -29.09
CA LEU F 80 13.96 -16.51 -28.60
C LEU F 80 13.70 -16.61 -27.10
N PRO F 81 12.66 -17.36 -26.69
CA PRO F 81 11.74 -18.11 -27.55
C PRO F 81 10.74 -17.13 -28.12
N ALA F 82 10.14 -17.46 -29.26
CA ALA F 82 9.18 -16.57 -29.88
C ALA F 82 7.78 -17.17 -29.75
N SER F 83 6.90 -16.43 -29.07
CA SER F 83 5.53 -16.87 -28.87
C SER F 83 4.67 -16.60 -30.10
N ALA F 84 3.55 -17.32 -30.20
CA ALA F 84 2.65 -17.12 -31.32
C ALA F 84 2.20 -15.68 -31.29
N ASN F 85 1.87 -15.20 -30.09
CA ASN F 85 1.40 -13.83 -29.91
C ASN F 85 2.34 -12.78 -30.47
N THR F 86 3.62 -12.84 -30.10
CA THR F 86 4.58 -11.85 -30.58
C THR F 86 4.83 -11.98 -32.08
N ILE F 87 4.88 -13.21 -32.56
CA ILE F 87 5.08 -13.45 -33.99
C ILE F 87 3.96 -12.72 -34.74
N ASN F 88 2.73 -12.97 -34.33
CA ASN F 88 1.59 -12.35 -34.99
C ASN F 88 1.56 -10.83 -34.86
N LYS F 89 2.06 -10.31 -33.74
CA LYS F 89 2.10 -8.87 -33.55
C LYS F 89 3.11 -8.26 -34.52
N ILE F 90 4.30 -8.85 -34.56
CA ILE F 90 5.35 -8.36 -35.45
C ILE F 90 4.85 -8.38 -36.89
N ALA F 91 4.22 -9.48 -37.28
CA ALA F 91 3.70 -9.61 -38.63
C ALA F 91 2.72 -8.49 -38.98
N ASN F 92 1.97 -8.00 -37.99
CA ASN F 92 1.00 -6.94 -38.25
C ASN F 92 1.50 -5.56 -37.86
N GLY F 93 2.77 -5.45 -37.51
CA GLY F 93 3.34 -4.16 -37.14
C GLY F 93 2.90 -3.62 -35.79
N ILE F 94 2.28 -4.47 -34.99
CA ILE F 94 1.84 -4.04 -33.67
C ILE F 94 3.02 -4.00 -32.71
N CYS F 95 3.27 -2.82 -32.16
CA CYS F 95 4.37 -2.63 -31.24
C CYS F 95 3.93 -1.91 -29.97
N ASP F 96 3.19 -2.63 -29.13
CA ASP F 96 2.65 -2.05 -27.89
C ASP F 96 3.50 -2.23 -26.63
N ASN F 97 4.72 -2.74 -26.78
CA ASN F 97 5.64 -2.89 -25.66
C ASN F 97 7.05 -2.69 -26.24
N LEU F 98 8.05 -2.52 -25.39
CA LEU F 98 9.40 -2.27 -25.89
C LEU F 98 9.95 -3.36 -26.82
N LEU F 99 9.84 -4.61 -26.41
CA LEU F 99 10.35 -5.73 -27.20
C LEU F 99 9.80 -5.67 -28.62
N THR F 100 8.49 -5.58 -28.67
CA THR F 100 7.77 -5.55 -29.92
C THR F 100 8.07 -4.28 -30.74
N THR F 101 8.39 -3.18 -30.07
CA THR F 101 8.72 -1.93 -30.76
C THR F 101 10.12 -2.06 -31.34
N VAL F 102 10.99 -2.76 -30.61
CA VAL F 102 12.35 -2.99 -31.07
C VAL F 102 12.32 -3.88 -32.32
N CYS F 103 11.42 -4.86 -32.33
CA CYS F 103 11.32 -5.76 -33.47
C CYS F 103 10.79 -5.10 -34.73
N LEU F 104 9.94 -4.07 -34.58
CA LEU F 104 9.41 -3.36 -35.74
C LEU F 104 10.55 -2.55 -36.35
N THR F 105 11.24 -1.82 -35.50
CA THR F 105 12.35 -0.98 -35.93
C THR F 105 13.48 -1.78 -36.57
N GLY F 106 13.79 -2.94 -36.02
CA GLY F 106 14.89 -3.74 -36.57
C GLY F 106 14.51 -4.97 -37.35
N TYR F 107 13.46 -4.89 -38.16
CA TYR F 107 13.00 -6.03 -38.96
C TYR F 107 14.08 -6.61 -39.86
N GLN F 108 15.04 -5.77 -40.26
CA GLN F 108 16.11 -6.20 -41.13
C GLN F 108 17.18 -7.07 -40.45
N LYS F 109 17.28 -7.01 -39.12
CA LYS F 109 18.26 -7.81 -38.38
C LYS F 109 17.55 -8.86 -37.53
N LEU F 110 16.27 -9.09 -37.82
CA LEU F 110 15.46 -10.01 -37.04
C LEU F 110 15.49 -11.50 -37.38
N PHE F 111 15.62 -12.32 -36.34
CA PHE F 111 15.63 -13.78 -36.47
C PHE F 111 14.64 -14.35 -35.46
N ILE F 112 13.61 -15.02 -35.95
CA ILE F 112 12.57 -15.58 -35.10
C ILE F 112 12.63 -17.09 -34.90
N PHE F 113 12.61 -17.50 -33.63
CA PHE F 113 12.64 -18.92 -33.28
C PHE F 113 11.33 -19.30 -32.57
N PRO F 114 10.32 -19.70 -33.34
CA PRO F 114 9.02 -20.09 -32.77
C PRO F 114 9.09 -21.21 -31.74
N ASN F 115 8.26 -21.08 -30.70
CA ASN F 115 8.16 -22.10 -29.66
C ASN F 115 6.76 -22.04 -29.09
N MET F 116 6.04 -23.15 -29.21
CA MET F 116 4.67 -23.26 -28.73
C MET F 116 4.24 -24.71 -28.88
N ASN F 117 3.08 -25.05 -28.30
CA ASN F 117 2.56 -26.39 -28.41
C ASN F 117 2.19 -26.61 -29.87
N ILE F 118 2.30 -27.85 -30.33
CA ILE F 118 2.00 -28.19 -31.71
C ILE F 118 0.62 -27.73 -32.21
N ARG F 119 -0.39 -27.78 -31.36
CA ARG F 119 -1.73 -27.36 -31.75
C ARG F 119 -1.81 -25.87 -32.08
N MET F 120 -1.04 -25.05 -31.35
CA MET F 120 -1.05 -23.61 -31.61
C MET F 120 -0.36 -23.35 -32.94
N TRP F 121 0.65 -24.16 -33.22
CA TRP F 121 1.42 -24.05 -34.45
C TRP F 121 0.56 -24.24 -35.70
N GLY F 122 -0.53 -25.00 -35.58
CA GLY F 122 -1.39 -25.25 -36.71
C GLY F 122 -2.41 -24.15 -36.98
N ASN F 123 -2.40 -23.08 -36.20
CA ASN F 123 -3.35 -22.00 -36.41
C ASN F 123 -3.15 -21.34 -37.77
N PRO F 124 -4.25 -21.21 -38.55
CA PRO F 124 -4.25 -20.61 -39.89
C PRO F 124 -3.73 -19.19 -39.93
N PHE F 125 -4.18 -18.40 -38.96
CA PHE F 125 -3.79 -17.00 -38.88
C PHE F 125 -2.31 -16.85 -38.52
N LEU F 126 -1.81 -17.74 -37.68
CA LEU F 126 -0.40 -17.69 -37.33
C LEU F 126 0.42 -17.98 -38.57
N GLN F 127 0.11 -19.11 -39.21
CA GLN F 127 0.82 -19.54 -40.42
C GLN F 127 0.79 -18.50 -41.53
N LYS F 128 -0.36 -17.85 -41.72
CA LYS F 128 -0.49 -16.83 -42.73
C LYS F 128 0.48 -15.69 -42.42
N ASN F 129 0.64 -15.38 -41.13
CA ASN F 129 1.55 -14.32 -40.69
C ASN F 129 3.00 -14.73 -40.84
N ILE F 130 3.28 -16.02 -40.63
CA ILE F 130 4.64 -16.51 -40.78
C ILE F 130 5.08 -16.38 -42.23
N ASP F 131 4.16 -16.66 -43.15
CA ASP F 131 4.46 -16.55 -44.57
C ASP F 131 4.73 -15.09 -44.86
N LEU F 132 3.86 -14.23 -44.34
CA LEU F 132 4.01 -12.80 -44.54
C LEU F 132 5.39 -12.31 -44.10
N LEU F 133 5.84 -12.80 -42.94
CA LEU F 133 7.14 -12.40 -42.41
C LEU F 133 8.27 -12.85 -43.31
N LYS F 134 8.23 -14.12 -43.73
CA LYS F 134 9.26 -14.67 -44.60
C LYS F 134 9.33 -13.95 -45.94
N ASN F 135 8.17 -13.67 -46.53
CA ASN F 135 8.12 -12.98 -47.82
C ASN F 135 8.49 -11.51 -47.69
N ASN F 136 8.97 -11.12 -46.51
CA ASN F 136 9.36 -9.74 -46.28
C ASN F 136 10.72 -9.60 -45.60
N ASP F 137 11.58 -10.59 -45.83
CA ASP F 137 12.94 -10.59 -45.32
C ASP F 137 13.15 -10.79 -43.83
N VAL F 138 12.15 -11.34 -43.16
CA VAL F 138 12.31 -11.61 -41.74
C VAL F 138 12.60 -13.10 -41.64
N LYS F 139 13.75 -13.44 -41.07
CA LYS F 139 14.13 -14.83 -40.94
C LYS F 139 13.34 -15.55 -39.86
N VAL F 140 12.59 -16.56 -40.27
CA VAL F 140 11.79 -17.35 -39.35
C VAL F 140 12.25 -18.79 -39.44
N TYR F 141 12.88 -19.26 -38.38
CA TYR F 141 13.40 -20.61 -38.29
C TYR F 141 12.25 -21.63 -38.26
N SER F 142 12.46 -22.81 -38.85
CA SER F 142 11.43 -23.84 -38.84
C SER F 142 11.57 -24.58 -37.54
N PRO F 143 10.58 -24.47 -36.65
CA PRO F 143 10.63 -25.14 -35.35
C PRO F 143 11.04 -26.61 -35.41
N ASP F 144 12.07 -26.95 -34.65
CA ASP F 144 12.54 -28.33 -34.61
C ASP F 144 11.40 -29.18 -34.05
N MET F 145 11.35 -30.46 -34.43
CA MET F 145 10.30 -31.35 -33.95
C MET F 145 10.87 -32.68 -33.50
N ASN F 146 10.31 -33.23 -32.43
CA ASN F 146 10.77 -34.50 -31.91
C ASN F 146 9.64 -35.35 -31.33
N LYS F 147 9.79 -36.67 -31.45
CA LYS F 147 8.81 -37.63 -30.96
C LYS F 147 8.78 -37.61 -29.43
N SER F 148 7.61 -37.35 -28.87
CA SER F 148 7.47 -37.31 -27.42
C SER F 148 6.13 -37.86 -26.97
N PHE F 149 6.12 -38.48 -25.79
CA PHE F 149 4.90 -39.05 -25.26
C PHE F 149 4.01 -37.97 -24.68
N GLU F 150 2.71 -38.05 -25.00
CA GLU F 150 1.73 -37.09 -24.52
C GLU F 150 0.76 -37.81 -23.59
N ILE F 151 0.90 -37.60 -22.29
CA ILE F 151 0.03 -38.24 -21.30
C ILE F 151 -1.45 -37.97 -21.56
N SER F 152 -1.75 -36.80 -22.12
CA SER F 152 -3.13 -36.41 -22.44
C SER F 152 -3.82 -37.49 -23.25
N SER F 153 -3.31 -37.72 -24.45
CA SER F 153 -3.85 -38.71 -25.36
C SER F 153 -3.29 -40.12 -25.12
N GLY F 154 -2.23 -40.20 -24.32
CA GLY F 154 -1.63 -41.50 -24.05
C GLY F 154 -0.98 -42.04 -25.30
N ARG F 155 -0.59 -41.12 -26.18
CA ARG F 155 0.03 -41.46 -27.45
C ARG F 155 1.29 -40.62 -27.69
N TYR F 156 2.18 -41.11 -28.55
CA TYR F 156 3.40 -40.37 -28.89
C TYR F 156 3.01 -39.39 -29.98
N LYS F 157 3.29 -38.12 -29.74
CA LYS F 157 2.96 -37.09 -30.70
C LYS F 157 4.27 -36.41 -31.06
N ASN F 158 4.31 -35.74 -32.20
CA ASN F 158 5.52 -35.02 -32.57
C ASN F 158 5.38 -33.65 -31.90
N ASN F 159 6.34 -33.30 -31.05
CA ASN F 159 6.31 -32.02 -30.33
C ASN F 159 7.33 -31.00 -30.80
N ILE F 160 6.99 -29.73 -30.68
CA ILE F 160 7.93 -28.70 -31.06
C ILE F 160 8.95 -28.57 -29.93
N THR F 161 10.22 -28.52 -30.29
CA THR F 161 11.30 -28.40 -29.31
C THR F 161 12.15 -27.16 -29.55
N MET F 162 12.89 -26.76 -28.53
CA MET F 162 13.75 -25.60 -28.58
C MET F 162 15.00 -25.79 -29.44
N PRO F 163 15.40 -24.72 -30.16
CA PRO F 163 16.58 -24.70 -31.04
C PRO F 163 17.85 -25.23 -30.39
N ASN F 164 18.72 -25.75 -31.23
CA ASN F 164 20.00 -26.30 -30.82
C ASN F 164 21.00 -25.15 -30.94
N ILE F 165 21.99 -25.08 -30.06
CA ILE F 165 22.98 -24.00 -30.12
C ILE F 165 23.63 -23.91 -31.50
N GLU F 166 24.03 -25.07 -32.04
CA GLU F 166 24.64 -25.06 -33.37
C GLU F 166 23.58 -24.54 -34.34
N ASN F 167 22.37 -25.06 -34.23
CA ASN F 167 21.27 -24.65 -35.10
C ASN F 167 20.87 -23.18 -35.03
N VAL F 168 21.12 -22.53 -33.90
CA VAL F 168 20.78 -21.10 -33.80
C VAL F 168 21.88 -20.26 -34.44
N LEU F 169 23.14 -20.61 -34.18
CA LEU F 169 24.27 -19.90 -34.75
C LEU F 169 24.28 -20.08 -36.26
N ASN F 170 24.07 -21.31 -36.70
CA ASN F 170 24.05 -21.61 -38.13
C ASN F 170 22.96 -20.79 -38.81
N PHE F 171 21.74 -20.84 -38.28
CA PHE F 171 20.62 -20.10 -38.86
C PHE F 171 20.84 -18.58 -38.87
N VAL F 172 21.54 -18.09 -37.86
CA VAL F 172 21.80 -16.67 -37.74
C VAL F 172 22.93 -16.18 -38.64
N LEU F 173 24.09 -16.84 -38.54
CA LEU F 173 25.25 -16.46 -39.34
C LEU F 173 25.19 -16.83 -40.82
N ASN F 174 24.49 -17.91 -41.16
CA ASN F 174 24.38 -18.36 -42.55
C ASN F 174 23.30 -17.61 -43.33
N MET G 1 -27.05 -34.62 -22.82
CA MET G 1 -26.23 -33.38 -22.88
C MET G 1 -25.06 -33.58 -23.85
N TYR G 2 -24.61 -32.48 -24.48
CA TYR G 2 -23.56 -32.55 -25.49
C TYR G 2 -22.10 -32.48 -25.09
N GLY G 3 -21.79 -32.23 -23.83
CA GLY G 3 -20.39 -32.15 -23.45
C GLY G 3 -20.00 -30.77 -22.96
N LYS G 4 -18.80 -30.67 -22.39
CA LYS G 4 -18.31 -29.40 -21.84
C LYS G 4 -18.22 -28.22 -22.81
N LEU G 5 -18.79 -27.09 -22.36
CA LEU G 5 -18.80 -25.87 -23.15
C LEU G 5 -18.16 -24.71 -22.38
N LEU G 6 -17.32 -23.96 -23.07
CA LEU G 6 -16.62 -22.82 -22.47
C LEU G 6 -17.11 -21.52 -23.08
N ILE G 7 -17.42 -20.55 -22.22
CA ILE G 7 -17.86 -19.24 -22.68
C ILE G 7 -16.71 -18.26 -22.48
N CYS G 8 -16.33 -17.57 -23.54
CA CYS G 8 -15.27 -16.57 -23.47
C CYS G 8 -15.99 -15.25 -23.59
N ALA G 9 -16.14 -14.56 -22.46
CA ALA G 9 -16.85 -13.28 -22.44
C ALA G 9 -15.92 -12.08 -22.57
N THR G 10 -16.31 -11.12 -23.41
CA THR G 10 -15.51 -9.94 -23.63
C THR G 10 -16.23 -8.66 -23.16
N ALA G 11 -15.50 -7.56 -23.15
CA ALA G 11 -15.99 -6.26 -22.69
C ALA G 11 -17.10 -5.61 -23.52
N SER G 12 -18.20 -6.34 -23.66
CA SER G 12 -19.37 -5.84 -24.38
C SER G 12 -20.35 -5.49 -23.28
N ILE G 13 -21.14 -4.45 -23.49
CA ILE G 13 -22.10 -4.03 -22.49
C ILE G 13 -23.00 -5.19 -22.04
N ASN G 14 -23.30 -6.10 -22.96
CA ASN G 14 -24.17 -7.22 -22.63
C ASN G 14 -23.55 -8.31 -21.77
N VAL G 15 -22.28 -8.14 -21.42
CA VAL G 15 -21.63 -9.15 -20.58
C VAL G 15 -22.29 -9.13 -19.22
N ILE G 16 -23.02 -8.05 -18.92
CA ILE G 16 -23.69 -7.93 -17.63
C ILE G 16 -24.87 -8.89 -17.53
N ASN G 17 -25.27 -9.46 -18.66
CA ASN G 17 -26.39 -10.39 -18.69
C ASN G 17 -25.93 -11.82 -18.98
N ILE G 18 -24.62 -12.04 -18.97
CA ILE G 18 -24.06 -13.36 -19.28
C ILE G 18 -24.56 -14.47 -18.35
N ASN G 19 -24.94 -14.12 -17.13
CA ASN G 19 -25.42 -15.11 -16.17
C ASN G 19 -26.68 -15.82 -16.68
N HIS G 20 -27.50 -15.11 -17.45
CA HIS G 20 -28.72 -15.70 -18.00
C HIS G 20 -28.39 -16.84 -18.97
N TYR G 21 -27.38 -16.64 -19.80
CA TYR G 21 -26.99 -17.66 -20.76
C TYR G 21 -26.46 -18.91 -20.05
N ILE G 22 -25.70 -18.69 -19.00
CA ILE G 22 -25.11 -19.78 -18.24
C ILE G 22 -26.15 -20.78 -17.72
N VAL G 23 -27.07 -20.30 -16.88
CA VAL G 23 -28.08 -21.16 -16.31
C VAL G 23 -28.88 -21.87 -17.40
N GLU G 24 -29.13 -21.17 -18.50
CA GLU G 24 -29.87 -21.74 -19.63
C GLU G 24 -29.08 -22.86 -20.30
N LEU G 25 -27.82 -22.58 -20.61
CA LEU G 25 -26.94 -23.55 -21.26
C LEU G 25 -26.58 -24.73 -20.38
N LYS G 26 -26.67 -24.56 -19.06
CA LYS G 26 -26.34 -25.62 -18.13
C LYS G 26 -27.27 -26.81 -18.30
N GLN G 27 -28.36 -26.61 -19.01
CA GLN G 27 -29.33 -27.67 -19.24
C GLN G 27 -29.06 -28.51 -20.48
N HIS G 28 -28.18 -28.04 -21.36
CA HIS G 28 -27.87 -28.78 -22.58
C HIS G 28 -26.43 -29.31 -22.64
N PHE G 29 -25.53 -28.77 -21.81
CA PHE G 29 -24.15 -29.21 -21.82
C PHE G 29 -23.69 -29.71 -20.46
N ASP G 30 -22.95 -30.82 -20.47
CA ASP G 30 -22.46 -31.44 -19.24
C ASP G 30 -21.94 -30.40 -18.26
N GLU G 31 -21.15 -29.47 -18.79
CA GLU G 31 -20.57 -28.40 -18.02
C GLU G 31 -20.56 -27.13 -18.85
N VAL G 32 -20.63 -26.00 -18.18
CA VAL G 32 -20.56 -24.71 -18.85
C VAL G 32 -19.66 -23.86 -17.96
N ASN G 33 -18.42 -23.67 -18.42
CA ASN G 33 -17.43 -22.89 -17.70
C ASN G 33 -17.26 -21.53 -18.36
N ILE G 34 -16.57 -20.62 -17.68
CA ILE G 34 -16.41 -19.30 -18.24
C ILE G 34 -15.02 -18.68 -18.04
N LEU G 35 -14.64 -17.81 -18.96
CA LEU G 35 -13.34 -17.14 -18.95
C LEU G 35 -13.61 -15.73 -19.44
N PHE G 36 -13.14 -14.71 -18.72
CA PHE G 36 -13.35 -13.32 -19.11
C PHE G 36 -12.11 -12.59 -19.62
N SER G 37 -12.36 -11.53 -20.38
CA SER G 37 -11.26 -10.70 -20.88
C SER G 37 -10.98 -9.70 -19.76
N PRO G 38 -9.72 -9.27 -19.61
CA PRO G 38 -9.40 -8.30 -18.56
C PRO G 38 -10.37 -7.11 -18.48
N SER G 39 -10.68 -6.53 -19.63
CA SER G 39 -11.57 -5.38 -19.69
C SER G 39 -13.00 -5.64 -19.27
N SER G 40 -13.48 -6.86 -19.45
CA SER G 40 -14.85 -7.17 -19.07
C SER G 40 -15.05 -7.09 -17.55
N LYS G 41 -13.94 -7.12 -16.82
CA LYS G 41 -14.02 -7.05 -15.36
C LYS G 41 -14.40 -5.67 -14.87
N ASN G 42 -14.48 -4.71 -15.79
CA ASN G 42 -14.88 -3.35 -15.45
C ASN G 42 -16.40 -3.22 -15.54
N PHE G 43 -17.06 -4.28 -16.00
CA PHE G 43 -18.50 -4.24 -16.16
C PHE G 43 -19.22 -5.06 -15.11
N ILE G 44 -18.57 -6.11 -14.62
CA ILE G 44 -19.22 -6.96 -13.64
C ILE G 44 -18.23 -7.55 -12.67
N ASN G 45 -18.77 -8.13 -11.60
CA ASN G 45 -17.96 -8.78 -10.60
C ASN G 45 -17.95 -10.23 -11.10
N THR G 46 -16.85 -10.63 -11.73
CA THR G 46 -16.75 -11.96 -12.29
C THR G 46 -16.84 -13.11 -11.30
N ASP G 47 -16.49 -12.87 -10.05
CA ASP G 47 -16.56 -13.94 -9.04
C ASP G 47 -17.97 -14.46 -8.83
N VAL G 48 -18.96 -13.62 -9.09
CA VAL G 48 -20.36 -14.01 -8.93
C VAL G 48 -20.70 -15.18 -9.86
N LEU G 49 -20.10 -15.21 -11.04
CA LEU G 49 -20.37 -16.27 -12.00
C LEU G 49 -20.00 -17.66 -11.45
N LYS G 50 -19.20 -17.69 -10.38
CA LYS G 50 -18.83 -18.95 -9.77
C LYS G 50 -20.09 -19.63 -9.22
N LEU G 51 -21.14 -18.85 -9.00
CA LEU G 51 -22.38 -19.37 -8.46
C LEU G 51 -23.25 -20.03 -9.52
N PHE G 52 -22.95 -19.79 -10.79
CA PHE G 52 -23.74 -20.38 -11.86
C PHE G 52 -22.92 -21.33 -12.73
N CYS G 53 -21.65 -21.02 -12.90
CA CYS G 53 -20.77 -21.85 -13.72
C CYS G 53 -20.13 -22.98 -12.94
N ASP G 54 -19.74 -24.01 -13.67
CA ASP G 54 -19.07 -25.16 -13.06
C ASP G 54 -17.65 -24.74 -12.68
N ASN G 55 -17.01 -23.96 -13.55
CA ASN G 55 -15.66 -23.48 -13.29
C ASN G 55 -15.42 -22.10 -13.92
N LEU G 56 -14.65 -21.29 -13.18
CA LEU G 56 -14.29 -19.96 -13.65
C LEU G 56 -12.77 -19.92 -13.80
N TYR G 57 -12.29 -19.61 -15.00
CA TYR G 57 -10.86 -19.53 -15.22
C TYR G 57 -10.44 -18.09 -15.03
N ASP G 58 -9.66 -17.83 -13.98
CA ASP G 58 -9.19 -16.49 -13.66
C ASP G 58 -7.66 -16.40 -13.78
N GLU G 59 -7.20 -15.67 -14.80
CA GLU G 59 -5.76 -15.54 -15.04
C GLU G 59 -5.04 -14.64 -14.04
N ILE G 60 -5.79 -13.88 -13.24
CA ILE G 60 -5.16 -13.03 -12.23
C ILE G 60 -4.89 -13.88 -11.00
N LYS G 61 -5.87 -14.70 -10.64
CA LYS G 61 -5.73 -15.58 -9.49
C LYS G 61 -4.66 -16.61 -9.79
N ASP G 62 -4.61 -17.05 -11.05
CA ASP G 62 -3.62 -18.03 -11.48
C ASP G 62 -3.04 -17.65 -12.85
N PRO G 63 -1.90 -16.92 -12.86
CA PRO G 63 -1.21 -16.48 -14.07
C PRO G 63 -0.61 -17.59 -14.94
N LEU G 64 -0.51 -18.80 -14.40
CA LEU G 64 0.07 -19.91 -15.14
C LEU G 64 -0.94 -20.99 -15.55
N LEU G 65 -2.17 -20.57 -15.84
CA LEU G 65 -3.23 -21.49 -16.25
C LEU G 65 -2.84 -22.12 -17.59
N ASN G 66 -3.06 -23.43 -17.72
CA ASN G 66 -2.72 -24.17 -18.95
C ASN G 66 -3.80 -24.05 -20.01
N HIS G 67 -3.62 -23.14 -20.96
CA HIS G 67 -4.59 -22.91 -22.03
C HIS G 67 -4.84 -24.13 -22.92
N ILE G 68 -3.82 -24.97 -23.06
CA ILE G 68 -3.94 -26.17 -23.89
C ILE G 68 -4.94 -27.13 -23.26
N ASN G 69 -4.80 -27.34 -21.95
CA ASN G 69 -5.71 -28.21 -21.22
C ASN G 69 -7.12 -27.64 -21.25
N ILE G 70 -7.23 -26.32 -21.12
CA ILE G 70 -8.53 -25.68 -21.14
C ILE G 70 -9.22 -26.01 -22.46
N VAL G 71 -8.48 -25.93 -23.56
CA VAL G 71 -9.04 -26.23 -24.88
C VAL G 71 -9.42 -27.71 -25.06
N GLU G 72 -8.56 -28.60 -24.58
CA GLU G 72 -8.83 -30.03 -24.70
C GLU G 72 -10.00 -30.44 -23.82
N ASN G 73 -10.24 -29.69 -22.75
CA ASN G 73 -11.31 -29.99 -21.82
C ASN G 73 -12.70 -29.61 -22.31
N HIS G 74 -12.76 -28.94 -23.46
CA HIS G 74 -14.06 -28.52 -23.98
C HIS G 74 -14.32 -28.93 -25.43
N GLU G 75 -15.59 -29.19 -25.73
CA GLU G 75 -15.97 -29.58 -27.07
C GLU G 75 -16.43 -28.35 -27.84
N TYR G 76 -16.93 -27.35 -27.11
CA TYR G 76 -17.39 -26.12 -27.73
C TYR G 76 -16.82 -24.90 -26.99
N ILE G 77 -16.40 -23.91 -27.77
CA ILE G 77 -15.86 -22.69 -27.20
C ILE G 77 -16.59 -21.53 -27.86
N LEU G 78 -17.36 -20.81 -27.06
CA LEU G 78 -18.13 -19.66 -27.55
C LEU G 78 -17.55 -18.35 -27.04
N VAL G 79 -17.47 -17.36 -27.91
CA VAL G 79 -17.01 -16.06 -27.48
C VAL G 79 -18.32 -15.29 -27.51
N LEU G 80 -18.89 -15.15 -26.31
CA LEU G 80 -20.19 -14.52 -26.13
C LEU G 80 -20.23 -13.68 -24.84
N PRO G 81 -20.41 -12.34 -24.97
CA PRO G 81 -20.57 -11.61 -26.23
C PRO G 81 -19.16 -11.43 -26.83
N ALA G 82 -19.10 -11.22 -28.14
CA ALA G 82 -17.82 -11.04 -28.80
C ALA G 82 -17.66 -9.60 -29.24
N SER G 83 -16.64 -8.94 -28.72
CA SER G 83 -16.38 -7.54 -29.05
C SER G 83 -15.65 -7.42 -30.37
N ALA G 84 -15.74 -6.25 -30.99
CA ALA G 84 -15.06 -6.02 -32.26
C ALA G 84 -13.57 -6.26 -32.03
N ASN G 85 -13.06 -5.76 -30.90
CA ASN G 85 -11.65 -5.88 -30.54
C ASN G 85 -11.15 -7.32 -30.51
N THR G 86 -11.87 -8.20 -29.80
CA THR G 86 -11.43 -9.59 -29.71
C THR G 86 -11.57 -10.31 -31.06
N ILE G 87 -12.63 -9.99 -31.79
CA ILE G 87 -12.85 -10.59 -33.09
C ILE G 87 -11.63 -10.29 -33.96
N ASN G 88 -11.26 -9.02 -34.02
CA ASN G 88 -10.13 -8.59 -34.82
C ASN G 88 -8.79 -9.18 -34.33
N LYS G 89 -8.65 -9.38 -33.03
CA LYS G 89 -7.43 -9.96 -32.51
C LYS G 89 -7.32 -11.43 -32.94
N ILE G 90 -8.42 -12.16 -32.77
CA ILE G 90 -8.44 -13.57 -33.14
C ILE G 90 -8.13 -13.72 -34.63
N ALA G 91 -8.74 -12.87 -35.45
CA ALA G 91 -8.54 -12.91 -36.89
C ALA G 91 -7.05 -12.73 -37.25
N ASN G 92 -6.34 -11.93 -36.46
CA ASN G 92 -4.92 -11.69 -36.73
C ASN G 92 -3.99 -12.54 -35.89
N GLY G 93 -4.55 -13.50 -35.16
CA GLY G 93 -3.71 -14.37 -34.34
C GLY G 93 -3.11 -13.74 -33.09
N ILE G 94 -3.60 -12.56 -32.73
CA ILE G 94 -3.09 -11.89 -31.55
C ILE G 94 -3.69 -12.51 -30.30
N CYS G 95 -2.82 -13.00 -29.44
CA CYS G 95 -3.26 -13.64 -28.20
C CYS G 95 -2.47 -13.08 -27.00
N ASP G 96 -2.82 -11.86 -26.60
CA ASP G 96 -2.14 -11.19 -25.49
C ASP G 96 -2.79 -11.31 -24.12
N ASN G 97 -3.80 -12.17 -24.01
CA ASN G 97 -4.45 -12.43 -22.72
C ASN G 97 -4.93 -13.89 -22.78
N LEU G 98 -5.32 -14.46 -21.65
CA LEU G 98 -5.74 -15.86 -21.62
C LEU G 98 -6.87 -16.19 -22.59
N LEU G 99 -7.94 -15.42 -22.52
CA LEU G 99 -9.10 -15.67 -23.39
C LEU G 99 -8.69 -15.76 -24.84
N THR G 100 -7.96 -14.76 -25.28
CA THR G 100 -7.53 -14.67 -26.64
C THR G 100 -6.51 -15.76 -26.99
N THR G 101 -5.76 -16.24 -26.01
CA THR G 101 -4.78 -17.30 -26.25
C THR G 101 -5.53 -18.63 -26.39
N VAL G 102 -6.62 -18.76 -25.64
CA VAL G 102 -7.45 -19.94 -25.69
C VAL G 102 -8.14 -20.02 -27.06
N CYS G 103 -8.57 -18.87 -27.57
CA CYS G 103 -9.24 -18.83 -28.88
C CYS G 103 -8.30 -19.16 -30.05
N LEU G 104 -7.02 -18.85 -29.92
CA LEU G 104 -6.06 -19.16 -30.99
C LEU G 104 -5.88 -20.67 -31.01
N THR G 105 -5.62 -21.24 -29.84
CA THR G 105 -5.40 -22.66 -29.68
C THR G 105 -6.60 -23.50 -30.12
N GLY G 106 -7.81 -23.03 -29.81
CA GLY G 106 -8.99 -23.79 -30.17
C GLY G 106 -9.84 -23.24 -31.30
N TYR G 107 -9.21 -22.72 -32.34
CA TYR G 107 -9.93 -22.17 -33.48
C TYR G 107 -10.90 -23.16 -34.12
N GLN G 108 -10.60 -24.44 -34.00
CA GLN G 108 -11.46 -25.47 -34.58
C GLN G 108 -12.79 -25.71 -33.85
N LYS G 109 -12.86 -25.33 -32.58
CA LYS G 109 -14.07 -25.49 -31.76
C LYS G 109 -14.70 -24.14 -31.44
N LEU G 110 -14.27 -23.11 -32.16
CA LEU G 110 -14.72 -21.75 -31.90
C LEU G 110 -16.01 -21.26 -32.57
N PHE G 111 -16.85 -20.62 -31.77
CA PHE G 111 -18.12 -20.06 -32.24
C PHE G 111 -18.19 -18.61 -31.74
N ILE G 112 -18.24 -17.66 -32.66
CA ILE G 112 -18.27 -16.25 -32.32
C ILE G 112 -19.62 -15.55 -32.47
N PHE G 113 -20.07 -14.88 -31.41
CA PHE G 113 -21.34 -14.15 -31.42
C PHE G 113 -21.09 -12.66 -31.25
N PRO G 114 -20.88 -11.95 -32.37
CA PRO G 114 -20.63 -10.51 -32.34
C PRO G 114 -21.69 -9.68 -31.64
N ASN G 115 -21.25 -8.66 -30.90
CA ASN G 115 -22.16 -7.75 -30.22
C ASN G 115 -21.47 -6.40 -30.11
N MET G 116 -22.09 -5.40 -30.70
CA MET G 116 -21.54 -4.05 -30.71
C MET G 116 -22.56 -3.13 -31.33
N ASN G 117 -22.33 -1.83 -31.21
CA ASN G 117 -23.23 -0.86 -31.80
C ASN G 117 -23.16 -1.02 -33.32
N ILE G 118 -24.26 -0.76 -34.00
CA ILE G 118 -24.33 -0.89 -35.44
C ILE G 118 -23.22 -0.15 -36.21
N ARG G 119 -22.83 1.03 -35.73
CA ARG G 119 -21.79 1.79 -36.42
C ARG G 119 -20.43 1.09 -36.40
N MET G 120 -20.13 0.41 -35.30
CA MET G 120 -18.86 -0.32 -35.19
C MET G 120 -18.88 -1.50 -36.14
N TRP G 121 -20.06 -2.09 -36.29
CA TRP G 121 -20.27 -3.23 -37.15
C TRP G 121 -19.94 -2.93 -38.62
N GLY G 122 -20.09 -1.66 -39.01
CA GLY G 122 -19.81 -1.27 -40.38
C GLY G 122 -18.33 -1.03 -40.69
N ASN G 123 -17.46 -1.18 -39.71
CA ASN G 123 -16.04 -0.96 -39.93
C ASN G 123 -15.47 -1.94 -40.98
N PRO G 124 -14.78 -1.39 -42.00
CA PRO G 124 -14.17 -2.15 -43.10
C PRO G 124 -13.17 -3.21 -42.62
N PHE G 125 -12.33 -2.80 -41.68
CA PHE G 125 -11.30 -3.69 -41.14
C PHE G 125 -11.92 -4.82 -40.33
N LEU G 126 -12.99 -4.53 -39.60
CA LEU G 126 -13.65 -5.58 -38.83
C LEU G 126 -14.23 -6.59 -39.80
N GLN G 127 -15.02 -6.10 -40.76
CA GLN G 127 -15.66 -6.95 -41.77
C GLN G 127 -14.67 -7.80 -42.55
N LYS G 128 -13.54 -7.22 -42.92
CA LYS G 128 -12.53 -7.95 -43.66
C LYS G 128 -12.02 -9.10 -42.80
N ASN G 129 -11.90 -8.87 -41.50
CA ASN G 129 -11.45 -9.90 -40.56
C ASN G 129 -12.52 -10.98 -40.35
N ILE G 130 -13.78 -10.57 -40.37
CA ILE G 130 -14.87 -11.53 -40.21
C ILE G 130 -14.89 -12.50 -41.39
N ASP G 131 -14.63 -11.99 -42.58
CA ASP G 131 -14.58 -12.81 -43.78
C ASP G 131 -13.42 -13.77 -43.62
N LEU G 132 -12.28 -13.23 -43.19
CA LEU G 132 -11.09 -14.04 -42.99
C LEU G 132 -11.36 -15.20 -42.04
N LEU G 133 -12.08 -14.91 -40.96
CA LEU G 133 -12.40 -15.94 -39.96
C LEU G 133 -13.30 -17.03 -40.56
N LYS G 134 -14.33 -16.61 -41.28
CA LYS G 134 -15.27 -17.55 -41.89
C LYS G 134 -14.60 -18.44 -42.94
N ASN G 135 -13.76 -17.84 -43.78
CA ASN G 135 -13.05 -18.58 -44.81
C ASN G 135 -11.96 -19.48 -44.22
N ASN G 136 -11.93 -19.59 -42.89
CA ASN G 136 -10.92 -20.41 -42.23
C ASN G 136 -11.50 -21.33 -41.17
N ASP G 137 -12.77 -21.69 -41.35
CA ASP G 137 -13.47 -22.60 -40.45
C ASP G 137 -13.84 -22.11 -39.06
N VAL G 138 -13.89 -20.80 -38.88
CA VAL G 138 -14.27 -20.26 -37.59
C VAL G 138 -15.73 -19.83 -37.76
N LYS G 139 -16.61 -20.40 -36.95
CA LYS G 139 -18.02 -20.08 -37.05
C LYS G 139 -18.33 -18.70 -36.47
N VAL G 140 -18.80 -17.81 -37.32
CA VAL G 140 -19.16 -16.47 -36.92
C VAL G 140 -20.65 -16.26 -37.20
N TYR G 141 -21.41 -16.13 -36.12
CA TYR G 141 -22.85 -15.93 -36.23
C TYR G 141 -23.15 -14.51 -36.70
N SER G 142 -24.17 -14.37 -37.55
CA SER G 142 -24.56 -13.05 -38.08
C SER G 142 -25.49 -12.34 -37.10
N PRO G 143 -25.05 -11.17 -36.58
CA PRO G 143 -25.79 -10.35 -35.63
C PRO G 143 -27.27 -10.16 -35.95
N ASP G 144 -28.09 -10.22 -34.90
CA ASP G 144 -29.53 -10.02 -35.02
C ASP G 144 -29.81 -8.52 -34.98
N MET G 145 -29.99 -7.91 -36.16
CA MET G 145 -30.25 -6.48 -36.27
C MET G 145 -31.74 -6.08 -36.27
N ASN G 146 -32.23 -5.60 -35.13
CA ASN G 146 -33.63 -5.18 -35.00
C ASN G 146 -33.76 -3.90 -34.17
N LYS G 147 -34.23 -2.83 -34.81
CA LYS G 147 -34.39 -1.54 -34.13
C LYS G 147 -35.87 -1.15 -34.02
N ASN G 158 -32.51 0.85 -37.45
CA ASN G 158 -31.50 -0.25 -37.60
C ASN G 158 -30.69 -0.34 -36.32
N ASN G 159 -30.76 -1.49 -35.64
CA ASN G 159 -30.03 -1.69 -34.40
C ASN G 159 -29.17 -2.95 -34.46
N ILE G 160 -29.14 -3.70 -33.37
CA ILE G 160 -28.37 -4.93 -33.27
C ILE G 160 -28.51 -5.49 -31.86
N THR G 161 -29.20 -6.62 -31.74
CA THR G 161 -29.46 -7.24 -30.45
C THR G 161 -28.62 -8.49 -30.19
N MET G 162 -28.74 -8.99 -28.96
CA MET G 162 -28.02 -10.18 -28.52
C MET G 162 -28.73 -11.43 -29.00
N PRO G 163 -27.97 -12.43 -29.49
CA PRO G 163 -28.54 -13.69 -29.99
C PRO G 163 -29.44 -14.42 -28.99
N ASN G 164 -30.54 -14.96 -29.52
CA ASN G 164 -31.52 -15.70 -28.74
C ASN G 164 -30.90 -17.04 -28.29
N ILE G 165 -31.19 -17.44 -27.05
CA ILE G 165 -30.63 -18.68 -26.52
C ILE G 165 -30.93 -19.88 -27.42
N GLU G 166 -32.00 -19.80 -28.20
CA GLU G 166 -32.33 -20.89 -29.11
C GLU G 166 -31.42 -20.78 -30.33
N ASN G 167 -31.28 -19.56 -30.83
CA ASN G 167 -30.44 -19.27 -31.98
C ASN G 167 -28.98 -19.68 -31.74
N VAL G 168 -28.53 -19.58 -30.49
CA VAL G 168 -27.16 -19.95 -30.18
C VAL G 168 -27.01 -21.46 -30.25
N LEU G 169 -28.04 -22.19 -29.83
CA LEU G 169 -28.01 -23.65 -29.86
C LEU G 169 -27.92 -24.14 -31.31
N ASN G 170 -28.77 -23.56 -32.16
CA ASN G 170 -28.81 -23.91 -33.58
C ASN G 170 -27.46 -23.70 -34.25
N PHE G 171 -26.91 -22.50 -34.08
CA PHE G 171 -25.63 -22.15 -34.68
C PHE G 171 -24.47 -23.02 -34.23
N VAL G 172 -24.58 -23.61 -33.03
CA VAL G 172 -23.52 -24.45 -32.51
C VAL G 172 -23.71 -25.94 -32.83
N LEU G 173 -24.87 -26.48 -32.47
CA LEU G 173 -25.14 -27.90 -32.72
C LEU G 173 -25.57 -28.17 -34.17
N ASN G 174 -26.33 -27.23 -34.74
CA ASN G 174 -26.81 -27.40 -36.11
C ASN G 174 -25.91 -26.70 -37.13
N MET H 1 -16.18 19.39 42.48
CA MET H 1 -16.44 18.64 41.21
C MET H 1 -17.09 17.29 41.52
N TYR H 2 -17.91 16.81 40.59
CA TYR H 2 -18.66 15.57 40.80
C TYR H 2 -18.06 14.21 40.46
N GLY H 3 -16.89 14.18 39.85
CA GLY H 3 -16.32 12.89 39.51
C GLY H 3 -16.16 12.69 38.01
N LYS H 4 -15.45 11.65 37.63
CA LYS H 4 -15.18 11.36 36.23
C LYS H 4 -16.41 11.15 35.34
N LEU H 5 -16.41 11.87 34.21
CA LEU H 5 -17.49 11.80 33.24
C LEU H 5 -16.97 11.40 31.86
N LEU H 6 -17.67 10.47 31.22
CA LEU H 6 -17.30 9.99 29.89
C LEU H 6 -18.33 10.43 28.85
N ILE H 7 -17.85 10.97 27.75
CA ILE H 7 -18.72 11.39 26.65
C ILE H 7 -18.59 10.37 25.54
N CYS H 8 -19.71 9.82 25.11
CA CYS H 8 -19.75 8.87 24.02
C CYS H 8 -20.36 9.65 22.86
N ALA H 9 -19.52 10.06 21.91
CA ALA H 9 -19.98 10.84 20.76
C ALA H 9 -20.26 9.98 19.53
N THR H 10 -21.38 10.25 18.88
CA THR H 10 -21.78 9.49 17.69
C THR H 10 -21.83 10.38 16.44
N ALA H 11 -21.97 9.73 15.29
CA ALA H 11 -21.99 10.41 13.99
C ALA H 11 -23.15 11.35 13.73
N SER H 12 -23.30 12.35 14.58
CA SER H 12 -24.32 13.37 14.42
C SER H 12 -23.55 14.58 13.92
N ILE H 13 -24.17 15.38 13.05
CA ILE H 13 -23.50 16.56 12.51
C ILE H 13 -22.92 17.46 13.62
N ASN H 14 -23.60 17.51 14.76
CA ASN H 14 -23.11 18.35 15.85
C ASN H 14 -21.90 17.83 16.60
N VAL H 15 -21.38 16.67 16.20
CA VAL H 15 -20.21 16.14 16.88
C VAL H 15 -19.03 17.07 16.57
N ILE H 16 -19.19 17.92 15.55
CA ILE H 16 -18.13 18.85 15.15
C ILE H 16 -17.97 19.96 16.18
N ASN H 17 -18.92 20.07 17.09
CA ASN H 17 -18.89 21.11 18.13
C ASN H 17 -18.71 20.50 19.51
N ILE H 18 -18.39 19.20 19.56
CA ILE H 18 -18.22 18.51 20.83
C ILE H 18 -17.13 19.12 21.72
N ASN H 19 -16.13 19.75 21.11
CA ASN H 19 -15.04 20.36 21.86
C ASN H 19 -15.54 21.43 22.82
N HIS H 20 -16.61 22.14 22.44
CA HIS H 20 -17.17 23.18 23.29
C HIS H 20 -17.72 22.61 24.59
N TYR H 21 -18.38 21.46 24.50
CA TYR H 21 -18.94 20.83 25.69
C TYR H 21 -17.83 20.37 26.63
N ILE H 22 -16.76 19.85 26.06
CA ILE H 22 -15.64 19.35 26.85
C ILE H 22 -15.06 20.40 27.77
N VAL H 23 -14.57 21.50 27.20
CA VAL H 23 -13.96 22.56 28.01
C VAL H 23 -14.93 23.07 29.08
N GLU H 24 -16.21 23.13 28.72
CA GLU H 24 -17.23 23.60 29.63
C GLU H 24 -17.43 22.63 30.80
N LEU H 25 -17.56 21.34 30.46
CA LEU H 25 -17.77 20.29 31.46
C LEU H 25 -16.55 20.03 32.33
N LYS H 26 -15.37 20.39 31.83
CA LYS H 26 -14.12 20.19 32.57
C LYS H 26 -14.11 20.98 33.87
N GLN H 27 -15.03 21.94 33.98
CA GLN H 27 -15.13 22.77 35.16
C GLN H 27 -16.01 22.21 36.27
N HIS H 28 -16.81 21.20 35.95
CA HIS H 28 -17.70 20.60 36.93
C HIS H 28 -17.37 19.16 37.29
N PHE H 29 -16.60 18.48 36.44
CA PHE H 29 -16.25 17.10 36.71
C PHE H 29 -14.74 16.89 36.78
N ASP H 30 -14.31 16.08 37.76
CA ASP H 30 -12.89 15.80 37.98
C ASP H 30 -12.16 15.55 36.68
N GLU H 31 -12.78 14.73 35.83
CA GLU H 31 -12.24 14.39 34.52
C GLU H 31 -13.39 14.30 33.53
N VAL H 32 -13.08 14.57 32.27
CA VAL H 32 -14.05 14.45 31.21
C VAL H 32 -13.28 13.80 30.07
N ASN H 33 -13.58 12.52 29.86
CA ASN H 33 -12.93 11.73 28.82
C ASN H 33 -13.91 11.50 27.66
N ILE H 34 -13.39 11.05 26.52
CA ILE H 34 -14.24 10.86 25.37
C ILE H 34 -13.98 9.59 24.57
N LEU H 35 -15.04 9.09 23.94
CA LEU H 35 -14.99 7.86 23.15
C LEU H 35 -15.90 8.10 21.94
N PHE H 36 -15.40 7.84 20.73
CA PHE H 36 -16.19 8.08 19.51
C PHE H 36 -16.66 6.81 18.80
N SER H 37 -17.72 6.95 18.01
CA SER H 37 -18.24 5.83 17.24
C SER H 37 -17.40 5.86 15.96
N PRO H 38 -17.17 4.70 15.35
CA PRO H 38 -16.38 4.64 14.12
C PRO H 38 -16.80 5.68 13.07
N SER H 39 -18.10 5.80 12.84
CA SER H 39 -18.63 6.73 11.85
C SER H 39 -18.40 8.20 12.16
N SER H 40 -18.32 8.55 13.44
CA SER H 40 -18.13 9.96 13.78
C SER H 40 -16.75 10.46 13.33
N LYS H 41 -15.84 9.52 13.06
CA LYS H 41 -14.51 9.88 12.62
C LYS H 41 -14.50 10.45 11.20
N ASN H 42 -15.64 10.40 10.53
CA ASN H 42 -15.77 10.95 9.18
C ASN H 42 -16.16 12.42 9.25
N PHE H 43 -16.43 12.89 10.46
CA PHE H 43 -16.83 14.28 10.63
C PHE H 43 -15.75 15.15 11.23
N ILE H 44 -14.89 14.56 12.04
CA ILE H 44 -13.84 15.32 12.67
C ILE H 44 -12.57 14.52 12.87
N ASN H 45 -11.50 15.22 13.22
CA ASN H 45 -10.23 14.58 13.49
C ASN H 45 -10.31 14.37 15.00
N THR H 46 -10.60 13.15 15.41
CA THR H 46 -10.75 12.84 16.83
C THR H 46 -9.51 13.06 17.69
N ASP H 47 -8.32 12.99 17.08
CA ASP H 47 -7.10 13.19 17.85
C ASP H 47 -7.00 14.58 18.47
N VAL H 48 -7.66 15.55 17.85
CA VAL H 48 -7.65 16.92 18.35
C VAL H 48 -8.27 17.00 19.74
N LEU H 49 -9.25 16.14 20.01
CA LEU H 49 -9.89 16.14 21.31
C LEU H 49 -8.93 15.81 22.45
N LYS H 50 -7.76 15.27 22.11
CA LYS H 50 -6.78 14.95 23.13
C LYS H 50 -6.29 16.24 23.78
N LEU H 51 -6.49 17.36 23.08
CA LEU H 51 -6.06 18.65 23.58
C LEU H 51 -7.02 19.27 24.58
N PHE H 52 -8.23 18.72 24.66
CA PHE H 52 -9.21 19.25 25.58
C PHE H 52 -9.61 18.22 26.64
N CYS H 53 -9.64 16.95 26.25
CA CYS H 53 -10.02 15.87 27.16
C CYS H 53 -8.86 15.34 27.96
N ASP H 54 -9.18 14.72 29.10
CA ASP H 54 -8.18 14.13 29.95
C ASP H 54 -7.70 12.85 29.29
N ASN H 55 -8.64 12.11 28.69
CA ASN H 55 -8.30 10.86 28.01
C ASN H 55 -9.22 10.58 26.83
N LEU H 56 -8.63 10.03 25.78
CA LEU H 56 -9.37 9.67 24.57
C LEU H 56 -9.26 8.15 24.40
N TYR H 57 -10.39 7.46 24.36
CA TYR H 57 -10.36 6.01 24.18
C TYR H 57 -10.53 5.73 22.69
N ASP H 58 -9.47 5.19 22.08
CA ASP H 58 -9.46 4.89 20.66
C ASP H 58 -9.32 3.39 20.43
N GLU H 59 -10.41 2.77 19.95
CA GLU H 59 -10.42 1.33 19.72
C GLU H 59 -9.59 0.88 18.52
N ILE H 60 -9.19 1.82 17.67
CA ILE H 60 -8.37 1.46 16.52
C ILE H 60 -6.92 1.39 16.98
N LYS H 61 -6.52 2.36 17.79
CA LYS H 61 -5.16 2.41 18.31
C LYS H 61 -4.98 1.23 19.26
N ASP H 62 -6.03 0.90 20.00
CA ASP H 62 -6.00 -0.22 20.93
C ASP H 62 -7.29 -1.04 20.85
N PRO H 63 -7.30 -2.10 20.03
CA PRO H 63 -8.45 -2.99 19.84
C PRO H 63 -8.85 -3.82 21.06
N LEU H 64 -7.99 -3.89 22.07
CA LEU H 64 -8.30 -4.68 23.27
C LEU H 64 -8.57 -3.84 24.52
N LEU H 65 -9.16 -2.67 24.33
CA LEU H 65 -9.48 -1.77 25.44
C LEU H 65 -10.50 -2.45 26.36
N ASN H 66 -10.28 -2.36 27.67
CA ASN H 66 -11.19 -2.98 28.66
C ASN H 66 -12.41 -2.12 28.95
N HIS H 67 -13.53 -2.44 28.31
CA HIS H 67 -14.76 -1.68 28.47
C HIS H 67 -15.31 -1.70 29.90
N ILE H 68 -15.05 -2.77 30.63
CA ILE H 68 -15.51 -2.89 32.00
C ILE H 68 -14.82 -1.85 32.89
N ASN H 69 -13.50 -1.74 32.71
CA ASN H 69 -12.73 -0.77 33.46
C ASN H 69 -13.16 0.64 33.09
N ILE H 70 -13.43 0.86 31.81
CA ILE H 70 -13.86 2.17 31.34
C ILE H 70 -15.13 2.57 32.09
N VAL H 71 -16.05 1.63 32.22
CA VAL H 71 -17.32 1.90 32.91
C VAL H 71 -17.14 2.13 34.41
N GLU H 72 -16.28 1.33 35.05
CA GLU H 72 -16.04 1.47 36.48
C GLU H 72 -15.31 2.78 36.79
N ASN H 73 -14.54 3.26 35.82
CA ASN H 73 -13.76 4.49 35.99
C ASN H 73 -14.58 5.77 35.90
N HIS H 74 -15.87 5.65 35.57
CA HIS H 74 -16.71 6.83 35.44
C HIS H 74 -18.00 6.78 36.25
N GLU H 75 -18.44 7.93 36.73
CA GLU H 75 -19.67 8.03 37.49
C GLU H 75 -20.82 8.40 36.57
N TYR H 76 -20.49 9.08 35.48
CA TYR H 76 -21.50 9.48 34.51
C TYR H 76 -21.04 9.15 33.09
N ILE H 77 -21.96 8.63 32.29
CA ILE H 77 -21.68 8.31 30.90
C ILE H 77 -22.75 8.96 30.03
N LEU H 78 -22.33 9.92 29.22
CA LEU H 78 -23.25 10.65 28.35
C LEU H 78 -23.04 10.26 26.90
N VAL H 79 -24.12 10.10 26.18
CA VAL H 79 -24.00 9.82 24.76
C VAL H 79 -24.45 11.15 24.18
N LEU H 80 -23.47 11.94 23.78
CA LEU H 80 -23.70 13.29 23.27
C LEU H 80 -22.73 13.64 22.14
N PRO H 81 -23.24 13.87 20.92
CA PRO H 81 -24.66 13.82 20.55
C PRO H 81 -25.02 12.36 20.38
N ALA H 82 -26.30 12.04 20.52
CA ALA H 82 -26.75 10.67 20.38
C ALA H 82 -27.56 10.51 19.09
N SER H 83 -27.05 9.66 18.20
CA SER H 83 -27.71 9.41 16.92
C SER H 83 -28.87 8.45 17.07
N ALA H 84 -29.79 8.49 16.11
CA ALA H 84 -30.93 7.60 16.13
C ALA H 84 -30.40 6.17 16.13
N ASN H 85 -29.39 5.93 15.29
CA ASN H 85 -28.78 4.62 15.17
C ASN H 85 -28.25 4.03 16.49
N THR H 86 -27.45 4.81 17.22
CA THR H 86 -26.90 4.32 18.48
C THR H 86 -28.00 4.16 19.54
N ILE H 87 -28.96 5.08 19.57
CA ILE H 87 -30.06 4.99 20.51
C ILE H 87 -30.76 3.65 20.30
N ASN H 88 -31.09 3.35 19.05
CA ASN H 88 -31.78 2.11 18.71
C ASN H 88 -30.95 0.86 18.99
N LYS H 89 -29.63 0.96 18.82
CA LYS H 89 -28.75 -0.19 19.10
C LYS H 89 -28.74 -0.45 20.61
N ILE H 90 -28.58 0.61 21.39
CA ILE H 90 -28.55 0.48 22.85
C ILE H 90 -29.85 -0.13 23.34
N ALA H 91 -30.97 0.37 22.81
CA ALA H 91 -32.27 -0.13 23.20
C ALA H 91 -32.42 -1.63 22.94
N ASN H 92 -31.74 -2.13 21.91
CA ASN H 92 -31.82 -3.55 21.59
C ASN H 92 -30.64 -4.37 22.08
N GLY H 93 -29.76 -3.74 22.87
CA GLY H 93 -28.60 -4.44 23.40
C GLY H 93 -27.50 -4.72 22.39
N ILE H 94 -27.58 -4.09 21.23
CA ILE H 94 -26.57 -4.31 20.21
C ILE H 94 -25.33 -3.53 20.55
N CYS H 95 -24.21 -4.24 20.68
CA CYS H 95 -22.95 -3.62 21.03
C CYS H 95 -21.83 -4.10 20.10
N ASP H 96 -21.86 -3.62 18.86
CA ASP H 96 -20.88 -4.03 17.87
C ASP H 96 -19.65 -3.12 17.69
N ASN H 97 -19.48 -2.16 18.60
CA ASN H 97 -18.31 -1.29 18.58
C ASN H 97 -18.04 -0.93 20.05
N LEU H 98 -16.88 -0.36 20.34
CA LEU H 98 -16.54 -0.04 21.73
C LEU H 98 -17.56 0.87 22.43
N LEU H 99 -17.92 1.98 21.79
CA LEU H 99 -18.87 2.92 22.39
C LEU H 99 -20.15 2.22 22.83
N THR H 100 -20.71 1.50 21.89
CA THR H 100 -21.95 0.79 22.10
C THR H 100 -21.80 -0.35 23.13
N THR H 101 -20.61 -0.93 23.23
CA THR H 101 -20.35 -2.00 24.22
C THR H 101 -20.25 -1.37 25.60
N VAL H 102 -19.69 -0.15 25.66
CA VAL H 102 -19.57 0.58 26.92
C VAL H 102 -20.96 0.97 27.41
N CYS H 103 -21.84 1.37 26.49
CA CYS H 103 -23.18 1.76 26.88
C CYS H 103 -24.02 0.58 27.40
N LEU H 104 -23.77 -0.63 26.90
CA LEU H 104 -24.52 -1.78 27.37
C LEU H 104 -24.09 -2.08 28.81
N THR H 105 -22.78 -2.11 29.01
CA THR H 105 -22.22 -2.39 30.31
C THR H 105 -22.60 -1.35 31.37
N GLY H 106 -22.64 -0.08 30.98
CA GLY H 106 -22.99 0.95 31.94
C GLY H 106 -24.36 1.58 31.83
N TYR H 107 -25.37 0.79 31.52
CA TYR H 107 -26.74 1.31 31.36
C TYR H 107 -27.23 2.07 32.59
N GLN H 108 -26.71 1.72 33.76
CA GLN H 108 -27.12 2.38 35.00
C GLN H 108 -26.59 3.80 35.19
N LYS H 109 -25.51 4.16 34.49
CA LYS H 109 -24.92 5.50 34.58
C LYS H 109 -25.11 6.26 33.27
N LEU H 110 -25.99 5.76 32.42
CA LEU H 110 -26.20 6.34 31.09
C LEU H 110 -27.19 7.49 30.95
N PHE H 111 -26.75 8.53 30.23
CA PHE H 111 -27.57 9.71 29.95
C PHE H 111 -27.51 9.96 28.44
N ILE H 112 -28.66 9.91 27.78
CA ILE H 112 -28.72 10.09 26.34
C ILE H 112 -29.29 11.43 25.87
N PHE H 113 -28.55 12.10 25.00
CA PHE H 113 -28.98 13.38 24.46
C PHE H 113 -29.20 13.26 22.94
N PRO H 114 -30.42 12.90 22.54
CA PRO H 114 -30.74 12.74 21.11
C PRO H 114 -30.49 13.98 20.26
N ASN H 115 -29.99 13.75 19.05
CA ASN H 115 -29.77 14.83 18.10
C ASN H 115 -29.92 14.27 16.69
N MET H 116 -30.88 14.81 15.96
CA MET H 116 -31.16 14.36 14.60
C MET H 116 -32.18 15.30 14.00
N ASN H 117 -32.40 15.17 12.69
CA ASN H 117 -33.38 16.00 12.02
C ASN H 117 -34.74 15.61 12.55
N ILE H 118 -35.65 16.57 12.60
CA ILE H 118 -37.01 16.35 13.11
C ILE H 118 -37.73 15.16 12.47
N ARG H 119 -37.56 14.95 11.18
CA ARG H 119 -38.23 13.83 10.52
C ARG H 119 -37.76 12.47 11.01
N MET H 120 -36.48 12.35 11.35
CA MET H 120 -35.95 11.09 11.88
C MET H 120 -36.53 10.84 13.26
N TRP H 121 -36.72 11.93 14.00
CA TRP H 121 -37.26 11.89 15.36
C TRP H 121 -38.67 11.30 15.40
N GLY H 122 -39.40 11.42 14.30
CA GLY H 122 -40.76 10.91 14.24
C GLY H 122 -40.87 9.44 13.92
N ASN H 123 -39.74 8.76 13.70
CA ASN H 123 -39.77 7.34 13.38
C ASN H 123 -40.39 6.51 14.53
N PRO H 124 -41.39 5.67 14.20
CA PRO H 124 -42.11 4.81 15.15
C PRO H 124 -41.21 3.86 15.91
N PHE H 125 -40.27 3.26 15.20
CA PHE H 125 -39.35 2.31 15.80
C PHE H 125 -38.38 2.99 16.76
N LEU H 126 -37.94 4.19 16.40
CA LEU H 126 -37.04 4.95 17.28
C LEU H 126 -37.79 5.26 18.57
N GLN H 127 -38.97 5.86 18.42
CA GLN H 127 -39.79 6.23 19.57
C GLN H 127 -40.12 5.06 20.47
N LYS H 128 -40.43 3.92 19.89
CA LYS H 128 -40.74 2.73 20.66
C LYS H 128 -39.52 2.34 21.50
N ASN H 129 -38.33 2.49 20.92
CA ASN H 129 -37.08 2.18 21.61
C ASN H 129 -36.77 3.20 22.72
N ILE H 130 -37.14 4.44 22.48
CA ILE H 130 -36.91 5.48 23.47
C ILE H 130 -37.75 5.21 24.71
N ASP H 131 -38.98 4.74 24.49
CA ASP H 131 -39.87 4.41 25.58
C ASP H 131 -39.26 3.25 26.33
N LEU H 132 -38.78 2.26 25.57
CA LEU H 132 -38.17 1.08 26.16
C LEU H 132 -37.00 1.47 27.06
N LEU H 133 -36.17 2.38 26.59
CA LEU H 133 -35.02 2.83 27.37
C LEU H 133 -35.43 3.52 28.66
N LYS H 134 -36.41 4.42 28.57
CA LYS H 134 -36.89 5.15 29.73
C LYS H 134 -37.51 4.23 30.78
N ASN H 135 -38.33 3.27 30.32
CA ASN H 135 -38.98 2.34 31.22
C ASN H 135 -37.98 1.34 31.80
N ASN H 136 -36.70 1.56 31.55
CA ASN H 136 -35.66 0.67 32.04
C ASN H 136 -34.50 1.40 32.71
N ASP H 137 -34.80 2.57 33.25
CA ASP H 137 -33.82 3.38 33.97
C ASP H 137 -32.70 4.03 33.19
N VAL H 138 -32.89 4.20 31.90
CA VAL H 138 -31.89 4.86 31.10
C VAL H 138 -32.43 6.27 30.89
N LYS H 139 -31.67 7.26 31.35
CA LYS H 139 -32.10 8.65 31.22
C LYS H 139 -31.98 9.16 29.78
N VAL H 140 -33.12 9.51 29.21
CA VAL H 140 -33.16 10.02 27.85
C VAL H 140 -33.73 11.42 27.88
N TYR H 141 -32.89 12.39 27.52
CA TYR H 141 -33.24 13.80 27.51
C TYR H 141 -34.20 14.12 26.37
N SER H 142 -35.09 15.07 26.60
CA SER H 142 -36.05 15.48 25.58
C SER H 142 -35.52 16.72 24.86
N PRO H 143 -35.03 16.53 23.62
CA PRO H 143 -34.45 17.53 22.71
C PRO H 143 -35.03 18.95 22.75
N ASP H 144 -34.39 19.86 22.02
CA ASP H 144 -34.82 21.25 21.96
C ASP H 144 -35.53 21.54 20.63
N MET H 145 -36.84 21.72 20.70
CA MET H 145 -37.67 21.99 19.52
C MET H 145 -37.69 23.48 19.20
N ASN H 146 -36.60 23.99 18.64
CA ASN H 146 -36.50 25.41 18.28
C ASN H 146 -35.81 25.60 16.94
N LYS H 147 -36.24 26.63 16.20
CA LYS H 147 -35.69 26.94 14.89
C LYS H 147 -35.22 28.40 14.81
N ASN H 158 -41.00 21.30 12.29
CA ASN H 158 -40.28 21.95 13.44
C ASN H 158 -38.77 22.00 13.17
N ASN H 159 -37.99 21.95 14.25
CA ASN H 159 -36.53 22.00 14.18
C ASN H 159 -35.96 21.32 15.43
N ILE H 160 -34.71 20.85 15.31
CA ILE H 160 -34.03 20.18 16.42
C ILE H 160 -32.77 20.98 16.77
N THR H 161 -32.26 20.80 17.99
CA THR H 161 -31.06 21.51 18.42
C THR H 161 -30.22 20.72 19.42
N MET H 162 -29.07 21.28 19.78
CA MET H 162 -28.14 20.67 20.74
C MET H 162 -28.43 21.10 22.17
N PRO H 163 -28.25 20.18 23.14
CA PRO H 163 -28.48 20.43 24.56
C PRO H 163 -27.54 21.49 25.16
N ASN H 164 -28.07 22.70 25.38
CA ASN H 164 -27.29 23.78 25.98
C ASN H 164 -26.47 23.24 27.16
N ILE H 165 -25.28 23.77 27.37
CA ILE H 165 -24.40 23.32 28.46
C ILE H 165 -25.13 23.20 29.79
N GLU H 166 -25.94 24.20 30.10
CA GLU H 166 -26.72 24.23 31.32
C GLU H 166 -27.66 23.03 31.31
N ASN H 167 -28.36 22.85 30.19
CA ASN H 167 -29.29 21.74 30.00
C ASN H 167 -28.66 20.37 30.26
N VAL H 168 -27.55 20.10 29.57
CA VAL H 168 -26.84 18.83 29.74
C VAL H 168 -26.36 18.73 31.18
N LEU H 169 -25.87 19.84 31.69
CA LEU H 169 -25.35 19.93 33.03
C LEU H 169 -26.44 19.57 34.03
N ASN H 170 -27.61 20.19 33.87
CA ASN H 170 -28.74 19.96 34.77
C ASN H 170 -29.41 18.60 34.62
N PHE H 171 -29.33 18.00 33.44
CA PHE H 171 -29.94 16.70 33.22
C PHE H 171 -29.05 15.62 33.84
N VAL H 172 -27.76 15.87 33.84
CA VAL H 172 -26.83 14.91 34.41
C VAL H 172 -26.68 14.99 35.92
N LEU H 173 -26.56 16.19 36.47
CA LEU H 173 -26.41 16.34 37.91
C LEU H 173 -27.74 16.20 38.66
N ASN H 174 -28.84 16.18 37.92
CA ASN H 174 -30.17 16.04 38.50
C ASN H 174 -30.49 14.57 38.81
N MET I 1 8.80 -47.60 -9.32
CA MET I 1 9.20 -46.31 -8.71
C MET I 1 9.46 -46.50 -7.21
N TYR I 2 10.35 -45.70 -6.66
CA TYR I 2 10.75 -45.83 -5.26
C TYR I 2 9.98 -45.15 -4.15
N GLY I 3 9.01 -44.31 -4.48
CA GLY I 3 8.28 -43.64 -3.42
C GLY I 3 8.45 -42.13 -3.44
N LYS I 4 7.64 -41.44 -2.66
CA LYS I 4 7.67 -39.98 -2.60
C LYS I 4 9.01 -39.35 -2.22
N LEU I 5 9.41 -38.38 -3.04
CA LEU I 5 10.66 -37.65 -2.84
C LEU I 5 10.41 -36.15 -2.73
N LEU I 6 11.06 -35.52 -1.76
CA LEU I 6 10.93 -34.09 -1.55
C LEU I 6 12.24 -33.37 -1.84
N ILE I 7 12.15 -32.31 -2.63
CA ILE I 7 13.32 -31.50 -2.94
C ILE I 7 13.26 -30.22 -2.11
N CYS I 8 14.32 -29.95 -1.36
CA CYS I 8 14.41 -28.73 -0.57
C CYS I 8 15.44 -27.88 -1.30
N ALA I 9 14.96 -26.86 -2.01
CA ALA I 9 15.83 -25.98 -2.79
C ALA I 9 16.22 -24.71 -2.04
N THR I 10 17.49 -24.36 -2.11
CA THR I 10 18.00 -23.17 -1.44
C THR I 10 18.53 -22.13 -2.42
N ALA I 11 18.81 -20.94 -1.89
CA ALA I 11 19.28 -19.81 -2.69
C ALA I 11 20.64 -19.94 -3.36
N SER I 12 20.76 -20.97 -4.18
CA SER I 12 21.97 -21.20 -4.95
C SER I 12 21.61 -20.75 -6.36
N ILE I 13 22.57 -20.19 -7.08
CA ILE I 13 22.31 -19.72 -8.44
C ILE I 13 21.68 -20.83 -9.30
N ASN I 14 22.06 -22.08 -9.05
CA ASN I 14 21.52 -23.18 -9.85
C ASN I 14 20.09 -23.57 -9.56
N VAL I 15 19.46 -22.87 -8.62
CA VAL I 15 18.06 -23.19 -8.31
C VAL I 15 17.22 -22.80 -9.54
N ILE I 16 17.79 -21.99 -10.43
CA ILE I 16 17.06 -21.57 -11.62
C ILE I 16 16.90 -22.71 -12.61
N ASN I 17 17.63 -23.80 -12.38
CA ASN I 17 17.56 -24.98 -13.26
C ASN I 17 16.93 -26.18 -12.54
N ILE I 18 16.34 -25.94 -11.37
CA ILE I 18 15.73 -27.01 -10.60
C ILE I 18 14.61 -27.75 -11.34
N ASN I 19 13.94 -27.06 -12.26
CA ASN I 19 12.86 -27.67 -13.02
C ASN I 19 13.34 -28.89 -13.82
N HIS I 20 14.58 -28.85 -14.29
CA HIS I 20 15.13 -29.96 -15.05
C HIS I 20 15.20 -31.22 -14.21
N TYR I 21 15.61 -31.07 -12.95
CA TYR I 21 15.72 -32.22 -12.07
C TYR I 21 14.36 -32.84 -11.80
N ILE I 22 13.38 -31.98 -11.59
CA ILE I 22 12.02 -32.42 -11.31
C ILE I 22 11.46 -33.38 -12.34
N VAL I 23 11.34 -32.91 -13.59
CA VAL I 23 10.80 -33.75 -14.66
C VAL I 23 11.57 -35.06 -14.79
N GLU I 24 12.89 -35.00 -14.59
CA GLU I 24 13.74 -36.17 -14.68
C GLU I 24 13.45 -37.16 -13.56
N LEU I 25 13.41 -36.65 -12.32
CA LEU I 25 13.14 -37.46 -11.16
C LEU I 25 11.71 -38.01 -11.10
N LYS I 26 10.78 -37.34 -11.79
CA LYS I 26 9.39 -37.77 -11.81
C LYS I 26 9.24 -39.15 -12.41
N GLN I 27 10.29 -39.61 -13.09
CA GLN I 27 10.26 -40.91 -13.74
C GLN I 27 10.71 -42.05 -12.84
N HIS I 28 11.34 -41.74 -11.71
CA HIS I 28 11.82 -42.77 -10.81
C HIS I 28 11.12 -42.80 -9.45
N PHE I 29 10.44 -41.72 -9.09
CA PHE I 29 9.75 -41.66 -7.80
C PHE I 29 8.27 -41.38 -7.96
N ASP I 30 7.46 -42.09 -7.17
CA ASP I 30 5.99 -41.96 -7.21
C ASP I 30 5.56 -40.51 -7.31
N GLU I 31 6.19 -39.68 -6.48
CA GLU I 31 5.92 -38.26 -6.45
C GLU I 31 7.22 -37.53 -6.20
N VAL I 32 7.29 -36.29 -6.68
CA VAL I 32 8.45 -35.45 -6.45
C VAL I 32 7.86 -34.08 -6.16
N ASN I 33 7.92 -33.71 -4.88
CA ASN I 33 7.40 -32.44 -4.41
C ASN I 33 8.55 -31.49 -4.11
N ILE I 34 8.24 -30.22 -3.92
CA ILE I 34 9.29 -29.26 -3.66
C ILE I 34 8.96 -28.20 -2.59
N LEU I 35 10.01 -27.74 -1.92
CA LEU I 35 9.91 -26.75 -0.85
C LEU I 35 11.10 -25.82 -1.01
N PHE I 36 10.86 -24.51 -1.04
CA PHE I 36 11.95 -23.54 -1.21
C PHE I 36 12.31 -22.73 0.04
N SER I 37 13.53 -22.20 0.06
CA SER I 37 13.98 -21.37 1.17
C SER I 37 13.50 -19.98 0.80
N PRO I 38 13.17 -19.14 1.79
CA PRO I 38 12.71 -17.78 1.49
C PRO I 38 13.57 -17.04 0.48
N SER I 39 14.88 -17.10 0.66
CA SER I 39 15.81 -16.41 -0.24
C SER I 39 15.82 -16.93 -1.67
N SER I 40 15.52 -18.19 -1.87
CA SER I 40 15.56 -18.72 -3.22
C SER I 40 14.48 -18.10 -4.10
N LYS I 41 13.48 -17.49 -3.46
CA LYS I 41 12.39 -16.85 -4.19
C LYS I 41 12.84 -15.58 -4.89
N ASN I 42 14.07 -15.16 -4.66
CA ASN I 42 14.63 -13.97 -5.31
C ASN I 42 15.29 -14.37 -6.62
N PHE I 43 15.36 -15.68 -6.88
CA PHE I 43 15.99 -16.17 -8.08
C PHE I 43 14.98 -16.66 -9.11
N ILE I 44 13.86 -17.18 -8.65
CA ILE I 44 12.87 -17.69 -9.58
C ILE I 44 11.45 -17.48 -9.08
N ASN I 45 10.49 -17.71 -9.96
CA ASN I 45 9.08 -17.62 -9.62
C ASN I 45 8.74 -19.05 -9.24
N THR I 46 8.67 -19.30 -7.94
CA THR I 46 8.41 -20.65 -7.44
C THR I 46 7.08 -21.25 -7.85
N ASP I 47 6.08 -20.42 -8.13
CA ASP I 47 4.79 -20.94 -8.53
C ASP I 47 4.85 -21.76 -9.81
N VAL I 48 5.82 -21.44 -10.67
CA VAL I 48 5.98 -22.15 -11.92
C VAL I 48 6.24 -23.65 -11.69
N LEU I 49 6.95 -23.96 -10.60
CA LEU I 49 7.24 -25.35 -10.29
C LEU I 49 5.97 -26.18 -10.06
N LYS I 50 4.85 -25.53 -9.84
CA LYS I 50 3.58 -26.24 -9.65
C LYS I 50 3.25 -26.99 -10.95
N LEU I 51 3.83 -26.54 -12.05
CA LEU I 51 3.58 -27.16 -13.35
C LEU I 51 4.39 -28.42 -13.59
N PHE I 52 5.39 -28.67 -12.75
CA PHE I 52 6.21 -29.86 -12.91
C PHE I 52 6.12 -30.77 -11.70
N CYS I 53 5.98 -30.18 -10.52
CA CYS I 53 5.91 -30.95 -9.29
C CYS I 53 4.50 -31.42 -8.95
N ASP I 54 4.41 -32.46 -8.15
CA ASP I 54 3.13 -32.98 -7.72
C ASP I 54 2.57 -32.01 -6.69
N ASN I 55 3.43 -31.51 -5.81
CA ASN I 55 3.01 -30.57 -4.78
C ASN I 55 4.11 -29.56 -4.42
N LEU I 56 3.69 -28.33 -4.17
CA LEU I 56 4.59 -27.27 -3.78
C LEU I 56 4.23 -26.81 -2.38
N TYR I 57 5.17 -26.91 -1.44
CA TYR I 57 4.89 -26.47 -0.08
C TYR I 57 5.33 -25.03 0.05
N ASP I 58 4.37 -24.14 0.25
CA ASP I 58 4.62 -22.70 0.37
C ASP I 58 4.26 -22.20 1.77
N GLU I 59 5.26 -21.85 2.56
CA GLU I 59 5.03 -21.37 3.92
C GLU I 59 4.43 -19.97 4.01
N ILE I 60 4.46 -19.22 2.92
CA ILE I 60 3.88 -17.88 2.91
C ILE I 60 2.39 -18.03 2.67
N LYS I 61 2.02 -18.88 1.74
CA LYS I 61 0.61 -19.12 1.43
C LYS I 61 -0.04 -19.80 2.64
N ASP I 62 0.71 -20.66 3.30
CA ASP I 62 0.21 -21.37 4.48
C ASP I 62 1.29 -21.42 5.58
N PRO I 63 1.27 -20.44 6.51
CA PRO I 63 2.22 -20.34 7.62
C PRO I 63 2.16 -21.47 8.65
N LEU I 64 1.08 -22.24 8.64
CA LEU I 64 0.92 -23.33 9.61
C LEU I 64 1.03 -24.72 9.02
N LEU I 65 1.88 -24.87 8.02
CA LEU I 65 2.11 -26.16 7.36
C LEU I 65 2.73 -27.14 8.38
N ASN I 66 2.24 -28.37 8.39
CA ASN I 66 2.72 -29.40 9.32
C ASN I 66 4.00 -30.08 8.82
N HIS I 67 5.15 -29.63 9.32
CA HIS I 67 6.43 -30.19 8.91
C HIS I 67 6.60 -31.67 9.24
N ILE I 68 5.95 -32.12 10.30
CA ILE I 68 6.03 -33.52 10.69
C ILE I 68 5.39 -34.41 9.62
N ASN I 69 4.21 -33.99 9.17
CA ASN I 69 3.49 -34.73 8.14
C ASN I 69 4.29 -34.70 6.84
N ILE I 70 4.89 -33.56 6.55
CA ILE I 70 5.68 -33.43 5.33
C ILE I 70 6.80 -34.47 5.33
N VAL I 71 7.44 -34.63 6.49
CA VAL I 71 8.52 -35.59 6.62
C VAL I 71 8.04 -37.05 6.54
N GLU I 72 6.91 -37.35 7.18
CA GLU I 72 6.37 -38.70 7.15
C GLU I 72 5.87 -39.07 5.77
N ASN I 73 5.48 -38.06 4.99
CA ASN I 73 4.96 -38.27 3.64
C ASN I 73 6.03 -38.57 2.59
N HIS I 74 7.30 -38.51 2.98
CA HIS I 74 8.37 -38.76 2.02
C HIS I 74 9.40 -39.79 2.49
N GLU I 75 9.94 -40.53 1.53
CA GLU I 75 10.94 -41.55 1.83
C GLU I 75 12.32 -40.96 1.65
N TYR I 76 12.42 -39.96 0.77
CA TYR I 76 13.69 -39.31 0.52
C TYR I 76 13.53 -37.79 0.55
N ILE I 77 14.48 -37.12 1.18
CA ILE I 77 14.48 -35.66 1.26
C ILE I 77 15.85 -35.17 0.78
N LEU I 78 15.84 -34.48 -0.36
CA LEU I 78 17.07 -33.94 -0.94
C LEU I 78 17.12 -32.44 -0.77
N VAL I 79 18.30 -31.93 -0.43
CA VAL I 79 18.46 -30.49 -0.36
C VAL I 79 19.32 -30.25 -1.60
N LEU I 80 18.64 -29.80 -2.65
CA LEU I 80 19.26 -29.59 -3.96
C LEU I 80 18.68 -28.36 -4.66
N PRO I 81 19.51 -27.34 -4.91
CA PRO I 81 20.94 -27.27 -4.57
C PRO I 81 21.02 -26.93 -3.10
N ALA I 82 22.14 -27.27 -2.47
CA ALA I 82 22.32 -26.99 -1.05
C ALA I 82 23.35 -25.88 -0.86
N SER I 83 22.90 -24.77 -0.27
CA SER I 83 23.78 -23.64 -0.02
C SER I 83 24.64 -23.85 1.21
N ALA I 84 25.77 -23.14 1.27
CA ALA I 84 26.64 -23.23 2.42
C ALA I 84 25.82 -22.88 3.67
N ASN I 85 25.01 -21.83 3.55
CA ASN I 85 24.19 -21.35 4.65
C ASN I 85 23.27 -22.41 5.25
N THR I 86 22.49 -23.09 4.40
CA THR I 86 21.58 -24.11 4.88
C THR I 86 22.34 -25.32 5.45
N ILE I 87 23.43 -25.68 4.79
CA ILE I 87 24.22 -26.81 5.26
C ILE I 87 24.65 -26.51 6.69
N ASN I 88 25.22 -25.33 6.90
CA ASN I 88 25.68 -24.93 8.21
C ASN I 88 24.56 -24.82 9.25
N LYS I 89 23.36 -24.40 8.82
CA LYS I 89 22.24 -24.30 9.73
C LYS I 89 21.80 -25.71 10.17
N ILE I 90 21.69 -26.62 9.19
CA ILE I 90 21.29 -27.98 9.49
C ILE I 90 22.27 -28.62 10.46
N ALA I 91 23.56 -28.43 10.18
CA ALA I 91 24.60 -28.98 11.03
C ALA I 91 24.48 -28.49 12.48
N ASN I 92 23.99 -27.27 12.68
CA ASN I 92 23.86 -26.73 14.04
C ASN I 92 22.44 -26.82 14.59
N GLY I 93 21.56 -27.51 13.87
CA GLY I 93 20.19 -27.66 14.32
C GLY I 93 19.32 -26.41 14.21
N ILE I 94 19.80 -25.42 13.49
CA ILE I 94 19.04 -24.19 13.34
C ILE I 94 17.94 -24.39 12.32
N CYS I 95 16.71 -24.19 12.75
CA CYS I 95 15.56 -24.36 11.87
C CYS I 95 14.63 -23.16 11.97
N ASP I 96 15.06 -22.04 11.35
CA ASP I 96 14.28 -20.82 11.37
C ASP I 96 13.35 -20.56 10.18
N ASN I 97 13.17 -21.55 9.32
CA ASN I 97 12.24 -21.45 8.20
C ASN I 97 11.72 -22.87 7.97
N LEU I 98 10.66 -23.03 7.18
CA LEU I 98 10.07 -24.35 6.96
C LEU I 98 11.04 -25.38 6.41
N LEU I 99 11.78 -25.03 5.37
CA LEU I 99 12.72 -25.96 4.74
C LEU I 99 13.68 -26.53 5.77
N THR I 100 14.29 -25.60 6.50
CA THR I 100 15.27 -25.95 7.49
C THR I 100 14.64 -26.71 8.68
N THR I 101 13.37 -26.48 8.97
CA THR I 101 12.68 -27.17 10.05
C THR I 101 12.38 -28.61 9.60
N VAL I 102 12.10 -28.75 8.30
CA VAL I 102 11.81 -30.06 7.72
C VAL I 102 13.10 -30.89 7.74
N CYS I 103 14.23 -30.25 7.46
CA CYS I 103 15.51 -30.96 7.45
C CYS I 103 15.94 -31.43 8.85
N LEU I 104 15.56 -30.70 9.90
CA LEU I 104 15.92 -31.12 11.25
C LEU I 104 15.12 -32.36 11.60
N THR I 105 13.81 -32.28 11.34
CA THR I 105 12.90 -33.37 11.63
C THR I 105 13.23 -34.65 10.85
N GLY I 106 13.62 -34.50 9.59
CA GLY I 106 13.92 -35.67 8.78
C GLY I 106 15.39 -35.94 8.48
N TYR I 107 16.26 -35.73 9.47
CA TYR I 107 17.69 -35.94 9.28
C TYR I 107 18.04 -37.35 8.81
N GLN I 108 17.19 -38.32 9.16
CA GLN I 108 17.42 -39.71 8.78
C GLN I 108 17.16 -40.01 7.30
N LYS I 109 16.38 -39.18 6.63
CA LYS I 109 16.07 -39.38 5.21
C LYS I 109 16.71 -38.27 4.37
N LEU I 110 17.66 -37.56 4.95
CA LEU I 110 18.30 -36.44 4.29
C LEU I 110 19.51 -36.71 3.39
N PHE I 111 19.48 -36.11 2.20
CA PHE I 111 20.58 -36.21 1.24
C PHE I 111 20.93 -34.79 0.79
N ILE I 112 22.17 -34.38 1.05
CA ILE I 112 22.62 -33.03 0.71
C ILE I 112 23.55 -32.94 -0.49
N PHE I 113 23.19 -32.06 -1.43
CA PHE I 113 24.01 -31.84 -2.63
C PHE I 113 24.55 -30.42 -2.65
N PRO I 114 25.73 -30.19 -2.05
CA PRO I 114 26.35 -28.87 -1.99
C PRO I 114 26.57 -28.22 -3.35
N ASN I 115 26.34 -26.91 -3.40
CA ASN I 115 26.58 -26.12 -4.60
C ASN I 115 26.93 -24.70 -4.20
N MET I 116 28.14 -24.26 -4.57
CA MET I 116 28.62 -22.94 -4.24
C MET I 116 29.92 -22.74 -4.97
N ASN I 117 30.43 -21.50 -4.95
CA ASN I 117 31.69 -21.19 -5.61
C ASN I 117 32.78 -21.94 -4.83
N ILE I 118 33.83 -22.34 -5.53
CA ILE I 118 34.93 -23.07 -4.91
C ILE I 118 35.53 -22.41 -3.66
N ARG I 119 35.64 -21.08 -3.67
CA ARG I 119 36.19 -20.37 -2.51
C ARG I 119 35.36 -20.53 -1.25
N MET I 120 34.03 -20.57 -1.40
CA MET I 120 33.15 -20.75 -0.25
C MET I 120 33.31 -22.16 0.29
N TRP I 121 33.53 -23.10 -0.62
CA TRP I 121 33.72 -24.51 -0.29
C TRP I 121 34.91 -24.74 0.63
N GLY I 122 35.91 -23.86 0.54
CA GLY I 122 37.10 -23.99 1.36
C GLY I 122 36.98 -23.45 2.78
N ASN I 123 35.81 -22.91 3.13
CA ASN I 123 35.61 -22.36 4.47
C ASN I 123 35.75 -23.45 5.54
N PRO I 124 36.61 -23.20 6.55
CA PRO I 124 36.89 -24.11 7.66
C PRO I 124 35.65 -24.49 8.45
N PHE I 125 34.80 -23.50 8.71
CA PHE I 125 33.59 -23.72 9.49
C PHE I 125 32.58 -24.55 8.73
N LEU I 126 32.50 -24.34 7.42
CA LEU I 126 31.59 -25.12 6.58
C LEU I 126 32.07 -26.58 6.62
N GLN I 127 33.33 -26.79 6.30
CA GLN I 127 33.91 -28.13 6.28
C GLN I 127 33.77 -28.88 7.61
N LYS I 128 33.98 -28.17 8.70
CA LYS I 128 33.85 -28.77 10.02
C LYS I 128 32.41 -29.26 10.20
N ASN I 129 31.46 -28.48 9.68
CA ASN I 129 30.04 -28.82 9.78
C ASN I 129 29.69 -30.00 8.87
N ILE I 130 30.35 -30.07 7.72
CA ILE I 130 30.11 -31.16 6.78
C ILE I 130 30.55 -32.48 7.40
N ASP I 131 31.68 -32.44 8.11
CA ASP I 131 32.19 -33.64 8.79
C ASP I 131 31.18 -34.01 9.85
N LEU I 132 30.70 -33.02 10.59
CA LEU I 132 29.74 -33.25 11.65
C LEU I 132 28.49 -33.95 11.11
N LEU I 133 28.02 -33.49 9.95
CA LEU I 133 26.83 -34.07 9.34
C LEU I 133 27.05 -35.52 8.94
N LYS I 134 28.18 -35.79 8.29
CA LYS I 134 28.51 -37.13 7.85
C LYS I 134 28.66 -38.11 9.02
N ASN I 135 29.33 -37.66 10.08
CA ASN I 135 29.55 -38.50 11.25
C ASN I 135 28.27 -38.67 12.05
N ASN I 136 27.15 -38.21 11.49
CA ASN I 136 25.87 -38.32 12.16
C ASN I 136 24.75 -38.86 11.26
N ASP I 137 25.14 -39.65 10.27
CA ASP I 137 24.20 -40.29 9.34
C ASP I 137 23.48 -39.41 8.33
N VAL I 138 24.01 -38.23 8.07
CA VAL I 138 23.39 -37.36 7.08
C VAL I 138 24.23 -37.52 5.83
N LYS I 139 23.61 -37.97 4.75
CA LYS I 139 24.34 -38.17 3.51
C LYS I 139 24.69 -36.86 2.83
N VAL I 140 25.98 -36.60 2.70
CA VAL I 140 26.45 -35.40 2.05
C VAL I 140 27.27 -35.81 0.83
N TYR I 141 26.69 -35.60 -0.34
CA TYR I 141 27.32 -35.93 -1.60
C TYR I 141 28.52 -35.02 -1.77
N SER I 142 29.61 -35.56 -2.31
CA SER I 142 30.79 -34.76 -2.54
C SER I 142 30.61 -34.03 -3.86
N PRO I 143 30.62 -32.70 -3.83
CA PRO I 143 30.45 -31.84 -4.99
C PRO I 143 31.28 -32.26 -6.18
N ASP I 144 30.65 -32.38 -7.33
CA ASP I 144 31.40 -32.75 -8.53
C ASP I 144 32.31 -31.56 -8.84
N MET I 145 33.55 -31.87 -9.22
CA MET I 145 34.55 -30.85 -9.50
C MET I 145 35.03 -30.87 -10.95
N ASN I 146 34.88 -29.74 -11.64
CA ASN I 146 35.32 -29.66 -13.03
C ASN I 146 35.63 -28.22 -13.44
N LYS I 147 36.89 -27.95 -13.80
CA LYS I 147 37.31 -26.61 -14.21
C LYS I 147 36.57 -26.19 -15.47
N ASN I 158 39.37 -24.48 -11.74
CA ASN I 158 38.79 -25.56 -10.89
C ASN I 158 37.53 -25.06 -10.14
N ASN I 159 36.34 -25.45 -10.61
CA ASN I 159 35.07 -25.04 -10.02
C ASN I 159 34.14 -26.23 -9.72
N ILE I 160 33.15 -26.04 -8.85
CA ILE I 160 32.23 -27.14 -8.56
C ILE I 160 31.01 -27.02 -9.47
N THR I 161 30.50 -28.15 -9.92
CA THR I 161 29.36 -28.18 -10.82
C THR I 161 28.19 -28.98 -10.25
N MET I 162 27.00 -28.75 -10.81
CA MET I 162 25.79 -29.43 -10.36
C MET I 162 25.73 -30.92 -10.70
N PRO I 163 25.12 -31.72 -9.80
CA PRO I 163 24.93 -33.18 -9.88
C PRO I 163 24.30 -33.70 -11.15
N ASN I 164 24.93 -34.72 -11.73
CA ASN I 164 24.40 -35.35 -12.92
C ASN I 164 23.21 -36.14 -12.40
N ILE I 165 22.04 -35.98 -13.01
CA ILE I 165 20.86 -36.68 -12.56
C ILE I 165 21.15 -38.16 -12.32
N GLU I 166 22.13 -38.69 -13.04
CA GLU I 166 22.49 -40.09 -12.88
C GLU I 166 23.14 -40.30 -11.51
N ASN I 167 24.00 -39.36 -11.13
CA ASN I 167 24.68 -39.44 -9.84
C ASN I 167 23.78 -39.14 -8.64
N VAL I 168 22.76 -38.32 -8.83
CA VAL I 168 21.86 -38.03 -7.72
C VAL I 168 21.13 -39.34 -7.43
N LEU I 169 20.73 -40.04 -8.50
CA LEU I 169 20.03 -41.32 -8.37
C LEU I 169 20.88 -42.37 -7.65
N ASN I 170 22.12 -42.50 -8.07
CA ASN I 170 23.02 -43.46 -7.44
C ASN I 170 23.15 -43.18 -5.96
N PHE I 171 23.56 -41.96 -5.63
CA PHE I 171 23.77 -41.53 -4.25
C PHE I 171 22.56 -41.73 -3.36
N VAL I 172 21.37 -41.43 -3.88
CA VAL I 172 20.15 -41.56 -3.11
C VAL I 172 19.64 -43.00 -3.02
N LEU I 173 19.77 -43.75 -4.12
CA LEU I 173 19.26 -45.12 -4.17
C LEU I 173 20.15 -46.24 -3.62
N ASN I 174 21.46 -46.00 -3.50
CA ASN I 174 22.35 -47.03 -2.99
C ASN I 174 22.38 -47.10 -1.46
N MET J 1 23.15 21.14 38.30
CA MET J 1 23.09 21.36 36.82
C MET J 1 22.08 22.45 36.49
N TYR J 2 22.10 22.89 35.24
CA TYR J 2 21.19 23.93 34.79
C TYR J 2 19.88 23.33 34.34
N GLY J 3 18.91 24.19 34.01
CA GLY J 3 17.60 23.73 33.58
C GLY J 3 17.53 22.89 32.31
N LYS J 4 16.31 22.58 31.90
CA LYS J 4 16.10 21.77 30.70
C LYS J 4 16.55 22.47 29.43
N LEU J 5 17.18 21.71 28.54
CA LEU J 5 17.67 22.24 27.28
C LEU J 5 17.09 21.46 26.08
N LEU J 6 16.68 22.20 25.06
CA LEU J 6 16.12 21.61 23.86
C LEU J 6 17.07 21.87 22.69
N ILE J 7 17.30 20.83 21.89
CA ILE J 7 18.14 20.93 20.70
C ILE J 7 17.20 20.87 19.51
N CYS J 8 17.34 21.82 18.60
CA CYS J 8 16.54 21.86 17.38
C CYS J 8 17.53 21.60 16.27
N ALA J 9 17.49 20.39 15.71
CA ALA J 9 18.43 19.99 14.66
C ALA J 9 17.87 20.14 13.25
N THR J 10 18.69 20.64 12.34
CA THR J 10 18.25 20.85 10.98
C THR J 10 19.03 20.01 10.00
N ALA J 11 18.65 20.05 8.72
CA ALA J 11 19.28 19.25 7.69
C ALA J 11 20.67 19.68 7.25
N SER J 12 21.61 19.60 8.17
CA SER J 12 22.99 19.92 7.91
C SER J 12 23.72 18.59 7.93
N ILE J 13 24.66 18.40 7.02
CA ILE J 13 25.39 17.15 7.00
C ILE J 13 25.83 16.72 8.42
N ASN J 14 26.10 17.69 9.30
CA ASN J 14 26.53 17.35 10.64
C ASN J 14 25.47 16.93 11.63
N VAL J 15 24.22 16.81 11.19
CA VAL J 15 23.20 16.37 12.11
C VAL J 15 23.48 14.88 12.40
N ILE J 16 24.32 14.25 11.59
CA ILE J 16 24.65 12.84 11.81
C ILE J 16 25.56 12.64 13.02
N ASN J 17 26.12 13.72 13.54
CA ASN J 17 26.99 13.63 14.71
C ASN J 17 26.30 14.18 15.95
N ILE J 18 25.11 14.73 15.76
CA ILE J 18 24.35 15.33 16.84
C ILE J 18 24.37 14.53 18.16
N ASN J 19 24.38 13.21 18.06
CA ASN J 19 24.39 12.35 19.25
C ASN J 19 25.56 12.60 20.17
N HIS J 20 26.66 13.12 19.62
CA HIS J 20 27.84 13.40 20.44
C HIS J 20 27.60 14.57 21.37
N TYR J 21 26.90 15.60 20.90
CA TYR J 21 26.64 16.76 21.74
C TYR J 21 25.72 16.40 22.88
N ILE J 22 24.77 15.52 22.60
CA ILE J 22 23.79 15.10 23.60
C ILE J 22 24.38 14.49 24.86
N VAL J 23 25.20 13.46 24.70
CA VAL J 23 25.77 12.83 25.89
C VAL J 23 26.60 13.81 26.71
N GLU J 24 27.32 14.68 26.02
CA GLU J 24 28.17 15.65 26.70
C GLU J 24 27.34 16.74 27.39
N LEU J 25 26.36 17.26 26.67
CA LEU J 25 25.46 18.29 27.18
C LEU J 25 24.65 17.74 28.34
N LYS J 26 24.37 16.44 28.25
CA LYS J 26 23.58 15.72 29.25
C LYS J 26 24.18 15.83 30.66
N GLN J 27 25.46 16.16 30.74
CA GLN J 27 26.13 16.29 32.05
C GLN J 27 25.98 17.67 32.68
N HIS J 28 25.47 18.65 31.92
CA HIS J 28 25.32 19.99 32.46
C HIS J 28 23.89 20.47 32.61
N PHE J 29 22.95 19.82 31.91
CA PHE J 29 21.54 20.24 31.99
C PHE J 29 20.60 19.13 32.49
N ASP J 30 19.59 19.50 33.26
CA ASP J 30 18.64 18.54 33.80
C ASP J 30 18.16 17.57 32.72
N GLU J 31 17.61 18.14 31.66
CA GLU J 31 17.15 17.36 30.53
C GLU J 31 17.67 18.00 29.25
N VAL J 32 17.95 17.16 28.27
CA VAL J 32 18.40 17.63 26.97
C VAL J 32 17.52 16.85 26.00
N ASN J 33 16.54 17.55 25.44
CA ASN J 33 15.60 16.96 24.50
C ASN J 33 15.92 17.41 23.09
N ILE J 34 15.34 16.74 22.10
CA ILE J 34 15.64 17.08 20.73
C ILE J 34 14.40 17.16 19.84
N LEU J 35 14.52 17.85 18.72
CA LEU J 35 13.41 18.06 17.78
C LEU J 35 14.08 18.27 16.42
N PHE J 36 13.58 17.63 15.38
CA PHE J 36 14.21 17.78 14.06
C PHE J 36 13.33 18.42 12.98
N SER J 37 13.99 18.95 11.96
CA SER J 37 13.28 19.50 10.83
C SER J 37 12.94 18.25 10.00
N PRO J 38 11.84 18.30 9.22
CA PRO J 38 11.43 17.15 8.40
C PRO J 38 12.55 16.60 7.51
N SER J 39 13.33 17.51 6.93
CA SER J 39 14.44 17.12 6.06
C SER J 39 15.58 16.44 6.79
N SER J 40 15.67 16.61 8.10
CA SER J 40 16.73 15.95 8.85
C SER J 40 16.66 14.45 8.61
N LYS J 41 15.44 13.92 8.58
CA LYS J 41 15.17 12.51 8.38
C LYS J 41 15.94 11.85 7.23
N ASN J 42 16.27 12.63 6.20
CA ASN J 42 17.00 12.09 5.06
C ASN J 42 18.48 11.82 5.40
N PHE J 43 18.90 12.22 6.59
CA PHE J 43 20.28 12.05 7.00
C PHE J 43 20.47 10.97 8.05
N ILE J 44 19.58 10.94 9.04
CA ILE J 44 19.70 9.95 10.10
C ILE J 44 18.34 9.35 10.46
N ASN J 45 18.38 8.35 11.33
CA ASN J 45 17.16 7.72 11.81
C ASN J 45 16.96 8.43 13.15
N THR J 46 16.02 9.37 13.19
CA THR J 46 15.80 10.14 14.40
C THR J 46 15.35 9.37 15.63
N ASP J 47 14.85 8.15 15.44
CA ASP J 47 14.42 7.37 16.59
C ASP J 47 15.56 6.92 17.52
N VAL J 48 16.74 6.72 16.97
CA VAL J 48 17.88 6.31 17.77
C VAL J 48 18.18 7.35 18.85
N LEU J 49 17.93 8.62 18.54
CA LEU J 49 18.19 9.67 19.52
C LEU J 49 17.35 9.51 20.78
N LYS J 50 16.32 8.66 20.70
CA LYS J 50 15.47 8.38 21.85
C LYS J 50 16.33 7.70 22.92
N LEU J 51 17.42 7.08 22.47
CA LEU J 51 18.34 6.35 23.33
C LEU J 51 19.30 7.25 24.09
N PHE J 52 19.36 8.52 23.73
CA PHE J 52 20.28 9.42 24.42
C PHE J 52 19.59 10.56 25.11
N CYS J 53 18.61 11.16 24.44
CA CYS J 53 17.85 12.29 24.98
C CYS J 53 16.77 11.88 25.95
N ASP J 54 16.34 12.82 26.78
CA ASP J 54 15.28 12.55 27.73
C ASP J 54 13.93 12.47 26.98
N ASN J 55 13.78 13.29 25.94
CA ASN J 55 12.56 13.28 25.17
C ASN J 55 12.81 13.67 23.72
N LEU J 56 12.15 12.95 22.81
CA LEU J 56 12.23 13.24 21.40
C LEU J 56 10.84 13.77 21.05
N TYR J 57 10.77 14.89 20.34
CA TYR J 57 9.49 15.47 19.94
C TYR J 57 9.37 15.21 18.46
N ASP J 58 8.42 14.37 18.09
CA ASP J 58 8.21 13.99 16.70
C ASP J 58 6.84 14.45 16.18
N GLU J 59 6.83 15.36 15.20
CA GLU J 59 5.59 15.89 14.64
C GLU J 59 4.83 14.93 13.73
N ILE J 60 5.49 13.91 13.19
CA ILE J 60 4.79 12.97 12.35
C ILE J 60 4.08 11.99 13.25
N LYS J 61 4.76 11.57 14.31
CA LYS J 61 4.20 10.64 15.27
C LYS J 61 3.03 11.34 15.97
N ASP J 62 3.21 12.62 16.27
CA ASP J 62 2.15 13.38 16.94
C ASP J 62 2.07 14.78 16.33
N PRO J 63 1.19 14.97 15.34
CA PRO J 63 0.92 16.22 14.60
C PRO J 63 0.40 17.38 15.43
N LEU J 64 -0.18 17.10 16.58
CA LEU J 64 -0.73 18.16 17.43
C LEU J 64 0.05 18.39 18.72
N LEU J 65 1.38 18.37 18.61
CA LEU J 65 2.26 18.60 19.76
C LEU J 65 2.06 20.06 20.19
N ASN J 66 2.01 20.32 21.50
CA ASN J 66 1.79 21.68 21.98
C ASN J 66 3.10 22.47 22.03
N HIS J 67 3.31 23.33 21.04
CA HIS J 67 4.55 24.10 20.96
C HIS J 67 4.78 25.14 22.05
N ILE J 68 3.70 25.67 22.64
CA ILE J 68 3.84 26.63 23.73
C ILE J 68 4.46 25.94 24.95
N ASN J 69 3.96 24.74 25.26
CA ASN J 69 4.45 23.94 26.38
C ASN J 69 5.91 23.56 26.21
N ILE J 70 6.29 23.19 24.98
CA ILE J 70 7.67 22.83 24.72
C ILE J 70 8.58 24.01 25.05
N VAL J 71 8.16 25.22 24.69
CA VAL J 71 8.96 26.41 24.97
C VAL J 71 8.97 26.68 26.48
N GLU J 72 7.81 26.58 27.11
CA GLU J 72 7.70 26.80 28.55
C GLU J 72 8.46 25.73 29.36
N ASN J 73 8.73 24.59 28.74
CA ASN J 73 9.42 23.49 29.38
C ASN J 73 10.93 23.64 29.40
N HIS J 74 11.47 24.49 28.53
CA HIS J 74 12.93 24.67 28.46
C HIS J 74 13.46 26.06 28.80
N GLU J 75 14.71 26.10 29.26
CA GLU J 75 15.36 27.36 29.60
C GLU J 75 16.32 27.77 28.48
N TYR J 76 16.74 26.79 27.70
CA TYR J 76 17.62 27.04 26.57
C TYR J 76 17.12 26.26 25.35
N ILE J 77 17.05 26.95 24.22
CA ILE J 77 16.63 26.32 22.98
C ILE J 77 17.79 26.56 22.03
N LEU J 78 18.40 25.47 21.61
CA LEU J 78 19.55 25.49 20.72
C LEU J 78 19.22 24.94 19.36
N VAL J 79 19.45 25.73 18.31
CA VAL J 79 19.21 25.23 16.97
C VAL J 79 20.64 24.88 16.52
N LEU J 80 20.94 23.60 16.71
CA LEU J 80 22.25 23.02 16.46
C LEU J 80 22.13 21.64 15.81
N PRO J 81 22.66 21.47 14.59
CA PRO J 81 23.33 22.48 13.76
C PRO J 81 22.22 23.32 13.09
N ALA J 82 22.56 24.53 12.66
CA ALA J 82 21.55 25.38 12.04
C ALA J 82 21.84 25.60 10.56
N SER J 83 20.90 25.17 9.73
CA SER J 83 21.06 25.32 8.28
C SER J 83 20.78 26.76 7.84
N ALA J 84 21.28 27.14 6.67
CA ALA J 84 21.00 28.49 6.18
C ALA J 84 19.48 28.70 6.07
N ASN J 85 18.78 27.67 5.59
CA ASN J 85 17.32 27.73 5.41
C ASN J 85 16.53 27.99 6.69
N THR J 86 16.89 27.33 7.79
CA THR J 86 16.15 27.57 9.03
C THR J 86 16.50 28.93 9.62
N ILE J 87 17.74 29.37 9.43
CA ILE J 87 18.18 30.67 9.93
C ILE J 87 17.36 31.75 9.25
N ASN J 88 17.24 31.63 7.93
CA ASN J 88 16.47 32.61 7.16
C ASN J 88 14.97 32.51 7.44
N LYS J 89 14.49 31.31 7.76
CA LYS J 89 13.06 31.16 8.08
C LYS J 89 12.78 31.90 9.38
N ILE J 90 13.53 31.57 10.43
CA ILE J 90 13.35 32.20 11.73
C ILE J 90 13.41 33.71 11.60
N ALA J 91 14.42 34.20 10.90
CA ALA J 91 14.60 35.62 10.72
C ALA J 91 13.36 36.28 10.09
N ASN J 92 12.64 35.58 9.21
CA ASN J 92 11.45 36.18 8.61
C ASN J 92 10.15 35.80 9.31
N GLY J 93 10.25 34.97 10.32
CA GLY J 93 9.06 34.55 11.04
C GLY J 93 8.36 33.38 10.37
N ILE J 94 9.00 32.79 9.35
CA ILE J 94 8.40 31.64 8.68
C ILE J 94 8.47 30.49 9.68
N CYS J 95 7.32 29.90 9.98
CA CYS J 95 7.25 28.79 10.92
C CYS J 95 6.30 27.73 10.36
N ASP J 96 6.80 26.97 9.38
CA ASP J 96 6.03 25.93 8.70
C ASP J 96 6.29 24.45 9.07
N ASN J 97 6.94 24.22 10.21
CA ASN J 97 7.14 22.87 10.72
C ASN J 97 7.27 23.11 12.20
N LEU J 98 7.23 22.05 13.01
CA LEU J 98 7.31 22.22 14.46
C LEU J 98 8.56 22.92 14.98
N LEU J 99 9.72 22.60 14.41
CA LEU J 99 10.97 23.20 14.87
C LEU J 99 10.95 24.70 14.69
N THR J 100 10.56 25.11 13.50
CA THR J 100 10.54 26.50 13.18
C THR J 100 9.45 27.25 14.00
N THR J 101 8.37 26.55 14.36
CA THR J 101 7.31 27.15 15.17
C THR J 101 7.78 27.27 16.63
N VAL J 102 8.58 26.30 17.08
CA VAL J 102 9.11 26.34 18.44
C VAL J 102 10.08 27.52 18.53
N CYS J 103 10.77 27.79 17.43
CA CYS J 103 11.74 28.88 17.40
C CYS J 103 11.06 30.25 17.34
N LEU J 104 9.90 30.35 16.71
CA LEU J 104 9.22 31.63 16.67
C LEU J 104 8.82 32.03 18.09
N THR J 105 8.23 31.07 18.81
CA THR J 105 7.75 31.27 20.17
C THR J 105 8.85 31.43 21.22
N GLY J 106 10.01 30.80 21.00
CA GLY J 106 11.06 30.92 21.98
C GLY J 106 12.24 31.78 21.56
N TYR J 107 11.99 32.84 20.80
CA TYR J 107 13.07 33.70 20.34
C TYR J 107 13.89 34.27 21.49
N GLN J 108 13.25 34.43 22.65
CA GLN J 108 13.95 34.96 23.82
C GLN J 108 14.89 33.95 24.44
N LYS J 109 14.80 32.68 24.04
CA LYS J 109 15.65 31.64 24.60
C LYS J 109 16.48 30.92 23.56
N LEU J 110 16.45 31.46 22.35
CA LEU J 110 17.11 30.86 21.20
C LEU J 110 18.60 31.12 20.98
N PHE J 111 19.36 30.04 20.76
CA PHE J 111 20.80 30.11 20.51
C PHE J 111 21.09 29.41 19.16
N ILE J 112 21.75 30.10 18.23
CA ILE J 112 21.99 29.51 16.91
C ILE J 112 23.45 29.22 16.52
N PHE J 113 23.70 27.99 16.10
CA PHE J 113 25.06 27.63 15.70
C PHE J 113 25.05 27.27 14.24
N PRO J 114 25.32 28.25 13.38
CA PRO J 114 25.32 27.99 11.93
C PRO J 114 26.31 26.94 11.46
N ASN J 115 25.87 26.12 10.51
CA ASN J 115 26.73 25.12 9.90
C ASN J 115 26.35 24.98 8.44
N MET J 116 27.32 25.22 7.56
CA MET J 116 27.06 25.15 6.13
C MET J 116 28.39 25.39 5.43
N ASN J 117 28.44 25.09 4.14
CA ASN J 117 29.66 25.30 3.38
C ASN J 117 30.02 26.79 3.35
N ILE J 118 31.31 27.09 3.37
CA ILE J 118 31.77 28.48 3.36
C ILE J 118 31.12 29.35 2.28
N ARG J 119 30.82 28.77 1.13
CA ARG J 119 30.22 29.54 0.05
C ARG J 119 28.78 29.94 0.34
N MET J 120 28.04 29.07 1.02
CA MET J 120 26.65 29.39 1.37
C MET J 120 26.68 30.55 2.38
N TRP J 121 27.68 30.51 3.26
CA TRP J 121 27.84 31.50 4.31
C TRP J 121 28.04 32.93 3.80
N GLY J 122 28.50 33.06 2.55
CA GLY J 122 28.73 34.37 1.98
C GLY J 122 27.50 35.02 1.36
N ASN J 123 26.36 34.34 1.41
CA ASN J 123 25.13 34.88 0.84
C ASN J 123 24.68 36.16 1.56
N PRO J 124 24.40 37.22 0.79
CA PRO J 124 23.97 38.52 1.32
C PRO J 124 22.62 38.48 2.03
N PHE J 125 21.73 37.64 1.54
CA PHE J 125 20.41 37.56 2.13
C PHE J 125 20.46 36.90 3.51
N LEU J 126 21.21 35.81 3.61
CA LEU J 126 21.40 35.13 4.87
C LEU J 126 22.04 36.11 5.86
N GLN J 127 23.10 36.78 5.41
CA GLN J 127 23.81 37.74 6.28
C GLN J 127 22.90 38.86 6.79
N LYS J 128 22.07 39.42 5.93
CA LYS J 128 21.17 40.47 6.36
C LYS J 128 20.31 39.93 7.47
N ASN J 129 19.87 38.68 7.29
CA ASN J 129 19.01 37.98 8.25
C ASN J 129 19.73 37.69 9.56
N ILE J 130 21.01 37.32 9.48
CA ILE J 130 21.77 37.04 10.69
C ILE J 130 21.86 38.30 11.52
N ASP J 131 22.06 39.44 10.85
CA ASP J 131 22.14 40.73 11.52
C ASP J 131 20.79 41.02 12.17
N LEU J 132 19.73 40.77 11.42
CA LEU J 132 18.38 41.02 11.93
C LEU J 132 18.17 40.21 13.19
N LEU J 133 18.62 38.96 13.18
CA LEU J 133 18.45 38.09 14.33
C LEU J 133 19.18 38.68 15.54
N LYS J 134 20.47 38.94 15.40
CA LYS J 134 21.28 39.48 16.50
C LYS J 134 20.72 40.79 17.04
N ASN J 135 20.34 41.69 16.14
CA ASN J 135 19.82 43.00 16.53
C ASN J 135 18.49 42.93 17.24
N ASN J 136 17.92 41.73 17.27
CA ASN J 136 16.66 41.52 17.95
C ASN J 136 16.85 40.60 19.15
N ASP J 137 18.11 40.48 19.56
CA ASP J 137 18.52 39.69 20.71
C ASP J 137 18.40 38.17 20.59
N VAL J 138 18.68 37.64 19.41
CA VAL J 138 18.67 36.20 19.25
C VAL J 138 20.17 35.91 19.14
N LYS J 139 20.70 35.14 20.07
CA LYS J 139 22.12 34.82 20.04
C LYS J 139 22.48 33.91 18.86
N VAL J 140 23.41 34.39 18.03
CA VAL J 140 23.88 33.63 16.88
C VAL J 140 25.37 33.53 17.06
N TYR J 141 25.84 32.29 17.20
CA TYR J 141 27.26 32.01 17.40
C TYR J 141 28.03 32.27 16.10
N SER J 142 29.27 32.74 16.23
CA SER J 142 30.10 33.01 15.06
C SER J 142 30.78 31.69 14.67
N PRO J 143 30.44 31.16 13.48
CA PRO J 143 30.96 29.91 12.92
C PRO J 143 32.46 29.76 12.99
N ASP J 144 32.91 28.62 13.47
CA ASP J 144 34.33 28.32 13.56
C ASP J 144 34.89 28.09 12.16
N MET J 145 36.09 28.59 11.93
CA MET J 145 36.77 28.47 10.64
C MET J 145 38.15 27.86 10.83
N ASN J 146 38.56 27.03 9.88
CA ASN J 146 39.87 26.39 9.95
C ASN J 146 40.40 26.12 8.55
N LYS J 147 41.59 26.65 8.27
CA LYS J 147 42.25 26.48 6.98
C LYS J 147 42.95 25.12 6.96
N ASN J 158 39.90 27.88 3.69
CA ASN J 158 38.99 28.38 4.77
C ASN J 158 37.62 27.71 4.67
N ASN J 159 37.23 26.99 5.73
CA ASN J 159 35.94 26.29 5.74
C ASN J 159 35.36 26.32 7.14
N ILE J 160 34.03 26.29 7.25
CA ILE J 160 33.42 26.32 8.57
C ILE J 160 33.33 24.92 9.18
N THR J 161 33.55 24.86 10.49
CA THR J 161 33.51 23.60 11.22
C THR J 161 32.56 23.67 12.42
N MET J 162 32.14 22.50 12.90
CA MET J 162 31.23 22.43 14.04
C MET J 162 31.87 22.95 15.34
N PRO J 163 31.05 23.45 16.27
CA PRO J 163 31.56 23.98 17.54
C PRO J 163 31.95 22.86 18.49
N ASN J 164 32.94 23.11 19.34
CA ASN J 164 33.32 22.10 20.32
C ASN J 164 32.31 22.26 21.45
N ILE J 165 32.08 21.19 22.20
CA ILE J 165 31.12 21.26 23.28
C ILE J 165 31.46 22.37 24.27
N GLU J 166 32.76 22.64 24.45
CA GLU J 166 33.21 23.68 25.37
C GLU J 166 32.78 25.08 24.94
N ASN J 167 32.80 25.33 23.64
CA ASN J 167 32.40 26.62 23.10
C ASN J 167 30.89 26.83 23.12
N VAL J 168 30.11 25.76 22.95
CA VAL J 168 28.64 25.90 22.97
C VAL J 168 28.22 26.14 24.42
N LEU J 169 28.86 25.42 25.33
CA LEU J 169 28.59 25.54 26.75
C LEU J 169 28.80 26.98 27.19
N ASN J 170 29.89 27.54 26.71
CA ASN J 170 30.28 28.90 27.02
C ASN J 170 29.35 29.95 26.41
N PHE J 171 28.93 29.72 25.17
CA PHE J 171 28.07 30.65 24.46
C PHE J 171 26.64 30.60 24.98
N VAL J 172 26.28 29.49 25.61
CA VAL J 172 24.94 29.30 26.13
C VAL J 172 24.75 29.71 27.59
N LEU J 173 25.70 29.37 28.45
CA LEU J 173 25.57 29.70 29.86
C LEU J 173 25.97 31.15 30.18
N ASN J 174 27.10 31.58 29.63
CA ASN J 174 27.60 32.94 29.88
C ASN J 174 26.94 33.98 28.97
N MET K 1 6.23 -14.00 47.75
CA MET K 1 6.25 -13.69 46.29
C MET K 1 7.67 -13.28 45.88
N TYR K 2 8.20 -13.96 44.86
CA TYR K 2 9.57 -13.70 44.38
C TYR K 2 9.68 -12.54 43.40
N GLY K 3 10.91 -12.32 42.91
CA GLY K 3 11.16 -11.22 41.99
C GLY K 3 10.50 -11.30 40.62
N LYS K 4 10.73 -10.28 39.80
CA LYS K 4 10.14 -10.23 38.47
C LYS K 4 10.59 -11.39 37.58
N LEU K 5 9.65 -11.94 36.83
CA LEU K 5 9.91 -13.05 35.93
C LEU K 5 9.54 -12.72 34.49
N LEU K 6 10.39 -13.15 33.56
CA LEU K 6 10.19 -12.90 32.14
C LEU K 6 10.04 -14.19 31.36
N ILE K 7 8.96 -14.28 30.58
CA ILE K 7 8.72 -15.44 29.72
C ILE K 7 9.16 -15.10 28.30
N CYS K 8 9.92 -16.02 27.71
CA CYS K 8 10.40 -15.86 26.34
C CYS K 8 9.76 -17.02 25.58
N ALA K 9 8.60 -16.73 24.96
CA ALA K 9 7.83 -17.71 24.22
C ALA K 9 8.26 -17.86 22.76
N THR K 10 8.31 -19.11 22.28
CA THR K 10 8.71 -19.37 20.89
C THR K 10 7.59 -20.03 20.07
N ALA K 11 7.83 -20.19 18.78
CA ALA K 11 6.83 -20.72 17.87
C ALA K 11 6.54 -22.20 17.99
N SER K 12 6.22 -22.62 19.21
CA SER K 12 5.84 -23.99 19.49
C SER K 12 4.31 -23.94 19.44
N ILE K 13 3.68 -25.03 19.01
CA ILE K 13 2.23 -25.04 18.93
C ILE K 13 1.64 -24.65 20.28
N ASN K 14 2.26 -25.12 21.36
CA ASN K 14 1.76 -24.81 22.69
C ASN K 14 1.77 -23.35 23.11
N VAL K 15 2.32 -22.47 22.29
CA VAL K 15 2.34 -21.07 22.65
C VAL K 15 0.90 -20.53 22.71
N ILE K 16 -0.05 -21.29 22.15
CA ILE K 16 -1.45 -20.88 22.16
C ILE K 16 -2.07 -21.04 23.55
N ASN K 17 -1.37 -21.72 24.44
CA ASN K 17 -1.86 -21.92 25.80
C ASN K 17 -1.01 -21.17 26.83
N ILE K 18 -0.10 -20.32 26.34
CA ILE K 18 0.79 -19.55 27.20
C ILE K 18 0.01 -18.68 28.20
N ASN K 19 -1.18 -18.23 27.82
CA ASN K 19 -1.97 -17.38 28.71
C ASN K 19 -2.29 -18.06 30.05
N HIS K 20 -2.43 -19.39 30.03
CA HIS K 20 -2.74 -20.14 31.23
C HIS K 20 -1.60 -20.09 32.23
N TYR K 21 -0.37 -20.25 31.75
CA TYR K 21 0.79 -20.21 32.62
C TYR K 21 0.91 -18.84 33.26
N ILE K 22 0.67 -17.80 32.48
CA ILE K 22 0.79 -16.43 32.95
C ILE K 22 0.03 -16.14 34.25
N VAL K 23 -1.28 -16.33 34.24
CA VAL K 23 -2.09 -16.03 35.43
C VAL K 23 -1.75 -16.92 36.63
N GLU K 24 -1.20 -18.10 36.33
CA GLU K 24 -0.81 -19.07 37.35
C GLU K 24 0.47 -18.55 38.03
N LEU K 25 1.46 -18.22 37.22
CA LEU K 25 2.75 -17.71 37.69
C LEU K 25 2.61 -16.29 38.26
N LYS K 26 1.53 -15.62 37.90
CA LYS K 26 1.28 -14.26 38.35
C LYS K 26 1.18 -14.19 39.87
N GLN K 27 0.63 -15.25 40.46
CA GLN K 27 0.45 -15.33 41.91
C GLN K 27 1.70 -15.70 42.69
N HIS K 28 2.86 -15.71 42.03
CA HIS K 28 4.10 -16.07 42.72
C HIS K 28 5.22 -15.06 42.52
N PHE K 29 5.22 -14.38 41.37
CA PHE K 29 6.26 -13.41 41.06
C PHE K 29 5.73 -11.98 40.98
N ASP K 30 6.45 -11.04 41.58
CA ASP K 30 6.06 -9.63 41.60
C ASP K 30 5.46 -9.21 40.28
N GLU K 31 6.10 -9.66 39.21
CA GLU K 31 5.67 -9.37 37.86
C GLU K 31 5.96 -10.56 36.99
N VAL K 32 5.12 -10.77 35.99
CA VAL K 32 5.32 -11.84 35.03
C VAL K 32 5.12 -11.11 33.71
N ASN K 33 6.23 -10.89 33.01
CA ASN K 33 6.26 -10.18 31.74
C ASN K 33 6.55 -11.14 30.59
N ILE K 34 6.22 -10.73 29.37
CA ILE K 34 6.43 -11.62 28.22
C ILE K 34 7.09 -10.99 26.99
N LEU K 35 7.73 -11.86 26.20
CA LEU K 35 8.44 -11.47 24.96
C LEU K 35 8.28 -12.67 24.01
N PHE K 36 7.97 -12.41 22.74
CA PHE K 36 7.79 -13.51 21.77
C PHE K 36 8.77 -13.53 20.61
N SER K 37 8.95 -14.70 20.01
CA SER K 37 9.80 -14.82 18.82
C SER K 37 8.88 -14.36 17.67
N PRO K 38 9.45 -13.83 16.58
CA PRO K 38 8.62 -13.37 15.44
C PRO K 38 7.66 -14.44 14.91
N SER K 39 8.15 -15.65 14.69
CA SER K 39 7.32 -16.73 14.19
C SER K 39 6.12 -17.02 15.08
N SER K 40 6.23 -16.63 16.34
CA SER K 40 5.16 -16.84 17.30
C SER K 40 3.85 -16.19 16.88
N LYS K 41 3.96 -15.04 16.19
CA LYS K 41 2.80 -14.29 15.73
C LYS K 41 1.92 -15.05 14.76
N ASN K 42 2.39 -16.19 14.26
CA ASN K 42 1.62 -16.98 13.32
C ASN K 42 0.71 -17.94 14.06
N PHE K 43 0.80 -17.96 15.38
CA PHE K 43 0.01 -18.89 16.17
C PHE K 43 -1.03 -18.19 17.02
N ILE K 44 -0.69 -17.00 17.48
CA ILE K 44 -1.60 -16.25 18.33
C ILE K 44 -1.50 -14.76 18.05
N ASN K 45 -2.44 -14.00 18.58
CA ASN K 45 -2.36 -12.55 18.46
C ASN K 45 -1.63 -12.19 19.76
N THR K 46 -0.36 -11.83 19.65
CA THR K 46 0.44 -11.52 20.82
C THR K 46 0.02 -10.33 21.67
N ASP K 47 -0.88 -9.49 21.17
CA ASP K 47 -1.33 -8.34 21.95
C ASP K 47 -2.28 -8.68 23.09
N VAL K 48 -3.07 -9.73 22.91
CA VAL K 48 -4.02 -10.15 23.92
C VAL K 48 -3.30 -10.43 25.23
N LEU K 49 -2.06 -10.89 25.13
CA LEU K 49 -1.29 -11.19 26.32
C LEU K 49 -1.05 -9.97 27.23
N LYS K 50 -1.23 -8.76 26.72
CA LYS K 50 -1.05 -7.57 27.54
C LYS K 50 -2.13 -7.58 28.62
N LEU K 51 -3.21 -8.30 28.35
CA LEU K 51 -4.33 -8.40 29.27
C LEU K 51 -4.02 -9.31 30.46
N PHE K 52 -2.99 -10.13 30.34
CA PHE K 52 -2.62 -11.05 31.42
C PHE K 52 -1.26 -10.73 32.00
N CYS K 53 -0.37 -10.17 31.18
CA CYS K 53 0.96 -9.83 31.62
C CYS K 53 1.13 -8.39 32.10
N ASP K 54 2.13 -8.18 32.95
CA ASP K 54 2.41 -6.87 33.48
C ASP K 54 2.95 -6.03 32.33
N ASN K 55 3.89 -6.59 31.58
CA ASN K 55 4.49 -5.89 30.46
C ASN K 55 4.74 -6.84 29.30
N LEU K 56 4.62 -6.31 28.10
CA LEU K 56 4.84 -7.05 26.88
C LEU K 56 5.84 -6.30 26.03
N TYR K 57 6.99 -6.92 25.78
CA TYR K 57 8.01 -6.28 24.96
C TYR K 57 7.78 -6.71 23.52
N ASP K 58 7.61 -5.75 22.62
CA ASP K 58 7.39 -6.04 21.20
C ASP K 58 8.41 -5.26 20.36
N GLU K 59 9.29 -5.98 19.68
CA GLU K 59 10.34 -5.37 18.87
C GLU K 59 9.85 -4.68 17.61
N ILE K 60 8.65 -5.02 17.14
CA ILE K 60 8.11 -4.36 15.95
C ILE K 60 7.61 -2.99 16.36
N LYS K 61 6.88 -2.94 17.47
CA LYS K 61 6.34 -1.69 18.00
C LYS K 61 7.55 -0.81 18.30
N ASP K 62 8.54 -1.39 18.98
CA ASP K 62 9.77 -0.66 19.28
C ASP K 62 11.01 -1.48 18.91
N PRO K 63 11.61 -1.19 17.75
CA PRO K 63 12.80 -1.89 17.23
C PRO K 63 14.07 -1.53 17.98
N LEU K 64 13.97 -0.59 18.92
CA LEU K 64 15.14 -0.14 19.66
C LEU K 64 15.06 -0.38 21.18
N LEU K 65 14.45 -1.49 21.58
CA LEU K 65 14.33 -1.82 23.00
C LEU K 65 15.68 -2.21 23.57
N ASN K 66 15.96 -1.75 24.79
CA ASN K 66 17.22 -2.03 25.47
C ASN K 66 17.22 -3.40 26.15
N HIS K 67 17.72 -4.42 25.44
CA HIS K 67 17.74 -5.77 26.00
C HIS K 67 18.57 -5.92 27.28
N ILE K 68 19.55 -5.03 27.49
CA ILE K 68 20.36 -5.11 28.71
C ILE K 68 19.46 -4.82 29.90
N ASN K 69 18.71 -3.72 29.80
CA ASN K 69 17.79 -3.36 30.85
C ASN K 69 16.75 -4.46 31.04
N ILE K 70 16.28 -5.05 29.94
CA ILE K 70 15.28 -6.11 30.03
C ILE K 70 15.74 -7.25 30.92
N VAL K 71 17.00 -7.66 30.72
CA VAL K 71 17.59 -8.74 31.48
C VAL K 71 17.81 -8.35 32.94
N GLU K 72 18.05 -7.06 33.19
CA GLU K 72 18.28 -6.59 34.53
C GLU K 72 17.03 -6.44 35.37
N ASN K 73 15.88 -6.23 34.73
CA ASN K 73 14.64 -6.06 35.46
C ASN K 73 14.08 -7.39 35.90
N HIS K 74 14.71 -8.47 35.48
CA HIS K 74 14.22 -9.79 35.83
C HIS K 74 15.23 -10.68 36.53
N GLU K 75 14.73 -11.49 37.47
CA GLU K 75 15.56 -12.41 38.20
C GLU K 75 15.44 -13.79 37.58
N TYR K 76 14.39 -14.00 36.80
CA TYR K 76 14.17 -15.29 36.15
C TYR K 76 13.76 -15.14 34.71
N ILE K 77 14.45 -15.81 33.81
CA ILE K 77 14.09 -15.75 32.41
C ILE K 77 13.81 -17.15 31.92
N LEU K 78 12.56 -17.39 31.55
CA LEU K 78 12.14 -18.69 31.07
C LEU K 78 11.86 -18.66 29.58
N VAL K 79 12.31 -19.66 28.86
CA VAL K 79 11.97 -19.74 27.46
C VAL K 79 10.97 -20.89 27.49
N LEU K 80 9.69 -20.53 27.40
CA LEU K 80 8.58 -21.46 27.47
C LEU K 80 7.43 -20.99 26.60
N PRO K 81 7.03 -21.80 25.60
CA PRO K 81 7.65 -23.09 25.28
C PRO K 81 8.97 -22.82 24.59
N ALA K 82 9.89 -23.78 24.63
CA ALA K 82 11.18 -23.61 23.97
C ALA K 82 11.20 -24.50 22.73
N SER K 83 11.33 -23.89 21.55
CA SER K 83 11.36 -24.63 20.30
C SER K 83 12.76 -25.19 20.07
N ALA K 84 12.87 -26.17 19.18
CA ALA K 84 14.17 -26.73 18.89
C ALA K 84 15.07 -25.61 18.37
N ASN K 85 14.59 -24.91 17.34
CA ASN K 85 15.31 -23.81 16.71
C ASN K 85 15.89 -22.75 17.67
N THR K 86 15.09 -22.25 18.63
CA THR K 86 15.62 -21.27 19.55
C THR K 86 16.62 -21.94 20.49
N ILE K 87 16.33 -23.18 20.90
CA ILE K 87 17.24 -23.89 21.78
C ILE K 87 18.62 -23.95 21.12
N ASN K 88 18.65 -24.29 19.83
CA ASN K 88 19.90 -24.38 19.08
C ASN K 88 20.56 -23.01 18.84
N LYS K 89 19.74 -21.99 18.59
CA LYS K 89 20.29 -20.65 18.36
C LYS K 89 21.02 -20.19 19.63
N ILE K 90 20.33 -20.26 20.76
CA ILE K 90 20.91 -19.86 22.03
C ILE K 90 22.23 -20.60 22.28
N ALA K 91 22.21 -21.91 22.07
CA ALA K 91 23.40 -22.74 22.28
C ALA K 91 24.59 -22.32 21.43
N ASN K 92 24.33 -21.80 20.22
CA ASN K 92 25.42 -21.37 19.35
C ASN K 92 25.65 -19.86 19.43
N GLY K 93 25.00 -19.21 20.39
CA GLY K 93 25.15 -17.78 20.54
C GLY K 93 24.48 -16.94 19.45
N ILE K 94 23.62 -17.55 18.63
CA ILE K 94 22.92 -16.82 17.56
C ILE K 94 21.83 -15.97 18.21
N CYS K 95 21.86 -14.67 17.99
CA CYS K 95 20.86 -13.78 18.57
C CYS K 95 20.40 -12.77 17.52
N ASP K 96 19.50 -13.21 16.63
CA ASP K 96 19.01 -12.35 15.56
C ASP K 96 17.61 -11.77 15.72
N ASN K 97 17.05 -11.88 16.93
CA ASN K 97 15.73 -11.30 17.25
C ASN K 97 15.81 -10.84 18.70
N LEU K 98 14.86 -10.05 19.15
CA LEU K 98 14.92 -9.57 20.51
C LEU K 98 15.02 -10.68 21.55
N LEU K 99 14.21 -11.72 21.40
CA LEU K 99 14.20 -12.83 22.32
C LEU K 99 15.57 -13.52 22.46
N THR K 100 16.18 -13.91 21.35
CA THR K 100 17.47 -14.58 21.47
C THR K 100 18.57 -13.64 21.93
N THR K 101 18.39 -12.33 21.75
CA THR K 101 19.40 -11.39 22.19
C THR K 101 19.30 -11.35 23.70
N VAL K 102 18.07 -11.33 24.20
CA VAL K 102 17.83 -11.32 25.63
C VAL K 102 18.40 -12.60 26.24
N CYS K 103 18.23 -13.73 25.56
CA CYS K 103 18.74 -14.97 26.10
C CYS K 103 20.29 -15.01 26.14
N LEU K 104 20.95 -14.49 25.12
CA LEU K 104 22.41 -14.50 25.13
C LEU K 104 22.89 -13.69 26.33
N THR K 105 22.19 -12.61 26.61
CA THR K 105 22.55 -11.71 27.70
C THR K 105 22.23 -12.22 29.11
N GLY K 106 21.09 -12.89 29.26
CA GLY K 106 20.71 -13.40 30.56
C GLY K 106 20.86 -14.90 30.71
N TYR K 107 21.94 -15.45 30.18
CA TYR K 107 22.17 -16.90 30.27
C TYR K 107 22.30 -17.38 31.72
N GLN K 108 22.74 -16.51 32.62
CA GLN K 108 22.91 -16.89 34.02
C GLN K 108 21.63 -17.03 34.83
N LYS K 109 20.52 -16.53 34.29
CA LYS K 109 19.24 -16.61 34.97
C LYS K 109 18.19 -17.17 34.00
N LEU K 110 18.66 -18.02 33.09
CA LEU K 110 17.83 -18.61 32.06
C LEU K 110 17.39 -20.05 32.34
N PHE K 111 16.12 -20.34 32.08
CA PHE K 111 15.56 -21.69 32.28
C PHE K 111 14.77 -22.10 31.02
N ILE K 112 15.22 -23.17 30.37
CA ILE K 112 14.60 -23.63 29.13
C ILE K 112 13.64 -24.80 29.26
N PHE K 113 12.42 -24.63 28.76
CA PHE K 113 11.39 -25.66 28.79
C PHE K 113 11.05 -26.19 27.38
N PRO K 114 11.82 -27.16 26.88
CA PRO K 114 11.60 -27.76 25.56
C PRO K 114 10.20 -28.29 25.29
N ASN K 115 9.69 -28.00 24.10
CA ASN K 115 8.38 -28.49 23.68
C ASN K 115 8.36 -28.70 22.17
N MET K 116 8.39 -29.96 21.75
CA MET K 116 8.41 -30.28 20.33
C MET K 116 7.92 -31.70 20.10
N ASN K 117 7.74 -32.07 18.83
CA ASN K 117 7.31 -33.42 18.53
C ASN K 117 8.42 -34.35 18.97
N ILE K 118 8.05 -35.55 19.41
CA ILE K 118 9.05 -36.52 19.88
C ILE K 118 10.16 -36.83 18.86
N ARG K 119 9.86 -36.74 17.56
CA ARG K 119 10.88 -37.02 16.57
C ARG K 119 11.97 -35.96 16.47
N MET K 120 11.60 -34.69 16.62
CA MET K 120 12.58 -33.60 16.56
C MET K 120 13.53 -33.71 17.75
N TRP K 121 12.99 -34.17 18.87
CA TRP K 121 13.75 -34.31 20.10
C TRP K 121 14.95 -35.26 20.01
N GLY K 122 14.91 -36.22 19.09
CA GLY K 122 16.00 -37.15 18.94
C GLY K 122 17.10 -36.71 17.99
N ASN K 123 16.95 -35.51 17.44
CA ASN K 123 17.93 -34.98 16.51
C ASN K 123 19.29 -34.85 17.19
N PRO K 124 20.35 -35.39 16.57
CA PRO K 124 21.72 -35.37 17.09
C PRO K 124 22.25 -33.99 17.52
N PHE K 125 22.07 -33.01 16.64
CA PHE K 125 22.55 -31.65 16.88
C PHE K 125 21.79 -30.98 18.03
N LEU K 126 20.48 -31.15 18.04
CA LEU K 126 19.66 -30.59 19.10
C LEU K 126 20.16 -31.11 20.46
N GLN K 127 20.32 -32.43 20.59
CA GLN K 127 20.79 -33.02 21.84
C GLN K 127 22.21 -32.58 22.17
N LYS K 128 23.07 -32.60 21.15
CA LYS K 128 24.44 -32.18 21.32
C LYS K 128 24.44 -30.77 21.95
N ASN K 129 23.63 -29.87 21.40
CA ASN K 129 23.53 -28.50 21.88
C ASN K 129 22.98 -28.40 23.29
N ILE K 130 22.07 -29.30 23.65
CA ILE K 130 21.49 -29.27 24.98
C ILE K 130 22.56 -29.63 25.99
N ASP K 131 23.47 -30.51 25.58
CA ASP K 131 24.58 -30.89 26.46
C ASP K 131 25.42 -29.66 26.69
N LEU K 132 25.76 -28.98 25.61
CA LEU K 132 26.59 -27.78 25.68
C LEU K 132 25.93 -26.70 26.52
N LEU K 133 24.60 -26.64 26.48
CA LEU K 133 23.88 -25.65 27.26
C LEU K 133 24.00 -25.98 28.75
N LYS K 134 23.75 -27.24 29.08
CA LYS K 134 23.84 -27.69 30.48
C LYS K 134 25.25 -27.57 31.04
N ASN K 135 26.26 -27.82 30.20
CA ASN K 135 27.64 -27.74 30.61
C ASN K 135 28.16 -26.31 30.70
N ASN K 136 27.25 -25.34 30.55
CA ASN K 136 27.61 -23.93 30.63
C ASN K 136 26.65 -23.08 31.45
N ASP K 137 26.04 -23.69 32.46
CA ASP K 137 25.13 -23.02 33.39
C ASP K 137 23.72 -22.69 32.95
N VAL K 138 23.30 -23.17 31.79
CA VAL K 138 21.94 -22.89 31.35
C VAL K 138 21.05 -24.03 31.83
N LYS K 139 20.03 -23.72 32.62
CA LYS K 139 19.12 -24.76 33.10
C LYS K 139 18.18 -25.25 32.00
N VAL K 140 18.39 -26.48 31.56
CA VAL K 140 17.53 -27.07 30.54
C VAL K 140 16.72 -28.14 31.24
N TYR K 141 15.40 -27.99 31.20
CA TYR K 141 14.47 -28.91 31.82
C TYR K 141 14.29 -30.19 31.01
N SER K 142 14.01 -31.28 31.71
CA SER K 142 13.79 -32.56 31.04
C SER K 142 12.32 -32.74 30.73
N PRO K 143 11.95 -32.62 29.45
CA PRO K 143 10.57 -32.75 28.94
C PRO K 143 9.80 -33.95 29.49
N ASP K 144 8.55 -33.71 29.87
CA ASP K 144 7.69 -34.77 30.41
C ASP K 144 7.18 -35.62 29.25
N MET K 145 7.17 -36.93 29.44
CA MET K 145 6.72 -37.84 28.38
C MET K 145 5.68 -38.84 28.88
N ASN K 146 4.97 -39.44 27.93
CA ASN K 146 3.93 -40.42 28.24
C ASN K 146 3.43 -41.09 26.96
N ASN K 158 5.33 -43.14 22.82
CA ASN K 158 5.96 -42.20 23.80
C ASN K 158 5.93 -40.76 23.26
N ASN K 159 5.09 -39.93 23.85
CA ASN K 159 4.95 -38.53 23.42
C ASN K 159 5.83 -37.57 24.23
N ILE K 160 5.33 -36.36 24.41
CA ILE K 160 6.03 -35.32 25.14
C ILE K 160 5.07 -34.15 25.34
N THR K 161 4.87 -33.76 26.60
CA THR K 161 3.93 -32.68 26.92
C THR K 161 4.54 -31.43 27.58
N MET K 162 3.66 -30.49 27.90
CA MET K 162 4.06 -29.24 28.53
C MET K 162 4.25 -29.32 30.04
N PRO K 163 5.05 -28.40 30.60
CA PRO K 163 5.37 -28.30 32.02
C PRO K 163 4.18 -28.01 32.93
N ASN K 164 3.91 -28.91 33.86
CA ASN K 164 2.85 -28.72 34.82
C ASN K 164 3.27 -27.47 35.61
N ILE K 165 2.30 -26.72 36.14
CA ILE K 165 2.63 -25.51 36.87
C ILE K 165 3.55 -25.76 38.07
N GLU K 166 3.29 -26.82 38.82
CA GLU K 166 4.14 -27.13 39.97
C GLU K 166 5.55 -27.42 39.48
N ASN K 167 5.65 -28.27 38.45
CA ASN K 167 6.93 -28.64 37.85
C ASN K 167 7.83 -27.46 37.53
N VAL K 168 7.28 -26.47 36.81
CA VAL K 168 8.04 -25.29 36.44
C VAL K 168 8.49 -24.50 37.66
N LEU K 169 7.64 -24.40 38.68
CA LEU K 169 8.02 -23.68 39.89
C LEU K 169 9.20 -24.38 40.57
N ASN K 170 9.15 -25.70 40.63
CA ASN K 170 10.22 -26.50 41.25
C ASN K 170 11.54 -26.23 40.57
N PHE K 171 11.54 -26.36 39.25
CA PHE K 171 12.72 -26.17 38.41
C PHE K 171 13.29 -24.76 38.47
N VAL K 172 12.43 -23.75 38.63
CA VAL K 172 12.87 -22.37 38.69
C VAL K 172 13.25 -21.87 40.08
N LEU K 173 12.48 -22.26 41.09
CA LEU K 173 12.75 -21.81 42.46
C LEU K 173 13.76 -22.70 43.18
N ASN K 174 13.53 -24.00 43.13
CA ASN K 174 14.43 -24.97 43.76
C ASN K 174 15.60 -25.25 42.82
N MET L 1 49.64 4.01 -1.03
CA MET L 1 48.94 3.49 0.18
C MET L 1 48.46 2.04 0.00
N TYR L 2 47.63 1.58 0.92
CA TYR L 2 47.15 0.20 0.88
C TYR L 2 45.95 -0.01 -0.02
N GLY L 3 45.68 -1.27 -0.34
CA GLY L 3 44.57 -1.62 -1.20
C GLY L 3 43.18 -1.32 -0.69
N LYS L 4 42.19 -1.83 -1.42
CA LYS L 4 40.79 -1.64 -1.08
C LYS L 4 40.39 -2.34 0.21
N LEU L 5 39.63 -1.62 1.02
CA LEU L 5 39.15 -2.12 2.30
C LEU L 5 37.63 -2.05 2.33
N LEU L 6 37.00 -3.04 2.95
CA LEU L 6 35.54 -3.08 3.05
C LEU L 6 35.09 -3.13 4.49
N ILE L 7 34.09 -2.33 4.82
CA ILE L 7 33.57 -2.34 6.17
C ILE L 7 32.21 -3.04 6.16
N CYS L 8 32.08 -4.07 6.98
CA CYS L 8 30.82 -4.79 7.14
C CYS L 8 30.33 -4.33 8.50
N ALA L 9 29.32 -3.47 8.50
CA ALA L 9 28.79 -2.94 9.74
C ALA L 9 27.54 -3.66 10.22
N THR L 10 27.50 -3.99 11.49
CA THR L 10 26.35 -4.67 12.04
C THR L 10 25.59 -3.78 13.03
N ALA L 11 24.42 -4.27 13.45
CA ALA L 11 23.52 -3.56 14.34
C ALA L 11 23.97 -3.36 15.78
N SER L 12 25.10 -2.67 15.93
CA SER L 12 25.65 -2.31 17.23
C SER L 12 25.27 -0.84 17.31
N ILE L 13 24.99 -0.35 18.51
CA ILE L 13 24.63 1.07 18.66
C ILE L 13 25.71 1.98 18.08
N ASN L 14 26.98 1.56 18.15
CA ASN L 14 28.05 2.40 17.62
C ASN L 14 28.11 2.48 16.11
N VAL L 15 27.19 1.83 15.44
CA VAL L 15 27.21 1.93 14.00
C VAL L 15 26.78 3.36 13.62
N ILE L 16 26.17 4.10 14.54
CA ILE L 16 25.76 5.47 14.26
C ILE L 16 26.97 6.40 14.09
N ASN L 17 28.16 5.91 14.44
CA ASN L 17 29.38 6.70 14.33
C ASN L 17 30.36 6.15 13.30
N ILE L 18 29.93 5.15 12.52
CA ILE L 18 30.83 4.55 11.53
C ILE L 18 31.38 5.55 10.52
N ASN L 19 30.65 6.65 10.30
CA ASN L 19 31.07 7.68 9.35
C ASN L 19 32.46 8.24 9.69
N HIS L 20 32.75 8.32 10.99
CA HIS L 20 34.06 8.84 11.43
C HIS L 20 35.25 7.97 11.06
N TYR L 21 35.03 6.68 10.92
CA TYR L 21 36.10 5.76 10.55
C TYR L 21 36.41 5.91 9.07
N ILE L 22 35.36 5.93 8.29
CA ILE L 22 35.45 6.04 6.84
C ILE L 22 36.40 7.13 6.37
N VAL L 23 36.17 8.35 6.81
CA VAL L 23 37.00 9.47 6.41
C VAL L 23 38.46 9.23 6.81
N GLU L 24 38.65 8.80 8.05
CA GLU L 24 39.99 8.53 8.53
C GLU L 24 40.64 7.38 7.76
N LEU L 25 39.92 6.28 7.59
CA LEU L 25 40.45 5.12 6.88
C LEU L 25 40.73 5.41 5.40
N LYS L 26 39.95 6.29 4.81
CA LYS L 26 40.13 6.62 3.42
C LYS L 26 41.50 7.22 3.09
N GLN L 27 42.25 7.60 4.12
CA GLN L 27 43.57 8.18 3.90
C GLN L 27 44.69 7.15 3.81
N HIS L 28 44.39 5.91 4.21
CA HIS L 28 45.37 4.85 4.16
C HIS L 28 45.06 3.78 3.13
N PHE L 29 43.78 3.64 2.79
CA PHE L 29 43.38 2.63 1.81
C PHE L 29 42.84 3.24 0.51
N ASP L 30 43.18 2.62 -0.61
CA ASP L 30 42.77 3.09 -1.94
C ASP L 30 41.29 3.41 -2.03
N GLU L 31 40.47 2.52 -1.50
CA GLU L 31 39.03 2.69 -1.49
C GLU L 31 38.57 2.11 -0.17
N VAL L 32 37.54 2.70 0.40
CA VAL L 32 36.98 2.18 1.63
C VAL L 32 35.49 2.08 1.33
N ASN L 33 35.04 0.85 1.17
CA ASN L 33 33.65 0.59 0.84
C ASN L 33 32.89 0.00 2.03
N ILE L 34 31.57 -0.09 1.91
CA ILE L 34 30.79 -0.56 3.02
C ILE L 34 29.49 -1.26 2.65
N LEU L 35 29.01 -2.10 3.56
CA LEU L 35 27.78 -2.84 3.36
C LEU L 35 27.33 -3.17 4.76
N PHE L 36 26.04 -2.97 5.05
CA PHE L 36 25.49 -3.19 6.38
C PHE L 36 24.64 -4.45 6.46
N SER L 37 24.27 -4.81 7.69
CA SER L 37 23.41 -5.94 7.92
C SER L 37 22.00 -5.35 7.98
N PRO L 38 20.99 -6.16 7.63
CA PRO L 38 19.61 -5.66 7.66
C PRO L 38 19.25 -4.88 8.92
N SER L 39 19.56 -5.45 10.08
CA SER L 39 19.23 -4.82 11.35
C SER L 39 19.89 -3.47 11.54
N SER L 40 20.98 -3.23 10.85
CA SER L 40 21.69 -1.96 10.96
C SER L 40 20.80 -0.79 10.56
N LYS L 41 19.97 -1.01 9.54
CA LYS L 41 19.07 0.04 9.05
C LYS L 41 18.22 0.66 10.14
N ASN L 42 17.98 -0.07 11.22
CA ASN L 42 17.20 0.47 12.32
C ASN L 42 17.95 1.53 13.11
N PHE L 43 19.24 1.67 12.88
CA PHE L 43 20.02 2.65 13.63
C PHE L 43 20.39 3.88 12.83
N ILE L 44 20.61 3.70 11.55
CA ILE L 44 21.00 4.84 10.77
C ILE L 44 20.44 4.80 9.37
N ASN L 45 20.52 5.92 8.67
CA ASN L 45 20.09 6.00 7.29
C ASN L 45 21.38 5.66 6.57
N THR L 46 21.49 4.46 6.05
CA THR L 46 22.70 4.00 5.37
C THR L 46 23.02 4.79 4.11
N ASP L 47 22.03 5.48 3.56
CA ASP L 47 22.26 6.21 2.34
C ASP L 47 23.31 7.31 2.48
N VAL L 48 23.36 7.97 3.63
CA VAL L 48 24.33 9.05 3.83
C VAL L 48 25.77 8.59 3.63
N LEU L 49 26.07 7.35 4.04
CA LEU L 49 27.41 6.81 3.90
C LEU L 49 27.96 6.96 2.48
N LYS L 50 27.07 7.02 1.49
CA LYS L 50 27.50 7.20 0.10
C LYS L 50 28.27 8.50 -0.06
N LEU L 51 28.08 9.43 0.88
CA LEU L 51 28.78 10.72 0.84
C LEU L 51 30.23 10.59 1.30
N PHE L 52 30.55 9.50 1.98
CA PHE L 52 31.90 9.31 2.48
C PHE L 52 32.68 8.17 1.85
N CYS L 53 32.01 7.03 1.60
CA CYS L 53 32.64 5.86 1.00
C CYS L 53 32.69 5.89 -0.54
N ASP L 54 33.52 5.03 -1.11
CA ASP L 54 33.68 4.93 -2.55
C ASP L 54 32.50 4.17 -3.16
N ASN L 55 32.02 3.17 -2.44
CA ASN L 55 30.88 2.38 -2.89
C ASN L 55 30.15 1.80 -1.68
N LEU L 56 28.83 1.80 -1.74
CA LEU L 56 28.00 1.21 -0.69
C LEU L 56 27.28 0.04 -1.37
N TYR L 57 27.31 -1.14 -0.75
CA TYR L 57 26.63 -2.31 -1.30
C TYR L 57 25.31 -2.49 -0.55
N ASP L 58 24.21 -2.38 -1.28
CA ASP L 58 22.87 -2.48 -0.71
C ASP L 58 22.13 -3.71 -1.23
N GLU L 59 21.88 -4.69 -0.35
CA GLU L 59 21.20 -5.91 -0.77
C GLU L 59 19.69 -5.73 -0.97
N ILE L 60 19.12 -4.68 -0.40
CA ILE L 60 17.69 -4.44 -0.59
C ILE L 60 17.53 -3.73 -1.93
N LYS L 61 18.46 -2.84 -2.23
CA LYS L 61 18.44 -2.10 -3.48
C LYS L 61 18.69 -3.08 -4.61
N ASP L 62 19.61 -4.01 -4.36
CA ASP L 62 19.98 -5.00 -5.36
C ASP L 62 20.22 -6.36 -4.71
N PRO L 63 19.18 -7.20 -4.64
CA PRO L 63 19.18 -8.56 -4.05
C PRO L 63 20.03 -9.61 -4.74
N LEU L 64 20.66 -9.26 -5.86
CA LEU L 64 21.49 -10.21 -6.58
C LEU L 64 22.95 -9.77 -6.69
N LEU L 65 23.45 -9.16 -5.62
CA LEU L 65 24.83 -8.69 -5.59
C LEU L 65 25.78 -9.89 -5.65
N ASN L 66 26.94 -9.74 -6.30
CA ASN L 66 27.90 -10.83 -6.42
C ASN L 66 28.95 -10.80 -5.32
N HIS L 67 28.69 -11.54 -4.24
CA HIS L 67 29.62 -11.57 -3.12
C HIS L 67 31.02 -12.08 -3.45
N ILE L 68 31.14 -13.02 -4.39
CA ILE L 68 32.47 -13.50 -4.78
C ILE L 68 33.27 -12.31 -5.30
N ASN L 69 32.68 -11.56 -6.23
CA ASN L 69 33.34 -10.39 -6.78
C ASN L 69 33.65 -9.38 -5.67
N ILE L 70 32.77 -9.25 -4.69
CA ILE L 70 33.01 -8.29 -3.60
C ILE L 70 34.25 -8.70 -2.77
N VAL L 71 34.31 -9.95 -2.34
CA VAL L 71 35.45 -10.43 -1.57
C VAL L 71 36.72 -10.30 -2.42
N GLU L 72 36.57 -10.64 -3.69
CA GLU L 72 37.65 -10.59 -4.66
C GLU L 72 38.18 -9.17 -4.87
N ASN L 73 37.30 -8.18 -4.73
CA ASN L 73 37.63 -6.77 -4.93
C ASN L 73 38.35 -6.06 -3.78
N HIS L 74 38.41 -6.70 -2.61
CA HIS L 74 39.04 -6.08 -1.46
C HIS L 74 40.18 -6.90 -0.86
N GLU L 75 41.14 -6.21 -0.28
CA GLU L 75 42.27 -6.86 0.36
C GLU L 75 42.04 -6.97 1.87
N TYR L 76 41.09 -6.21 2.39
CA TYR L 76 40.78 -6.21 3.81
C TYR L 76 39.27 -6.09 4.07
N ILE L 77 38.73 -7.05 4.81
CA ILE L 77 37.31 -7.01 5.15
C ILE L 77 37.22 -6.86 6.67
N LEU L 78 36.64 -5.74 7.11
CA LEU L 78 36.50 -5.45 8.52
C LEU L 78 35.06 -5.54 8.97
N VAL L 79 34.77 -6.25 10.05
CA VAL L 79 33.39 -6.18 10.49
C VAL L 79 33.49 -5.23 11.68
N LEU L 80 32.97 -4.02 11.47
CA LEU L 80 33.06 -2.94 12.43
C LEU L 80 31.84 -2.00 12.41
N PRO L 81 31.07 -1.92 13.52
CA PRO L 81 31.23 -2.64 14.79
C PRO L 81 30.76 -4.07 14.56
N ALA L 82 31.37 -5.02 15.27
CA ALA L 82 30.98 -6.41 15.13
C ALA L 82 30.12 -6.80 16.32
N SER L 83 28.89 -7.20 16.04
CA SER L 83 27.94 -7.60 17.07
C SER L 83 28.12 -9.07 17.45
N ALA L 84 27.61 -9.44 18.62
CA ALA L 84 27.70 -10.81 19.12
C ALA L 84 27.13 -11.74 18.08
N ASN L 85 25.86 -11.50 17.76
CA ASN L 85 25.11 -12.28 16.78
C ASN L 85 25.90 -12.57 15.51
N THR L 86 26.54 -11.57 14.92
CA THR L 86 27.29 -11.80 13.69
C THR L 86 28.54 -12.62 13.95
N ILE L 87 29.27 -12.28 15.01
CA ILE L 87 30.48 -13.02 15.36
C ILE L 87 30.15 -14.53 15.42
N ASN L 88 29.08 -14.86 16.11
CA ASN L 88 28.66 -16.26 16.25
C ASN L 88 28.15 -16.89 14.95
N LYS L 89 27.50 -16.09 14.10
CA LYS L 89 27.02 -16.61 12.82
C LYS L 89 28.23 -17.02 11.97
N ILE L 90 29.24 -16.17 11.92
CA ILE L 90 30.43 -16.42 11.15
C ILE L 90 31.18 -17.66 11.69
N ALA L 91 31.25 -17.78 13.02
CA ALA L 91 31.91 -18.91 13.66
C ALA L 91 31.21 -20.23 13.33
N ASN L 92 29.91 -20.18 13.07
CA ASN L 92 29.17 -21.38 12.75
C ASN L 92 28.89 -21.52 11.26
N GLY L 93 29.44 -20.63 10.45
CA GLY L 93 29.24 -20.69 9.01
C GLY L 93 27.89 -20.18 8.55
N ILE L 94 27.07 -19.69 9.47
CA ILE L 94 25.76 -19.17 9.10
C ILE L 94 25.97 -17.97 8.18
N CYS L 95 25.35 -17.99 7.01
CA CYS L 95 25.47 -16.88 6.08
C CYS L 95 24.12 -16.56 5.44
N ASP L 96 23.20 -16.07 6.27
CA ASP L 96 21.84 -15.74 5.84
C ASP L 96 21.49 -14.32 5.37
N ASN L 97 22.52 -13.48 5.17
CA ASN L 97 22.33 -12.14 4.63
C ASN L 97 23.63 -11.83 3.91
N LEU L 98 23.64 -10.79 3.08
CA LEU L 98 24.84 -10.46 2.30
C LEU L 98 26.14 -10.33 3.09
N LEU L 99 26.11 -9.53 4.15
CA LEU L 99 27.29 -9.32 4.99
C LEU L 99 27.88 -10.63 5.44
N THR L 100 27.02 -11.44 6.02
CA THR L 100 27.44 -12.69 6.55
C THR L 100 27.92 -13.68 5.47
N THR L 101 27.38 -13.58 4.26
CA THR L 101 27.80 -14.43 3.14
C THR L 101 29.19 -13.96 2.67
N VAL L 102 29.44 -12.65 2.80
CA VAL L 102 30.72 -12.09 2.40
C VAL L 102 31.79 -12.48 3.41
N CYS L 103 31.42 -12.54 4.68
CA CYS L 103 32.37 -12.92 5.70
C CYS L 103 32.76 -14.39 5.60
N LEU L 104 31.84 -15.26 5.19
CA LEU L 104 32.15 -16.68 5.05
C LEU L 104 33.14 -16.86 3.92
N THR L 105 32.86 -16.19 2.81
CA THR L 105 33.70 -16.25 1.62
C THR L 105 35.12 -15.67 1.81
N GLY L 106 35.23 -14.53 2.49
CA GLY L 106 36.54 -13.93 2.68
C GLY L 106 37.13 -14.04 4.08
N TYR L 107 36.88 -15.17 4.73
CA TYR L 107 37.38 -15.40 6.08
C TYR L 107 38.88 -15.22 6.17
N GLN L 108 39.56 -15.39 5.04
CA GLN L 108 41.02 -15.26 4.95
C GLN L 108 41.49 -13.81 5.03
N LYS L 109 40.56 -12.86 4.89
CA LYS L 109 40.89 -11.44 4.94
C LYS L 109 40.03 -10.69 5.95
N LEU L 110 39.48 -11.44 6.91
CA LEU L 110 38.60 -10.89 7.92
C LEU L 110 39.20 -10.35 9.20
N PHE L 111 38.82 -9.13 9.58
CA PHE L 111 39.27 -8.54 10.83
C PHE L 111 37.99 -8.13 11.56
N ILE L 112 37.80 -8.69 12.74
CA ILE L 112 36.61 -8.45 13.55
C ILE L 112 36.83 -7.58 14.81
N PHE L 113 36.08 -6.48 14.91
CA PHE L 113 36.17 -5.59 16.07
C PHE L 113 34.91 -5.66 16.92
N PRO L 114 34.85 -6.60 17.85
CA PRO L 114 33.67 -6.77 18.71
C PRO L 114 33.19 -5.51 19.43
N ASN L 115 31.87 -5.30 19.42
CA ASN L 115 31.31 -4.19 20.17
C ASN L 115 29.96 -4.58 20.78
N MET L 116 29.89 -4.50 22.09
CA MET L 116 28.67 -4.88 22.81
C MET L 116 28.80 -4.55 24.29
N ASN L 117 27.69 -4.67 25.00
CA ASN L 117 27.72 -4.43 26.41
C ASN L 117 28.56 -5.52 27.08
N ILE L 118 29.36 -5.10 28.06
CA ILE L 118 30.23 -6.00 28.80
C ILE L 118 29.58 -7.30 29.28
N ARG L 119 28.31 -7.27 29.65
CA ARG L 119 27.66 -8.51 30.10
C ARG L 119 27.53 -9.53 28.98
N MET L 120 27.15 -9.10 27.78
CA MET L 120 27.03 -10.01 26.65
C MET L 120 28.42 -10.59 26.36
N TRP L 121 29.44 -9.73 26.45
CA TRP L 121 30.82 -10.13 26.19
C TRP L 121 31.23 -11.35 27.01
N GLY L 122 30.61 -11.52 28.17
CA GLY L 122 30.92 -12.65 29.03
C GLY L 122 30.25 -13.98 28.65
N ASN L 123 29.43 -13.97 27.61
CA ASN L 123 28.75 -15.19 27.19
C ASN L 123 29.73 -16.29 26.79
N PRO L 124 29.56 -17.49 27.35
CA PRO L 124 30.41 -18.66 27.08
C PRO L 124 30.44 -19.10 25.64
N PHE L 125 29.25 -19.16 25.03
CA PHE L 125 29.10 -19.58 23.65
C PHE L 125 29.80 -18.59 22.75
N LEU L 126 29.58 -17.30 22.99
CA LEU L 126 30.24 -16.27 22.22
C LEU L 126 31.76 -16.41 22.33
N GLN L 127 32.28 -16.51 23.55
CA GLN L 127 33.73 -16.61 23.74
C GLN L 127 34.37 -17.86 23.13
N LYS L 128 33.66 -18.99 23.17
CA LYS L 128 34.15 -20.21 22.57
C LYS L 128 34.19 -20.05 21.05
N ASN L 129 33.20 -19.33 20.49
CA ASN L 129 33.13 -19.10 19.04
C ASN L 129 34.31 -18.23 18.60
N ILE L 130 34.66 -17.26 19.45
CA ILE L 130 35.80 -16.39 19.17
C ILE L 130 37.08 -17.22 19.17
N ASP L 131 37.18 -18.17 20.10
CA ASP L 131 38.37 -19.05 20.15
C ASP L 131 38.42 -19.82 18.83
N LEU L 132 37.27 -20.33 18.42
CA LEU L 132 37.19 -21.09 17.17
C LEU L 132 37.64 -20.24 15.99
N LEU L 133 37.16 -18.99 15.95
CA LEU L 133 37.51 -18.08 14.86
C LEU L 133 39.01 -17.82 14.80
N LYS L 134 39.60 -17.48 15.95
CA LYS L 134 41.03 -17.18 16.04
C LYS L 134 41.92 -18.36 15.66
N ASN L 135 41.43 -19.58 15.86
CA ASN L 135 42.17 -20.78 15.50
C ASN L 135 42.00 -21.09 14.02
N ASN L 136 41.29 -20.24 13.29
CA ASN L 136 41.08 -20.49 11.88
C ASN L 136 41.49 -19.34 10.99
N ASP L 137 42.51 -18.62 11.43
CA ASP L 137 43.05 -17.50 10.66
C ASP L 137 42.13 -16.29 10.53
N VAL L 138 41.13 -16.18 11.42
CA VAL L 138 40.24 -15.03 11.40
C VAL L 138 40.72 -14.16 12.56
N LYS L 139 41.11 -12.92 12.27
CA LYS L 139 41.58 -12.04 13.33
C LYS L 139 40.41 -11.37 14.06
N VAL L 140 40.40 -11.51 15.39
CA VAL L 140 39.39 -10.89 16.23
C VAL L 140 40.12 -10.03 17.25
N TYR L 141 39.78 -8.75 17.28
CA TYR L 141 40.39 -7.79 18.19
C TYR L 141 39.88 -8.01 19.62
N SER L 142 40.73 -7.74 20.60
CA SER L 142 40.26 -7.88 21.97
C SER L 142 39.84 -6.48 22.32
N PRO L 143 38.53 -6.27 22.56
CA PRO L 143 37.93 -4.98 22.91
C PRO L 143 38.65 -4.21 24.00
N ASP L 144 38.80 -2.92 23.78
CA ASP L 144 39.43 -2.04 24.75
C ASP L 144 38.38 -1.89 25.86
N MET L 145 38.84 -1.61 27.08
CA MET L 145 37.94 -1.43 28.21
C MET L 145 38.36 -0.26 29.08
N ASN L 146 37.42 0.59 29.45
CA ASN L 146 37.72 1.77 30.26
C ASN L 146 36.73 1.93 31.42
N LYS L 147 36.76 3.13 32.00
CA LYS L 147 35.87 3.49 33.11
C LYS L 147 36.02 2.59 34.33
N ASN L 158 32.91 -0.45 34.39
CA ASN L 158 33.76 -1.15 33.38
C ASN L 158 32.97 -1.61 32.15
N ASN L 159 33.36 -1.16 30.96
CA ASN L 159 32.66 -1.55 29.74
C ASN L 159 33.53 -1.44 28.49
N ILE L 160 33.21 -2.21 27.44
CA ILE L 160 34.00 -2.15 26.24
C ILE L 160 33.71 -0.85 25.49
N THR L 161 34.69 -0.37 24.72
CA THR L 161 34.57 0.86 23.96
C THR L 161 35.09 0.65 22.54
N MET L 162 34.66 1.50 21.61
CA MET L 162 35.10 1.38 20.22
C MET L 162 36.60 1.60 20.06
N PRO L 163 37.22 0.93 19.08
CA PRO L 163 38.65 1.04 18.79
C PRO L 163 38.97 2.37 18.17
N ASN L 164 40.12 2.94 18.50
CA ASN L 164 40.48 4.20 17.88
C ASN L 164 41.14 3.84 16.55
N ILE L 165 41.41 4.83 15.72
CA ILE L 165 42.00 4.57 14.42
C ILE L 165 43.38 3.94 14.49
N GLU L 166 44.24 4.51 15.32
CA GLU L 166 45.59 3.99 15.47
C GLU L 166 45.53 2.49 15.74
N ASN L 167 44.54 2.06 16.52
CA ASN L 167 44.41 0.66 16.84
C ASN L 167 43.80 -0.22 15.75
N VAL L 168 42.82 0.29 14.99
CA VAL L 168 42.27 -0.55 13.94
C VAL L 168 43.29 -0.60 12.83
N LEU L 169 44.05 0.47 12.72
CA LEU L 169 45.07 0.59 11.70
C LEU L 169 46.20 -0.39 11.99
N ASN L 170 46.56 -0.49 13.26
CA ASN L 170 47.62 -1.38 13.71
C ASN L 170 47.26 -2.85 13.56
N PHE L 171 46.12 -3.20 14.13
CA PHE L 171 45.63 -4.56 14.12
C PHE L 171 45.45 -5.07 12.70
N VAL L 172 45.01 -4.18 11.82
CA VAL L 172 44.78 -4.54 10.43
C VAL L 172 46.04 -4.57 9.58
N LEU L 173 46.91 -3.60 9.80
CA LEU L 173 48.13 -3.46 9.03
C LEU L 173 49.40 -4.08 9.62
N ASN L 174 49.26 -5.03 10.54
CA ASN L 174 50.47 -5.64 11.12
C ASN L 174 50.77 -7.03 10.57
#